data_7E42
#
_entry.id   7E42
#
_entity_poly.entity_id   1
_entity_poly.type   'polypeptide(L)'
_entity_poly.pdbx_seq_one_letter_code
;MSDIEQRVKQAVAEQLGLKAEEIKNEASFMDDLGADSLDLVELVMSFENDFDITIPDEDSNEITTVQSAIDYVTKKLG
;
_entity_poly.pdbx_strand_id   A
#
# COMPACT_ATOMS: atom_id res chain seq x y z
N ASP A 3 8.06 5.42 12.37
CA ASP A 3 8.17 4.08 11.75
C ASP A 3 7.11 3.88 10.69
N ILE A 4 7.10 4.77 9.68
CA ILE A 4 6.13 4.67 8.61
C ILE A 4 6.52 3.51 7.73
N GLU A 5 7.85 3.33 7.53
CA GLU A 5 8.34 2.27 6.67
C GLU A 5 7.94 0.91 7.21
N GLN A 6 8.00 0.72 8.55
CA GLN A 6 7.66 -0.57 9.11
C GLN A 6 6.17 -0.80 9.01
N ARG A 7 5.32 0.24 9.20
CA ARG A 7 3.89 0.02 9.10
C ARG A 7 3.48 -0.29 7.69
N VAL A 8 4.07 0.41 6.69
CA VAL A 8 3.68 0.20 5.32
C VAL A 8 4.11 -1.17 4.85
N LYS A 9 5.39 -1.53 5.09
CA LYS A 9 5.91 -2.80 4.62
C LYS A 9 5.30 -3.94 5.40
N GLN A 10 5.01 -3.75 6.71
CA GLN A 10 4.47 -4.82 7.51
C GLN A 10 3.06 -5.12 7.07
N ALA A 11 2.27 -4.09 6.73
CA ALA A 11 0.90 -4.29 6.33
C ALA A 11 0.80 -5.09 5.04
N VAL A 12 1.69 -4.81 4.04
CA VAL A 12 1.59 -5.54 2.79
C VAL A 12 2.12 -6.94 2.98
N ALA A 13 3.27 -7.10 3.67
CA ALA A 13 3.86 -8.41 3.87
C ALA A 13 2.95 -9.27 4.72
N GLU A 14 2.33 -8.70 5.76
CA GLU A 14 1.48 -9.49 6.63
C GLU A 14 0.20 -9.86 5.93
N GLN A 15 -0.39 -8.93 5.14
CA GLN A 15 -1.65 -9.21 4.50
C GLN A 15 -1.53 -10.31 3.47
N LEU A 16 -0.45 -10.32 2.66
CA LEU A 16 -0.36 -11.30 1.60
C LEU A 16 0.58 -12.43 1.93
N GLY A 17 1.28 -12.40 3.09
CA GLY A 17 2.17 -13.49 3.42
C GLY A 17 3.50 -13.30 2.73
N LEU A 18 3.87 -12.04 2.41
CA LEU A 18 5.12 -11.77 1.76
C LEU A 18 6.08 -11.26 2.81
N LYS A 19 7.29 -10.84 2.38
CA LYS A 19 8.26 -10.35 3.32
C LYS A 19 8.51 -8.88 3.05
N ALA A 20 8.69 -8.10 4.14
CA ALA A 20 8.95 -6.67 4.08
C ALA A 20 10.23 -6.43 3.32
N GLU A 21 11.25 -7.30 3.50
CA GLU A 21 12.52 -7.09 2.83
C GLU A 21 12.42 -7.50 1.39
N GLU A 22 11.34 -8.21 0.99
CA GLU A 22 11.21 -8.61 -0.39
C GLU A 22 10.41 -7.55 -1.11
N ILE A 23 9.76 -6.64 -0.34
CA ILE A 23 8.97 -5.59 -0.94
C ILE A 23 9.89 -4.48 -1.39
N LYS A 24 9.79 -4.13 -2.70
CA LYS A 24 10.61 -3.08 -3.28
C LYS A 24 9.78 -1.85 -3.48
N ASN A 25 10.46 -0.68 -3.62
CA ASN A 25 9.77 0.57 -3.86
C ASN A 25 9.24 0.57 -5.27
N GLU A 26 9.96 -0.10 -6.21
CA GLU A 26 9.54 -0.11 -7.60
C GLU A 26 8.82 -1.40 -7.90
N ALA A 27 8.29 -2.09 -6.87
CA ALA A 27 7.64 -3.35 -7.12
C ALA A 27 6.18 -3.10 -7.37
N SER A 28 5.70 -3.52 -8.57
CA SER A 28 4.32 -3.37 -8.90
C SER A 28 3.52 -4.34 -8.08
N PHE A 29 2.32 -3.91 -7.67
CA PHE A 29 1.47 -4.74 -6.84
C PHE A 29 0.84 -5.82 -7.68
N MET A 30 0.10 -5.43 -8.76
CA MET A 30 -0.58 -6.39 -9.60
C MET A 30 0.39 -7.18 -10.46
N ASP A 31 1.44 -6.52 -10.98
CA ASP A 31 2.36 -7.21 -11.87
C ASP A 31 3.19 -8.25 -11.12
N ASP A 32 3.65 -7.96 -9.89
CA ASP A 32 4.49 -8.91 -9.22
C ASP A 32 3.73 -9.77 -8.24
N LEU A 33 2.95 -9.16 -7.33
CA LEU A 33 2.24 -9.94 -6.34
C LEU A 33 0.93 -10.44 -6.91
N GLY A 34 0.42 -9.80 -7.97
CA GLY A 34 -0.83 -10.25 -8.55
C GLY A 34 -1.95 -9.92 -7.61
N ALA A 35 -1.93 -8.72 -6.97
CA ALA A 35 -2.98 -8.38 -6.06
C ALA A 35 -4.13 -7.84 -6.87
N ASP A 36 -5.35 -8.29 -6.52
CA ASP A 36 -6.51 -7.82 -7.22
C ASP A 36 -7.03 -6.63 -6.46
N SER A 37 -8.27 -6.19 -6.77
CA SER A 37 -8.84 -5.06 -6.09
C SER A 37 -9.27 -5.48 -4.71
N LEU A 38 -9.33 -6.81 -4.44
CA LEU A 38 -9.75 -7.27 -3.15
C LEU A 38 -8.67 -6.95 -2.14
N ASP A 39 -7.38 -7.17 -2.51
CA ASP A 39 -6.30 -6.92 -1.59
C ASP A 39 -5.85 -5.48 -1.70
N LEU A 40 -6.18 -4.79 -2.80
CA LEU A 40 -5.76 -3.41 -2.95
C LEU A 40 -6.78 -2.51 -2.29
N VAL A 41 -8.09 -2.82 -2.43
CA VAL A 41 -9.12 -2.00 -1.82
C VAL A 41 -9.11 -2.22 -0.33
N GLU A 42 -8.94 -3.49 0.10
CA GLU A 42 -8.89 -3.80 1.52
C GLU A 42 -7.64 -3.25 2.14
N LEU A 43 -6.51 -3.28 1.40
CA LEU A 43 -5.26 -2.78 1.93
C LEU A 43 -5.37 -1.29 2.14
N VAL A 44 -6.02 -0.57 1.20
CA VAL A 44 -6.15 0.85 1.36
C VAL A 44 -7.26 1.10 2.37
N MET A 45 -8.13 0.09 2.58
CA MET A 45 -9.20 0.23 3.55
C MET A 45 -8.55 0.23 4.91
N SER A 46 -7.52 -0.65 5.09
CA SER A 46 -6.83 -0.74 6.35
C SER A 46 -5.91 0.43 6.50
N PHE A 47 -5.49 1.04 5.36
CA PHE A 47 -4.61 2.18 5.39
C PHE A 47 -5.38 3.35 5.93
N GLU A 48 -6.69 3.44 5.61
CA GLU A 48 -7.51 4.53 6.09
C GLU A 48 -7.74 4.40 7.57
N ASN A 49 -7.94 3.16 8.06
CA ASN A 49 -8.21 2.96 9.47
C ASN A 49 -6.96 3.19 10.30
N ASP A 50 -5.76 2.80 9.79
CA ASP A 50 -4.56 2.93 10.58
C ASP A 50 -3.95 4.31 10.49
N PHE A 51 -3.96 4.95 9.30
CA PHE A 51 -3.34 6.26 9.19
C PHE A 51 -4.35 7.35 9.40
N ASP A 52 -5.65 7.01 9.30
CA ASP A 52 -6.71 7.98 9.51
C ASP A 52 -6.79 8.95 8.36
N ILE A 53 -6.52 8.51 7.12
CA ILE A 53 -6.64 9.43 6.01
C ILE A 53 -7.59 8.82 5.02
N THR A 54 -7.99 9.62 4.01
CA THR A 54 -8.93 9.13 3.03
C THR A 54 -8.25 9.05 1.70
N ILE A 55 -8.63 8.04 0.90
CA ILE A 55 -8.04 7.88 -0.40
C ILE A 55 -9.13 7.66 -1.40
N PRO A 56 -9.34 8.66 -2.22
CA PRO A 56 -10.33 8.62 -3.28
C PRO A 56 -9.86 7.80 -4.45
N ASP A 57 -10.80 7.36 -5.33
CA ASP A 57 -10.44 6.57 -6.48
C ASP A 57 -9.71 7.42 -7.48
N GLU A 58 -9.73 8.76 -7.33
CA GLU A 58 -9.04 9.62 -8.26
C GLU A 58 -7.56 9.32 -8.21
N ASP A 59 -7.01 9.08 -7.00
CA ASP A 59 -5.60 8.77 -6.89
C ASP A 59 -5.46 7.31 -6.56
N SER A 60 -6.59 6.62 -6.33
CA SER A 60 -6.58 5.20 -6.03
C SER A 60 -6.15 4.46 -7.25
N ASN A 61 -6.60 4.94 -8.43
CA ASN A 61 -6.28 4.28 -9.67
C ASN A 61 -4.83 4.58 -10.04
N GLU A 62 -4.08 5.33 -9.20
CA GLU A 62 -2.71 5.65 -9.53
C GLU A 62 -1.77 4.77 -8.76
N ILE A 63 -2.27 4.08 -7.69
CA ILE A 63 -1.41 3.24 -6.91
C ILE A 63 -1.14 2.02 -7.72
N THR A 64 0.14 1.83 -8.07
CA THR A 64 0.50 0.69 -8.86
C THR A 64 1.69 0.00 -8.24
N THR A 65 2.53 0.75 -7.51
CA THR A 65 3.70 0.17 -6.91
C THR A 65 3.68 0.47 -5.44
N VAL A 66 4.63 -0.14 -4.70
CA VAL A 66 4.70 0.07 -3.28
C VAL A 66 4.97 1.52 -3.04
N GLN A 67 5.84 2.13 -3.88
CA GLN A 67 6.16 3.53 -3.73
C GLN A 67 4.93 4.39 -3.91
N SER A 68 3.91 3.93 -4.70
CA SER A 68 2.72 4.75 -4.86
C SER A 68 2.03 4.82 -3.53
N ALA A 69 1.98 3.67 -2.81
CA ALA A 69 1.34 3.62 -1.51
C ALA A 69 2.07 4.48 -0.49
N ILE A 70 3.43 4.41 -0.44
CA ILE A 70 4.19 5.15 0.56
C ILE A 70 4.27 6.61 0.22
N ASP A 71 4.54 6.96 -1.06
CA ASP A 71 4.69 8.35 -1.43
C ASP A 71 3.40 9.12 -1.19
N TYR A 72 2.26 8.53 -1.61
CA TYR A 72 0.99 9.21 -1.48
C TYR A 72 0.55 9.29 -0.04
N VAL A 73 0.81 8.25 0.80
CA VAL A 73 0.34 8.32 2.18
C VAL A 73 1.29 9.09 3.04
N THR A 74 2.57 9.20 2.64
CA THR A 74 3.52 9.91 3.45
C THR A 74 3.25 11.38 3.34
N LYS A 75 2.76 11.86 2.17
CA LYS A 75 2.46 13.25 2.04
C LYS A 75 1.04 13.50 2.50
N LYS A 76 0.21 12.41 2.55
CA LYS A 76 -1.17 12.58 2.96
C LYS A 76 -1.29 12.50 4.47
N LEU A 77 -0.21 12.09 5.18
CA LEU A 77 -0.28 11.99 6.62
C LEU A 77 -0.44 13.38 7.17
N GLY A 78 0.32 14.36 6.62
CA GLY A 78 0.21 15.71 7.10
C GLY A 78 1.54 16.40 6.81
N ASP A 3 7.60 5.67 12.48
CA ASP A 3 7.96 4.44 11.71
C ASP A 3 6.95 4.15 10.64
N ILE A 4 6.93 4.98 9.57
CA ILE A 4 6.00 4.78 8.49
C ILE A 4 6.54 3.69 7.58
N GLU A 5 7.87 3.52 7.57
CA GLU A 5 8.48 2.53 6.70
C GLU A 5 8.09 1.12 7.10
N GLN A 6 8.02 0.82 8.42
CA GLN A 6 7.71 -0.52 8.83
C GLN A 6 6.21 -0.73 8.89
N ARG A 7 5.39 0.34 9.02
CA ARG A 7 3.96 0.13 9.07
C ARG A 7 3.46 -0.25 7.70
N VAL A 8 3.98 0.42 6.65
CA VAL A 8 3.52 0.16 5.31
C VAL A 8 4.01 -1.20 4.84
N LYS A 9 5.31 -1.50 5.06
CA LYS A 9 5.84 -2.77 4.60
C LYS A 9 5.25 -3.91 5.40
N GLN A 10 4.97 -3.70 6.71
CA GLN A 10 4.44 -4.77 7.53
C GLN A 10 3.03 -5.08 7.10
N ALA A 11 2.23 -4.05 6.75
CA ALA A 11 0.85 -4.26 6.37
C ALA A 11 0.73 -5.07 5.10
N VAL A 12 1.59 -4.82 4.07
CA VAL A 12 1.45 -5.56 2.83
C VAL A 12 1.98 -6.96 3.04
N ALA A 13 3.13 -7.11 3.75
CA ALA A 13 3.71 -8.41 3.98
C ALA A 13 2.80 -9.25 4.84
N GLU A 14 2.17 -8.65 5.86
CA GLU A 14 1.30 -9.41 6.74
C GLU A 14 0.02 -9.77 6.05
N GLN A 15 -0.57 -8.85 5.26
CA GLN A 15 -1.84 -9.13 4.64
C GLN A 15 -1.74 -10.26 3.63
N LEU A 16 -0.64 -10.31 2.83
CA LEU A 16 -0.57 -11.32 1.80
C LEU A 16 0.35 -12.45 2.17
N GLY A 17 1.10 -12.35 3.29
CA GLY A 17 1.99 -13.43 3.67
C GLY A 17 3.31 -13.29 2.94
N LEU A 18 3.68 -12.06 2.54
CA LEU A 18 4.93 -11.85 1.84
C LEU A 18 5.93 -11.31 2.83
N LYS A 19 7.14 -10.94 2.35
CA LYS A 19 8.14 -10.42 3.24
C LYS A 19 8.37 -8.96 2.92
N ALA A 20 8.53 -8.15 4.01
CA ALA A 20 8.75 -6.72 3.91
C ALA A 20 10.02 -6.43 3.15
N GLU A 21 11.09 -7.25 3.38
CA GLU A 21 12.35 -7.02 2.70
C GLU A 21 12.22 -7.33 1.24
N GLU A 22 11.32 -8.27 0.87
CA GLU A 22 11.18 -8.61 -0.53
C GLU A 22 10.39 -7.53 -1.22
N ILE A 23 9.65 -6.69 -0.44
CA ILE A 23 8.86 -5.62 -1.04
C ILE A 23 9.78 -4.52 -1.49
N LYS A 24 9.68 -4.17 -2.81
CA LYS A 24 10.50 -3.13 -3.39
C LYS A 24 9.66 -1.91 -3.61
N ASN A 25 10.33 -0.73 -3.72
CA ASN A 25 9.63 0.51 -3.97
C ASN A 25 9.17 0.52 -5.41
N GLU A 26 9.90 -0.19 -6.30
CA GLU A 26 9.55 -0.20 -7.71
C GLU A 26 8.81 -1.48 -8.04
N ALA A 27 8.21 -2.15 -7.03
CA ALA A 27 7.55 -3.40 -7.30
C ALA A 27 6.10 -3.13 -7.62
N SER A 28 5.68 -3.60 -8.82
CA SER A 28 4.32 -3.45 -9.25
C SER A 28 3.46 -4.33 -8.39
N PHE A 29 2.21 -3.88 -8.18
CA PHE A 29 1.28 -4.59 -7.34
C PHE A 29 0.84 -5.90 -7.98
N MET A 30 0.37 -5.84 -9.26
CA MET A 30 -0.13 -7.04 -9.92
C MET A 30 0.98 -7.83 -10.57
N ASP A 31 2.00 -7.13 -11.11
CA ASP A 31 3.07 -7.82 -11.80
C ASP A 31 3.88 -8.66 -10.84
N ASP A 32 4.11 -8.17 -9.60
CA ASP A 32 4.93 -8.91 -8.69
C ASP A 32 4.11 -9.73 -7.72
N LEU A 33 3.11 -9.14 -7.05
CA LEU A 33 2.36 -9.89 -6.06
C LEU A 33 1.10 -10.45 -6.67
N GLY A 34 0.60 -9.85 -7.77
CA GLY A 34 -0.61 -10.35 -8.37
C GLY A 34 -1.78 -10.04 -7.46
N ALA A 35 -1.81 -8.83 -6.87
CA ALA A 35 -2.90 -8.49 -5.99
C ALA A 35 -4.04 -8.00 -6.84
N ASP A 36 -5.27 -8.42 -6.48
CA ASP A 36 -6.42 -8.01 -7.22
C ASP A 36 -6.98 -6.81 -6.51
N SER A 37 -8.19 -6.39 -6.91
CA SER A 37 -8.80 -5.24 -6.30
C SER A 37 -9.25 -5.58 -4.89
N LEU A 38 -9.31 -6.88 -4.55
CA LEU A 38 -9.73 -7.28 -3.23
C LEU A 38 -8.65 -6.93 -2.23
N ASP A 39 -7.37 -7.16 -2.58
CA ASP A 39 -6.30 -6.88 -1.64
C ASP A 39 -5.85 -5.45 -1.77
N LEU A 40 -6.17 -4.76 -2.88
CA LEU A 40 -5.76 -3.38 -3.02
C LEU A 40 -6.76 -2.47 -2.36
N VAL A 41 -8.08 -2.78 -2.49
CA VAL A 41 -9.10 -1.95 -1.88
C VAL A 41 -9.09 -2.19 -0.38
N GLU A 42 -8.92 -3.46 0.04
CA GLU A 42 -8.89 -3.79 1.45
C GLU A 42 -7.63 -3.26 2.07
N LEU A 43 -6.50 -3.28 1.32
CA LEU A 43 -5.25 -2.79 1.85
C LEU A 43 -5.36 -1.31 2.09
N VAL A 44 -6.01 -0.57 1.16
CA VAL A 44 -6.17 0.85 1.34
C VAL A 44 -7.24 1.08 2.37
N MET A 45 -8.12 0.07 2.58
CA MET A 45 -9.16 0.19 3.57
C MET A 45 -8.49 0.18 4.92
N SER A 46 -7.46 -0.68 5.06
CA SER A 46 -6.73 -0.78 6.30
C SER A 46 -5.82 0.40 6.43
N PHE A 47 -5.45 1.03 5.30
CA PHE A 47 -4.58 2.19 5.33
C PHE A 47 -5.35 3.35 5.90
N GLU A 48 -6.67 3.42 5.61
CA GLU A 48 -7.48 4.51 6.13
C GLU A 48 -7.67 4.35 7.61
N ASN A 49 -7.84 3.10 8.10
CA ASN A 49 -8.06 2.89 9.52
C ASN A 49 -6.78 3.13 10.30
N ASP A 50 -5.61 2.71 9.76
CA ASP A 50 -4.37 2.84 10.50
C ASP A 50 -3.79 4.24 10.43
N PHE A 51 -3.86 4.93 9.26
CA PHE A 51 -3.25 6.24 9.18
C PHE A 51 -4.28 7.31 9.40
N ASP A 52 -5.58 6.94 9.39
CA ASP A 52 -6.63 7.91 9.63
C ASP A 52 -6.75 8.88 8.48
N ILE A 53 -6.51 8.44 7.21
CA ILE A 53 -6.67 9.37 6.13
C ILE A 53 -7.64 8.77 5.16
N THR A 54 -8.09 9.57 4.17
CA THR A 54 -9.07 9.08 3.23
C THR A 54 -8.48 9.14 1.86
N ILE A 55 -8.62 8.03 1.10
CA ILE A 55 -8.07 7.98 -0.23
C ILE A 55 -9.21 7.75 -1.20
N PRO A 56 -9.34 8.66 -2.13
CA PRO A 56 -10.35 8.59 -3.15
C PRO A 56 -9.93 7.69 -4.29
N ASP A 57 -10.86 7.40 -5.23
CA ASP A 57 -10.53 6.56 -6.34
C ASP A 57 -9.75 7.38 -7.35
N GLU A 58 -9.83 8.73 -7.23
CA GLU A 58 -9.13 9.58 -8.15
C GLU A 58 -7.65 9.36 -7.98
N ASP A 59 -7.17 9.22 -6.72
CA ASP A 59 -5.76 9.01 -6.50
C ASP A 59 -5.51 7.55 -6.24
N SER A 60 -6.56 6.71 -6.10
CA SER A 60 -6.33 5.30 -5.85
C SER A 60 -6.08 4.63 -7.18
N ASN A 61 -6.40 5.34 -8.29
CA ASN A 61 -6.19 4.77 -9.58
C ASN A 61 -4.76 5.02 -10.01
N GLU A 62 -3.94 5.66 -9.13
CA GLU A 62 -2.56 5.94 -9.49
C GLU A 62 -1.65 5.05 -8.68
N ILE A 63 -2.22 4.30 -7.70
CA ILE A 63 -1.40 3.45 -6.90
C ILE A 63 -1.13 2.21 -7.70
N THR A 64 0.13 2.02 -8.10
CA THR A 64 0.46 0.86 -8.87
C THR A 64 1.61 0.15 -8.23
N THR A 65 2.58 0.90 -7.67
CA THR A 65 3.71 0.26 -7.06
C THR A 65 3.66 0.51 -5.59
N VAL A 66 4.56 -0.17 -4.84
CA VAL A 66 4.61 0.00 -3.41
C VAL A 66 4.93 1.45 -3.11
N GLN A 67 5.82 2.05 -3.94
CA GLN A 67 6.19 3.43 -3.74
C GLN A 67 4.99 4.34 -3.91
N SER A 68 3.98 3.94 -4.74
CA SER A 68 2.80 4.79 -4.90
C SER A 68 2.10 4.85 -3.58
N ALA A 69 2.01 3.69 -2.87
CA ALA A 69 1.33 3.64 -1.59
C ALA A 69 2.05 4.50 -0.56
N ILE A 70 3.41 4.40 -0.47
CA ILE A 70 4.15 5.14 0.54
C ILE A 70 4.23 6.62 0.21
N ASP A 71 4.50 6.97 -1.07
CA ASP A 71 4.66 8.35 -1.43
C ASP A 71 3.37 9.13 -1.19
N TYR A 72 2.24 8.56 -1.62
CA TYR A 72 0.98 9.25 -1.49
C TYR A 72 0.54 9.34 -0.04
N VAL A 73 0.77 8.29 0.78
CA VAL A 73 0.32 8.36 2.16
C VAL A 73 1.28 9.14 3.01
N THR A 74 2.55 9.25 2.59
CA THR A 74 3.51 9.96 3.38
C THR A 74 3.21 11.44 3.32
N LYS A 75 2.72 11.96 2.17
CA LYS A 75 2.40 13.36 2.10
C LYS A 75 0.98 13.57 2.59
N LYS A 76 0.16 12.48 2.62
CA LYS A 76 -1.22 12.62 3.06
C LYS A 76 -1.32 12.48 4.56
N LEU A 77 -0.23 12.05 5.24
CA LEU A 77 -0.29 11.89 6.69
C LEU A 77 -0.45 13.25 7.31
N GLY A 78 0.29 14.26 6.82
CA GLY A 78 0.18 15.57 7.37
C GLY A 78 1.25 16.44 6.72
N ASP A 3 7.73 5.88 12.37
CA ASP A 3 7.96 4.51 11.81
C ASP A 3 6.94 4.18 10.76
N ILE A 4 6.89 4.99 9.68
CA ILE A 4 5.95 4.75 8.61
C ILE A 4 6.48 3.66 7.73
N GLU A 5 7.83 3.46 7.73
CA GLU A 5 8.44 2.47 6.88
C GLU A 5 8.02 1.07 7.28
N GLN A 6 7.93 0.78 8.61
CA GLN A 6 7.59 -0.56 9.03
C GLN A 6 6.11 -0.77 9.00
N ARG A 7 5.26 0.27 9.14
CA ARG A 7 3.82 0.03 9.12
C ARG A 7 3.39 -0.34 7.73
N VAL A 8 3.94 0.32 6.70
CA VAL A 8 3.54 0.05 5.34
C VAL A 8 4.04 -1.30 4.89
N LYS A 9 5.34 -1.59 5.14
CA LYS A 9 5.90 -2.85 4.68
C LYS A 9 5.34 -4.01 5.48
N GLN A 10 5.02 -3.79 6.78
CA GLN A 10 4.51 -4.88 7.59
C GLN A 10 3.11 -5.25 7.15
N ALA A 11 2.28 -4.24 6.80
CA ALA A 11 0.91 -4.49 6.41
C ALA A 11 0.84 -5.27 5.11
N VAL A 12 1.70 -4.96 4.11
CA VAL A 12 1.61 -5.66 2.84
C VAL A 12 2.15 -7.05 3.01
N ALA A 13 3.31 -7.20 3.70
CA ALA A 13 3.90 -8.50 3.90
C ALA A 13 2.99 -9.39 4.71
N GLU A 14 2.34 -8.83 5.74
CA GLU A 14 1.48 -9.62 6.59
C GLU A 14 0.21 -9.99 5.87
N GLN A 15 -0.38 -9.05 5.10
CA GLN A 15 -1.64 -9.34 4.46
C GLN A 15 -1.51 -10.41 3.40
N LEU A 16 -0.42 -10.41 2.59
CA LEU A 16 -0.33 -11.37 1.51
C LEU A 16 0.63 -12.50 1.83
N GLY A 17 1.34 -12.45 2.97
CA GLY A 17 2.25 -13.54 3.29
C GLY A 17 3.57 -13.33 2.61
N LEU A 18 3.93 -12.06 2.29
CA LEU A 18 5.18 -11.79 1.64
C LEU A 18 6.14 -11.28 2.70
N LYS A 19 7.36 -10.86 2.28
CA LYS A 19 8.31 -10.37 3.23
C LYS A 19 8.58 -8.90 2.97
N ALA A 20 8.73 -8.13 4.08
CA ALA A 20 8.99 -6.70 4.03
C ALA A 20 10.27 -6.43 3.29
N GLU A 21 11.32 -7.27 3.48
CA GLU A 21 12.58 -7.03 2.82
C GLU A 21 12.50 -7.45 1.37
N GLU A 22 11.44 -8.17 0.96
CA GLU A 22 11.33 -8.56 -0.42
C GLU A 22 10.55 -7.50 -1.14
N ILE A 23 9.89 -6.60 -0.37
CA ILE A 23 9.10 -5.53 -0.97
C ILE A 23 10.03 -4.44 -1.44
N LYS A 24 9.91 -4.08 -2.75
CA LYS A 24 10.73 -3.05 -3.33
C LYS A 24 9.89 -1.82 -3.54
N ASN A 25 10.56 -0.64 -3.69
CA ASN A 25 9.86 0.60 -3.93
C ASN A 25 9.33 0.61 -5.35
N GLU A 26 10.01 -0.12 -6.27
CA GLU A 26 9.59 -0.12 -7.66
C GLU A 26 8.84 -1.41 -7.96
N ALA A 27 8.31 -2.09 -6.93
CA ALA A 27 7.64 -3.34 -7.18
C ALA A 27 6.17 -3.09 -7.41
N SER A 28 5.67 -3.55 -8.57
CA SER A 28 4.28 -3.39 -8.92
C SER A 28 3.48 -4.33 -8.06
N PHE A 29 2.31 -3.85 -7.60
CA PHE A 29 1.43 -4.63 -6.76
C PHE A 29 0.75 -5.71 -7.56
N MET A 30 0.19 -5.37 -8.75
CA MET A 30 -0.54 -6.34 -9.54
C MET A 30 0.39 -7.14 -10.42
N ASP A 31 1.42 -6.50 -10.98
CA ASP A 31 2.32 -7.21 -11.88
C ASP A 31 3.18 -8.20 -11.13
N ASP A 32 3.63 -7.85 -9.91
CA ASP A 32 4.52 -8.75 -9.21
C ASP A 32 3.79 -9.62 -8.21
N LEU A 33 2.86 -9.05 -7.41
CA LEU A 33 2.20 -9.86 -6.41
C LEU A 33 0.90 -10.41 -6.94
N GLY A 34 0.35 -9.80 -8.02
CA GLY A 34 -0.89 -10.30 -8.57
C GLY A 34 -2.02 -9.99 -7.61
N ALA A 35 -2.02 -8.77 -7.01
CA ALA A 35 -3.07 -8.43 -6.09
C ALA A 35 -4.24 -7.97 -6.89
N ASP A 36 -5.45 -8.42 -6.50
CA ASP A 36 -6.64 -8.01 -7.20
C ASP A 36 -7.19 -6.84 -6.46
N SER A 37 -8.43 -6.43 -6.82
CA SER A 37 -9.04 -5.29 -6.17
C SER A 37 -9.43 -5.64 -4.76
N LEU A 38 -9.45 -6.95 -4.41
CA LEU A 38 -9.83 -7.35 -3.07
C LEU A 38 -8.73 -6.99 -2.11
N ASP A 39 -7.44 -7.21 -2.49
CA ASP A 39 -6.35 -6.92 -1.59
C ASP A 39 -5.92 -5.49 -1.72
N LEU A 40 -6.29 -4.81 -2.83
CA LEU A 40 -5.89 -3.43 -2.99
C LEU A 40 -6.88 -2.53 -2.31
N VAL A 41 -8.20 -2.84 -2.40
CA VAL A 41 -9.22 -2.02 -1.76
C VAL A 41 -9.16 -2.24 -0.27
N GLU A 42 -8.98 -3.51 0.16
CA GLU A 42 -8.92 -3.82 1.57
C GLU A 42 -7.65 -3.28 2.17
N LEU A 43 -6.53 -3.31 1.41
CA LEU A 43 -5.27 -2.82 1.94
C LEU A 43 -5.38 -1.32 2.14
N VAL A 44 -6.03 -0.60 1.19
CA VAL A 44 -6.16 0.83 1.36
C VAL A 44 -7.24 1.09 2.37
N MET A 45 -8.13 0.09 2.60
CA MET A 45 -9.18 0.26 3.58
C MET A 45 -8.52 0.27 4.94
N SER A 46 -7.52 -0.62 5.12
CA SER A 46 -6.81 -0.72 6.37
C SER A 46 -5.91 0.47 6.53
N PHE A 47 -5.45 1.05 5.39
CA PHE A 47 -4.57 2.20 5.43
C PHE A 47 -5.34 3.40 5.91
N GLU A 48 -6.65 3.49 5.54
CA GLU A 48 -7.45 4.63 5.96
C GLU A 48 -7.72 4.57 7.43
N ASN A 49 -7.97 3.37 8.00
CA ASN A 49 -8.25 3.28 9.41
C ASN A 49 -6.99 3.51 10.23
N ASP A 50 -5.85 2.93 9.79
CA ASP A 50 -4.62 3.04 10.54
C ASP A 50 -4.02 4.44 10.46
N PHE A 51 -4.05 5.09 9.29
CA PHE A 51 -3.43 6.40 9.18
C PHE A 51 -4.45 7.48 9.33
N ASP A 52 -5.74 7.14 9.17
CA ASP A 52 -6.82 8.10 9.34
C ASP A 52 -6.91 9.05 8.16
N ILE A 53 -6.68 8.59 6.91
CA ILE A 53 -6.83 9.53 5.82
C ILE A 53 -7.96 9.06 4.96
N THR A 54 -8.14 9.73 3.82
CA THR A 54 -9.21 9.37 2.90
C THR A 54 -8.60 9.32 1.53
N ILE A 55 -8.80 8.20 0.82
CA ILE A 55 -8.24 8.09 -0.50
C ILE A 55 -9.35 7.77 -1.45
N PRO A 56 -9.60 8.70 -2.35
CA PRO A 56 -10.59 8.55 -3.38
C PRO A 56 -10.08 7.72 -4.53
N ASP A 57 -10.98 7.33 -5.46
CA ASP A 57 -10.58 6.52 -6.60
C ASP A 57 -9.78 7.35 -7.55
N GLU A 58 -9.80 8.70 -7.41
CA GLU A 58 -9.06 9.56 -8.31
C GLU A 58 -7.59 9.25 -8.16
N ASP A 59 -7.11 9.03 -6.92
CA ASP A 59 -5.71 8.73 -6.73
C ASP A 59 -5.57 7.26 -6.40
N SER A 60 -6.72 6.56 -6.25
CA SER A 60 -6.71 5.14 -5.95
C SER A 60 -6.23 4.41 -7.18
N ASN A 61 -6.63 4.91 -8.36
CA ASN A 61 -6.27 4.27 -9.60
C ASN A 61 -4.83 4.58 -9.95
N GLU A 62 -4.09 5.32 -9.08
CA GLU A 62 -2.70 5.64 -9.39
C GLU A 62 -1.78 4.76 -8.60
N ILE A 63 -2.28 4.06 -7.55
CA ILE A 63 -1.43 3.22 -6.77
C ILE A 63 -1.18 1.98 -7.57
N THR A 64 0.11 1.75 -7.91
CA THR A 64 0.45 0.60 -8.69
C THR A 64 1.71 -0.03 -8.15
N THR A 65 2.53 0.74 -7.40
CA THR A 65 3.75 0.20 -6.88
C THR A 65 3.78 0.50 -5.39
N VAL A 66 4.77 -0.11 -4.71
CA VAL A 66 4.88 0.10 -3.28
C VAL A 66 5.14 1.55 -3.03
N GLN A 67 5.96 2.18 -3.90
CA GLN A 67 6.27 3.59 -3.74
C GLN A 67 5.01 4.43 -3.92
N SER A 68 3.99 3.95 -4.67
CA SER A 68 2.78 4.76 -4.81
C SER A 68 2.12 4.84 -3.46
N ALA A 69 2.09 3.69 -2.73
CA ALA A 69 1.48 3.64 -1.41
C ALA A 69 2.26 4.50 -0.41
N ILE A 70 3.60 4.42 -0.41
CA ILE A 70 4.40 5.16 0.56
C ILE A 70 4.47 6.63 0.24
N ASP A 71 4.70 6.99 -1.04
CA ASP A 71 4.86 8.39 -1.39
C ASP A 71 3.57 9.15 -1.16
N TYR A 72 2.43 8.60 -1.62
CA TYR A 72 1.17 9.30 -1.50
C TYR A 72 0.69 9.37 -0.06
N VAL A 73 0.89 8.31 0.75
CA VAL A 73 0.40 8.34 2.11
C VAL A 73 1.39 9.06 3.00
N THR A 74 2.68 9.13 2.63
CA THR A 74 3.63 9.80 3.47
C THR A 74 3.39 11.28 3.42
N LYS A 75 2.92 11.81 2.26
CA LYS A 75 2.66 13.22 2.18
C LYS A 75 1.25 13.48 2.66
N LYS A 76 0.39 12.43 2.66
CA LYS A 76 -0.99 12.61 3.11
C LYS A 76 -1.07 12.49 4.61
N LEU A 77 -0.03 11.91 5.26
CA LEU A 77 -0.06 11.77 6.71
C LEU A 77 0.01 13.14 7.32
N GLY A 78 0.89 14.01 6.78
CA GLY A 78 1.01 15.33 7.32
C GLY A 78 2.47 15.75 7.21
N ASP A 3 8.20 5.66 12.15
CA ASP A 3 8.24 4.28 11.59
C ASP A 3 7.16 4.07 10.57
N ILE A 4 7.11 4.93 9.54
CA ILE A 4 6.12 4.80 8.50
C ILE A 4 6.47 3.62 7.65
N GLU A 5 7.79 3.43 7.40
CA GLU A 5 8.25 2.36 6.55
C GLU A 5 7.90 1.01 7.12
N GLN A 6 8.00 0.82 8.46
CA GLN A 6 7.71 -0.45 9.04
C GLN A 6 6.23 -0.73 8.97
N ARG A 7 5.35 0.29 9.19
CA ARG A 7 3.92 0.03 9.13
C ARG A 7 3.49 -0.29 7.72
N VAL A 8 4.06 0.42 6.72
CA VAL A 8 3.65 0.21 5.35
C VAL A 8 4.09 -1.16 4.87
N LYS A 9 5.37 -1.52 5.12
CA LYS A 9 5.89 -2.78 4.65
C LYS A 9 5.30 -3.93 5.44
N GLN A 10 5.00 -3.72 6.75
CA GLN A 10 4.48 -4.79 7.56
C GLN A 10 3.07 -5.14 7.13
N ALA A 11 2.27 -4.11 6.78
CA ALA A 11 0.89 -4.35 6.39
C ALA A 11 0.81 -5.12 5.10
N VAL A 12 1.67 -4.82 4.10
CA VAL A 12 1.58 -5.54 2.84
C VAL A 12 2.12 -6.94 3.02
N ALA A 13 3.27 -7.09 3.72
CA ALA A 13 3.84 -8.39 3.92
C ALA A 13 2.92 -9.26 4.74
N GLU A 14 2.28 -8.70 5.77
CA GLU A 14 1.42 -9.50 6.61
C GLU A 14 0.14 -9.86 5.90
N GLN A 15 -0.43 -8.92 5.11
CA GLN A 15 -1.68 -9.20 4.46
C GLN A 15 -1.56 -10.29 3.42
N LEU A 16 -0.46 -10.31 2.62
CA LEU A 16 -0.37 -11.28 1.55
C LEU A 16 0.58 -12.41 1.88
N GLY A 17 1.28 -12.37 3.03
CA GLY A 17 2.19 -13.44 3.37
C GLY A 17 3.52 -13.25 2.68
N LEU A 18 3.87 -11.99 2.36
CA LEU A 18 5.14 -11.72 1.71
C LEU A 18 6.10 -11.21 2.76
N LYS A 19 7.31 -10.80 2.33
CA LYS A 19 8.28 -10.31 3.28
C LYS A 19 8.55 -8.85 3.01
N ALA A 20 8.70 -8.07 4.12
CA ALA A 20 8.95 -6.65 4.06
C ALA A 20 10.24 -6.38 3.31
N GLU A 21 11.27 -7.21 3.53
CA GLU A 21 12.55 -7.00 2.87
C GLU A 21 12.45 -7.33 1.40
N GLU A 22 11.50 -8.21 1.00
CA GLU A 22 11.39 -8.55 -0.40
C GLU A 22 10.58 -7.48 -1.10
N ILE A 23 9.90 -6.60 -0.32
CA ILE A 23 9.11 -5.54 -0.92
C ILE A 23 10.02 -4.41 -1.36
N LYS A 24 9.94 -4.06 -2.67
CA LYS A 24 10.73 -2.99 -3.22
C LYS A 24 9.85 -1.80 -3.44
N ASN A 25 10.46 -0.61 -3.65
CA ASN A 25 9.68 0.57 -3.89
C ASN A 25 9.29 0.61 -5.35
N GLU A 26 9.96 -0.21 -6.19
CA GLU A 26 9.65 -0.22 -7.60
C GLU A 26 8.90 -1.50 -7.92
N ALA A 27 8.30 -2.14 -6.90
CA ALA A 27 7.62 -3.40 -7.12
C ALA A 27 6.16 -3.12 -7.38
N SER A 28 5.68 -3.61 -8.55
CA SER A 28 4.28 -3.45 -8.91
C SER A 28 3.47 -4.39 -8.06
N PHE A 29 2.31 -3.89 -7.59
CA PHE A 29 1.43 -4.68 -6.75
C PHE A 29 0.74 -5.75 -7.56
N MET A 30 0.21 -5.40 -8.76
CA MET A 30 -0.52 -6.37 -9.56
C MET A 30 0.41 -7.19 -10.42
N ASP A 31 1.47 -6.57 -10.98
CA ASP A 31 2.35 -7.29 -11.86
C ASP A 31 3.20 -8.28 -11.09
N ASP A 32 3.67 -7.92 -9.87
CA ASP A 32 4.54 -8.81 -9.15
C ASP A 32 3.79 -9.66 -8.14
N LEU A 33 2.83 -9.10 -7.39
CA LEU A 33 2.17 -9.91 -6.39
C LEU A 33 0.87 -10.45 -6.93
N GLY A 34 0.32 -9.85 -8.00
CA GLY A 34 -0.91 -10.33 -8.56
C GLY A 34 -2.04 -10.03 -7.60
N ALA A 35 -2.05 -8.81 -7.01
CA ALA A 35 -3.10 -8.47 -6.09
C ALA A 35 -4.28 -8.01 -6.89
N ASP A 36 -5.48 -8.48 -6.52
CA ASP A 36 -6.66 -8.08 -7.21
C ASP A 36 -7.20 -6.88 -6.49
N SER A 37 -8.42 -6.45 -6.88
CA SER A 37 -9.02 -5.29 -6.25
C SER A 37 -9.42 -5.62 -4.83
N LEU A 38 -9.47 -6.94 -4.48
CA LEU A 38 -9.86 -7.32 -3.16
C LEU A 38 -8.75 -6.97 -2.18
N ASP A 39 -7.47 -7.20 -2.56
CA ASP A 39 -6.38 -6.93 -1.65
C ASP A 39 -5.95 -5.49 -1.78
N LEU A 40 -6.31 -4.82 -2.89
CA LEU A 40 -5.91 -3.44 -3.06
C LEU A 40 -6.90 -2.53 -2.38
N VAL A 41 -8.22 -2.83 -2.46
CA VAL A 41 -9.23 -2.00 -1.83
C VAL A 41 -9.17 -2.23 -0.34
N GLU A 42 -9.01 -3.51 0.09
CA GLU A 42 -8.95 -3.83 1.49
C GLU A 42 -7.68 -3.29 2.10
N LEU A 43 -6.56 -3.33 1.35
CA LEU A 43 -5.31 -2.84 1.87
C LEU A 43 -5.42 -1.36 2.10
N VAL A 44 -6.06 -0.61 1.16
CA VAL A 44 -6.20 0.80 1.34
C VAL A 44 -7.28 1.06 2.36
N MET A 45 -8.18 0.06 2.57
CA MET A 45 -9.22 0.22 3.55
C MET A 45 -8.57 0.19 4.91
N SER A 46 -7.57 -0.70 5.08
CA SER A 46 -6.87 -0.82 6.32
C SER A 46 -5.94 0.34 6.49
N PHE A 47 -5.51 0.96 5.36
CA PHE A 47 -4.62 2.09 5.41
C PHE A 47 -5.39 3.28 5.94
N GLU A 48 -6.69 3.37 5.60
CA GLU A 48 -7.49 4.49 6.06
C GLU A 48 -7.73 4.40 7.54
N ASN A 49 -7.95 3.19 8.08
CA ASN A 49 -8.21 3.07 9.50
C ASN A 49 -6.93 3.27 10.29
N ASP A 50 -5.80 2.69 9.81
CA ASP A 50 -4.55 2.78 10.54
C ASP A 50 -3.94 4.17 10.50
N PHE A 51 -3.98 4.87 9.34
CA PHE A 51 -3.36 6.18 9.26
C PHE A 51 -4.36 7.26 9.47
N ASP A 52 -5.67 6.94 9.32
CA ASP A 52 -6.71 7.91 9.54
C ASP A 52 -6.77 8.89 8.39
N ILE A 53 -6.52 8.45 7.13
CA ILE A 53 -6.61 9.38 6.03
C ILE A 53 -7.60 8.85 5.05
N THR A 54 -7.98 9.68 4.06
CA THR A 54 -8.95 9.24 3.08
C THR A 54 -8.30 9.21 1.74
N ILE A 55 -8.74 8.26 0.89
CA ILE A 55 -8.18 8.14 -0.43
C ILE A 55 -9.32 7.96 -1.40
N PRO A 56 -9.35 8.81 -2.38
CA PRO A 56 -10.34 8.78 -3.44
C PRO A 56 -9.94 7.83 -4.52
N ASP A 57 -10.85 7.58 -5.50
CA ASP A 57 -10.54 6.70 -6.58
C ASP A 57 -9.71 7.46 -7.58
N GLU A 58 -9.69 8.81 -7.46
CA GLU A 58 -8.92 9.61 -8.38
C GLU A 58 -7.45 9.27 -8.21
N ASP A 59 -7.00 9.12 -6.95
CA ASP A 59 -5.61 8.79 -6.72
C ASP A 59 -5.50 7.31 -6.42
N SER A 60 -6.67 6.64 -6.25
CA SER A 60 -6.68 5.21 -5.97
C SER A 60 -6.20 4.48 -7.19
N ASN A 61 -6.60 4.99 -8.37
CA ASN A 61 -6.25 4.35 -9.60
C ASN A 61 -4.79 4.63 -9.95
N GLU A 62 -4.05 5.35 -9.07
CA GLU A 62 -2.66 5.66 -9.38
C GLU A 62 -1.75 4.76 -8.58
N ILE A 63 -2.28 4.05 -7.57
CA ILE A 63 -1.44 3.20 -6.77
C ILE A 63 -1.20 1.96 -7.56
N THR A 64 0.08 1.72 -7.90
CA THR A 64 0.42 0.56 -8.67
C THR A 64 1.66 -0.07 -8.13
N THR A 65 2.50 0.69 -7.39
CA THR A 65 3.71 0.14 -6.86
C THR A 65 3.76 0.46 -5.39
N VAL A 66 4.76 -0.13 -4.69
CA VAL A 66 4.90 0.10 -3.27
C VAL A 66 5.16 1.57 -3.06
N GLN A 67 5.98 2.18 -3.95
CA GLN A 67 6.28 3.59 -3.83
C GLN A 67 5.02 4.41 -3.96
N SER A 68 3.98 3.93 -4.69
CA SER A 68 2.75 4.73 -4.81
C SER A 68 2.12 4.80 -3.44
N ALA A 69 2.14 3.66 -2.70
CA ALA A 69 1.55 3.61 -1.37
C ALA A 69 2.30 4.49 -0.39
N ILE A 70 3.66 4.46 -0.40
CA ILE A 70 4.42 5.23 0.56
C ILE A 70 4.46 6.69 0.19
N ASP A 71 4.66 7.01 -1.10
CA ASP A 71 4.78 8.41 -1.50
C ASP A 71 3.48 9.15 -1.25
N TYR A 72 2.34 8.57 -1.66
CA TYR A 72 1.07 9.25 -1.49
C TYR A 72 0.66 9.31 -0.04
N VAL A 73 0.88 8.23 0.75
CA VAL A 73 0.48 8.23 2.14
C VAL A 73 1.38 9.13 2.95
N THR A 74 2.69 9.19 2.60
CA THR A 74 3.60 10.01 3.38
C THR A 74 3.22 11.47 3.26
N LYS A 75 2.71 11.91 2.08
CA LYS A 75 2.32 13.31 1.94
C LYS A 75 0.93 13.49 2.49
N LYS A 76 0.14 12.40 2.61
CA LYS A 76 -1.22 12.53 3.10
C LYS A 76 -1.25 12.46 4.62
N LEU A 77 -0.19 11.90 5.25
CA LEU A 77 -0.17 11.78 6.69
C LEU A 77 -0.11 13.17 7.28
N GLY A 78 0.75 14.04 6.72
CA GLY A 78 0.86 15.37 7.25
C GLY A 78 2.33 15.78 7.18
N ASP A 3 7.63 5.79 12.47
CA ASP A 3 7.87 4.44 11.89
C ASP A 3 6.88 4.12 10.81
N ILE A 4 6.88 4.93 9.74
CA ILE A 4 5.97 4.71 8.63
C ILE A 4 6.52 3.62 7.76
N GLU A 5 7.86 3.42 7.79
CA GLU A 5 8.49 2.42 6.95
C GLU A 5 8.05 1.03 7.34
N GLN A 6 7.92 0.73 8.65
CA GLN A 6 7.57 -0.61 9.05
C GLN A 6 6.08 -0.81 9.03
N ARG A 7 5.25 0.26 9.18
CA ARG A 7 3.81 0.05 9.15
C ARG A 7 3.36 -0.32 7.77
N VAL A 8 3.92 0.36 6.74
CA VAL A 8 3.51 0.10 5.38
C VAL A 8 4.01 -1.25 4.91
N LYS A 9 5.30 -1.55 5.16
CA LYS A 9 5.86 -2.80 4.69
C LYS A 9 5.29 -3.97 5.47
N GLN A 10 4.95 -3.77 6.78
CA GLN A 10 4.45 -4.87 7.56
C GLN A 10 3.05 -5.22 7.11
N ALA A 11 2.22 -4.21 6.78
CA ALA A 11 0.86 -4.46 6.37
C ALA A 11 0.80 -5.23 5.07
N VAL A 12 1.66 -4.91 4.07
CA VAL A 12 1.58 -5.62 2.80
C VAL A 12 2.13 -7.01 2.96
N ALA A 13 3.29 -7.15 3.65
CA ALA A 13 3.90 -8.45 3.84
C ALA A 13 3.00 -9.35 4.66
N GLU A 14 2.35 -8.81 5.70
CA GLU A 14 1.51 -9.63 6.53
C GLU A 14 0.23 -10.00 5.83
N GLN A 15 -0.37 -9.06 5.07
CA GLN A 15 -1.64 -9.34 4.42
C GLN A 15 -1.50 -10.40 3.35
N LEU A 16 -0.41 -10.39 2.56
CA LEU A 16 -0.32 -11.35 1.46
C LEU A 16 0.64 -12.47 1.77
N GLY A 17 1.36 -12.44 2.91
CA GLY A 17 2.26 -13.52 3.22
C GLY A 17 3.60 -13.32 2.55
N LEU A 18 3.96 -12.06 2.22
CA LEU A 18 5.22 -11.79 1.59
C LEU A 18 6.16 -11.26 2.66
N LYS A 19 7.38 -10.85 2.26
CA LYS A 19 8.31 -10.33 3.23
C LYS A 19 8.59 -8.86 2.94
N ALA A 20 8.72 -8.09 4.04
CA ALA A 20 8.98 -6.66 3.98
C ALA A 20 10.27 -6.40 3.24
N GLU A 21 11.31 -7.24 3.47
CA GLU A 21 12.59 -7.03 2.81
C GLU A 21 12.49 -7.34 1.34
N GLU A 22 11.54 -8.21 0.92
CA GLU A 22 11.43 -8.51 -0.48
C GLU A 22 10.61 -7.43 -1.15
N ILE A 23 9.94 -6.57 -0.35
CA ILE A 23 9.13 -5.50 -0.92
C ILE A 23 10.06 -4.39 -1.40
N LYS A 24 9.94 -4.05 -2.71
CA LYS A 24 10.75 -3.02 -3.30
C LYS A 24 9.89 -1.80 -3.51
N ASN A 25 10.56 -0.62 -3.66
CA ASN A 25 9.84 0.61 -3.89
C ASN A 25 9.32 0.61 -5.32
N GLU A 26 9.99 -0.11 -6.24
CA GLU A 26 9.57 -0.13 -7.62
C GLU A 26 8.83 -1.41 -7.93
N ALA A 27 8.30 -2.09 -6.90
CA ALA A 27 7.62 -3.35 -7.13
C ALA A 27 6.16 -3.10 -7.38
N SER A 28 5.67 -3.58 -8.54
CA SER A 28 4.27 -3.43 -8.90
C SER A 28 3.47 -4.38 -8.05
N PHE A 29 2.30 -3.90 -7.59
CA PHE A 29 1.42 -4.68 -6.76
C PHE A 29 0.74 -5.76 -7.57
N MET A 30 0.19 -5.41 -8.76
CA MET A 30 -0.53 -6.38 -9.57
C MET A 30 0.41 -7.19 -10.44
N ASP A 31 1.44 -6.55 -11.01
CA ASP A 31 2.34 -7.26 -11.90
C ASP A 31 3.20 -8.24 -11.13
N ASP A 32 3.65 -7.88 -9.91
CA ASP A 32 4.54 -8.76 -9.19
C ASP A 32 3.81 -9.63 -8.19
N LEU A 33 2.83 -9.09 -7.44
CA LEU A 33 2.18 -9.91 -6.45
C LEU A 33 0.88 -10.45 -6.97
N GLY A 34 0.31 -9.83 -8.03
CA GLY A 34 -0.94 -10.33 -8.57
C GLY A 34 -2.05 -10.02 -7.61
N ALA A 35 -2.07 -8.81 -7.02
CA ALA A 35 -3.10 -8.47 -6.09
C ALA A 35 -4.26 -7.96 -6.88
N ASP A 36 -5.48 -8.41 -6.53
CA ASP A 36 -6.65 -7.97 -7.21
C ASP A 36 -7.20 -6.80 -6.47
N SER A 37 -8.44 -6.38 -6.83
CA SER A 37 -9.05 -5.25 -6.18
C SER A 37 -9.43 -5.61 -4.75
N LEU A 38 -9.46 -6.92 -4.41
CA LEU A 38 -9.84 -7.31 -3.08
C LEU A 38 -8.73 -6.95 -2.11
N ASP A 39 -7.45 -7.18 -2.49
CA ASP A 39 -6.37 -6.90 -1.58
C ASP A 39 -5.93 -5.45 -1.73
N LEU A 40 -6.31 -4.79 -2.83
CA LEU A 40 -5.91 -3.41 -3.00
C LEU A 40 -6.91 -2.50 -2.32
N VAL A 41 -8.21 -2.83 -2.40
CA VAL A 41 -9.23 -2.01 -1.76
C VAL A 41 -9.18 -2.22 -0.27
N GLU A 42 -9.00 -3.49 0.16
CA GLU A 42 -8.93 -3.81 1.57
C GLU A 42 -7.67 -3.25 2.18
N LEU A 43 -6.54 -3.28 1.42
CA LEU A 43 -5.29 -2.78 1.94
C LEU A 43 -5.41 -1.29 2.15
N VAL A 44 -6.05 -0.57 1.21
CA VAL A 44 -6.20 0.86 1.37
C VAL A 44 -7.28 1.11 2.38
N MET A 45 -8.17 0.10 2.61
CA MET A 45 -9.21 0.26 3.59
C MET A 45 -8.55 0.26 4.96
N SER A 46 -7.53 -0.61 5.13
CA SER A 46 -6.81 -0.71 6.37
C SER A 46 -5.91 0.48 6.52
N PHE A 47 -5.49 1.08 5.38
CA PHE A 47 -4.61 2.22 5.41
C PHE A 47 -5.38 3.41 5.95
N GLU A 48 -6.70 3.49 5.61
CA GLU A 48 -7.51 4.60 6.08
C GLU A 48 -7.74 4.49 7.56
N ASN A 49 -7.95 3.27 8.08
CA ASN A 49 -8.22 3.11 9.50
C ASN A 49 -6.96 3.34 10.31
N ASP A 50 -5.79 2.93 9.80
CA ASP A 50 -4.57 3.06 10.59
C ASP A 50 -3.94 4.43 10.46
N PHE A 51 -4.00 5.08 9.27
CA PHE A 51 -3.36 6.37 9.14
C PHE A 51 -4.36 7.47 9.33
N ASP A 52 -5.67 7.14 9.22
CA ASP A 52 -6.72 8.10 9.45
C ASP A 52 -6.87 9.08 8.30
N ILE A 53 -6.60 8.68 7.03
CA ILE A 53 -6.82 9.64 5.97
C ILE A 53 -7.78 9.03 5.00
N THR A 54 -8.02 9.74 3.88
CA THR A 54 -8.96 9.25 2.90
C THR A 54 -8.27 9.10 1.58
N ILE A 55 -8.71 8.10 0.79
CA ILE A 55 -8.11 7.89 -0.50
C ILE A 55 -9.21 7.67 -1.50
N PRO A 56 -9.42 8.66 -2.32
CA PRO A 56 -10.41 8.61 -3.38
C PRO A 56 -9.93 7.78 -4.54
N ASP A 57 -10.87 7.33 -5.41
CA ASP A 57 -10.52 6.53 -6.56
C ASP A 57 -9.75 7.35 -7.57
N GLU A 58 -9.77 8.70 -7.43
CA GLU A 58 -9.07 9.55 -8.37
C GLU A 58 -7.59 9.22 -8.29
N ASP A 59 -7.04 9.05 -7.07
CA ASP A 59 -5.64 8.74 -6.95
C ASP A 59 -5.50 7.29 -6.57
N SER A 60 -6.63 6.60 -6.34
CA SER A 60 -6.62 5.20 -5.99
C SER A 60 -6.19 4.41 -7.19
N ASN A 61 -6.63 4.85 -8.39
CA ASN A 61 -6.29 4.16 -9.60
C ASN A 61 -4.85 4.43 -9.99
N GLU A 62 -4.09 5.20 -9.16
CA GLU A 62 -2.72 5.51 -9.51
C GLU A 62 -1.78 4.65 -8.71
N ILE A 63 -2.28 3.98 -7.64
CA ILE A 63 -1.42 3.16 -6.83
C ILE A 63 -1.17 1.91 -7.60
N THR A 64 0.11 1.68 -7.94
CA THR A 64 0.46 0.51 -8.69
C THR A 64 1.73 -0.09 -8.15
N THR A 65 2.52 0.69 -7.39
CA THR A 65 3.75 0.17 -6.87
C THR A 65 3.77 0.46 -5.38
N VAL A 66 4.76 -0.13 -4.68
CA VAL A 66 4.87 0.08 -3.25
C VAL A 66 5.11 1.54 -3.01
N GLN A 67 5.95 2.18 -3.88
CA GLN A 67 6.23 3.58 -3.73
C GLN A 67 4.98 4.41 -3.92
N SER A 68 3.96 3.93 -4.68
CA SER A 68 2.76 4.73 -4.85
C SER A 68 2.08 4.81 -3.50
N ALA A 69 2.05 3.68 -2.77
CA ALA A 69 1.41 3.64 -1.46
C ALA A 69 2.15 4.50 -0.45
N ILE A 70 3.51 4.43 -0.40
CA ILE A 70 4.27 5.18 0.59
C ILE A 70 4.35 6.65 0.25
N ASP A 71 4.59 7.00 -1.03
CA ASP A 71 4.74 8.39 -1.40
C ASP A 71 3.45 9.15 -1.15
N TYR A 72 2.30 8.55 -1.55
CA TYR A 72 1.04 9.23 -1.40
C TYR A 72 0.61 9.32 0.06
N VAL A 73 0.87 8.28 0.90
CA VAL A 73 0.42 8.35 2.28
C VAL A 73 1.40 9.13 3.12
N THR A 74 2.68 9.21 2.71
CA THR A 74 3.65 9.91 3.51
C THR A 74 3.40 11.39 3.41
N LYS A 75 2.89 11.85 2.24
CA LYS A 75 2.60 13.25 2.07
C LYS A 75 1.20 13.52 2.58
N LYS A 76 0.35 12.47 2.66
CA LYS A 76 -1.01 12.65 3.10
C LYS A 76 -1.11 12.54 4.61
N LEU A 77 -0.04 12.11 5.31
CA LEU A 77 -0.11 11.98 6.75
C LEU A 77 -0.25 13.37 7.34
N GLY A 78 0.51 14.35 6.82
CA GLY A 78 0.40 15.68 7.33
C GLY A 78 1.79 16.32 7.26
N ASP A 3 7.69 5.88 12.28
CA ASP A 3 7.94 4.53 11.71
C ASP A 3 6.92 4.20 10.64
N ILE A 4 6.90 5.00 9.57
CA ILE A 4 5.97 4.77 8.48
C ILE A 4 6.51 3.67 7.61
N GLU A 5 7.84 3.48 7.63
CA GLU A 5 8.47 2.48 6.79
C GLU A 5 8.05 1.08 7.19
N GLN A 6 7.95 0.78 8.50
CA GLN A 6 7.61 -0.56 8.92
C GLN A 6 6.12 -0.76 8.93
N ARG A 7 5.29 0.30 9.06
CA ARG A 7 3.86 0.07 9.07
C ARG A 7 3.40 -0.33 7.69
N VAL A 8 3.94 0.34 6.66
CA VAL A 8 3.52 0.06 5.30
C VAL A 8 4.03 -1.29 4.85
N LYS A 9 5.32 -1.58 5.11
CA LYS A 9 5.89 -2.84 4.66
C LYS A 9 5.31 -3.99 5.45
N GLN A 10 4.98 -3.78 6.75
CA GLN A 10 4.46 -4.87 7.55
C GLN A 10 3.06 -5.23 7.10
N ALA A 11 2.24 -4.21 6.75
CA ALA A 11 0.88 -4.46 6.34
C ALA A 11 0.82 -5.25 5.05
N VAL A 12 1.68 -4.95 4.05
CA VAL A 12 1.59 -5.67 2.79
C VAL A 12 2.15 -7.05 2.96
N ALA A 13 3.31 -7.19 3.67
CA ALA A 13 3.91 -8.49 3.86
C ALA A 13 3.01 -9.37 4.68
N GLU A 14 2.36 -8.83 5.71
CA GLU A 14 1.51 -9.63 6.55
C GLU A 14 0.23 -10.00 5.84
N GLN A 15 -0.36 -9.07 5.06
CA GLN A 15 -1.61 -9.35 4.42
C GLN A 15 -1.46 -10.43 3.35
N LEU A 16 -0.37 -10.41 2.55
CA LEU A 16 -0.26 -11.37 1.48
C LEU A 16 0.67 -12.52 1.83
N GLY A 17 1.35 -12.48 2.99
CA GLY A 17 2.22 -13.57 3.34
C GLY A 17 3.58 -13.41 2.71
N LEU A 18 3.96 -12.17 2.35
CA LEU A 18 5.25 -11.94 1.75
C LEU A 18 6.16 -11.36 2.80
N LYS A 19 7.39 -10.97 2.40
CA LYS A 19 8.33 -10.42 3.35
C LYS A 19 8.57 -8.96 3.03
N ALA A 20 8.72 -8.15 4.10
CA ALA A 20 8.95 -6.72 3.99
C ALA A 20 10.23 -6.46 3.23
N GLU A 21 11.28 -7.28 3.46
CA GLU A 21 12.54 -7.07 2.78
C GLU A 21 12.41 -7.37 1.32
N GLU A 22 11.49 -8.29 0.93
CA GLU A 22 11.33 -8.62 -0.46
C GLU A 22 10.56 -7.51 -1.14
N ILE A 23 9.83 -6.67 -0.35
CA ILE A 23 9.06 -5.59 -0.94
C ILE A 23 9.99 -4.48 -1.38
N LYS A 24 9.90 -4.12 -2.68
CA LYS A 24 10.72 -3.06 -3.25
C LYS A 24 9.88 -1.83 -3.44
N ASN A 25 10.54 -0.66 -3.60
CA ASN A 25 9.85 0.58 -3.83
C ASN A 25 9.32 0.59 -5.25
N GLU A 26 10.00 -0.13 -6.17
CA GLU A 26 9.58 -0.15 -7.56
C GLU A 26 8.84 -1.43 -7.87
N ALA A 27 8.30 -2.11 -6.85
CA ALA A 27 7.63 -3.37 -7.10
C ALA A 27 6.18 -3.10 -7.36
N SER A 28 5.70 -3.55 -8.54
CA SER A 28 4.32 -3.40 -8.90
C SER A 28 3.50 -4.36 -8.07
N PHE A 29 2.29 -3.92 -7.68
CA PHE A 29 1.42 -4.73 -6.87
C PHE A 29 0.75 -5.77 -7.72
N MET A 30 0.01 -5.34 -8.78
CA MET A 30 -0.71 -6.27 -9.63
C MET A 30 0.23 -7.06 -10.50
N ASP A 31 1.29 -6.42 -11.04
CA ASP A 31 2.19 -7.10 -11.94
C ASP A 31 3.04 -8.12 -11.21
N ASP A 32 3.51 -7.83 -9.98
CA ASP A 32 4.39 -8.77 -9.32
C ASP A 32 3.65 -9.65 -8.34
N LEU A 33 2.82 -9.08 -7.46
CA LEU A 33 2.15 -9.90 -6.48
C LEU A 33 0.84 -10.40 -7.01
N GLY A 34 0.30 -9.78 -8.09
CA GLY A 34 -0.95 -10.23 -8.64
C GLY A 34 -2.06 -9.89 -7.68
N ALA A 35 -2.04 -8.69 -7.07
CA ALA A 35 -3.07 -8.33 -6.14
C ALA A 35 -4.22 -7.80 -6.93
N ASP A 36 -5.44 -8.22 -6.55
CA ASP A 36 -6.61 -7.75 -7.24
C ASP A 36 -7.11 -6.56 -6.47
N SER A 37 -8.34 -6.10 -6.77
CA SER A 37 -8.88 -4.96 -6.08
C SER A 37 -9.31 -5.38 -4.70
N LEU A 38 -9.39 -6.70 -4.44
CA LEU A 38 -9.81 -7.16 -3.14
C LEU A 38 -8.72 -6.86 -2.14
N ASP A 39 -7.44 -7.10 -2.50
CA ASP A 39 -6.36 -6.85 -1.57
C ASP A 39 -5.90 -5.43 -1.69
N LEU A 40 -6.25 -4.75 -2.82
CA LEU A 40 -5.82 -3.38 -2.99
C LEU A 40 -6.82 -2.45 -2.31
N VAL A 41 -8.13 -2.79 -2.31
CA VAL A 41 -9.10 -1.91 -1.68
C VAL A 41 -9.12 -2.20 -0.20
N GLU A 42 -8.88 -3.46 0.20
CA GLU A 42 -8.85 -3.82 1.60
C GLU A 42 -7.61 -3.25 2.23
N LEU A 43 -6.48 -3.25 1.48
CA LEU A 43 -5.25 -2.73 2.01
C LEU A 43 -5.39 -1.24 2.21
N VAL A 44 -6.04 -0.54 1.25
CA VAL A 44 -6.23 0.90 1.39
C VAL A 44 -7.25 1.10 2.48
N MET A 45 -8.20 0.14 2.63
CA MET A 45 -9.22 0.25 3.64
C MET A 45 -8.54 0.27 4.99
N SER A 46 -7.52 -0.61 5.16
CA SER A 46 -6.79 -0.70 6.40
C SER A 46 -5.94 0.53 6.58
N PHE A 47 -5.39 1.05 5.46
CA PHE A 47 -4.53 2.22 5.51
C PHE A 47 -5.34 3.43 5.93
N GLU A 48 -6.62 3.50 5.51
CA GLU A 48 -7.46 4.63 5.86
C GLU A 48 -7.77 4.62 7.33
N ASN A 49 -7.97 3.43 7.94
CA ASN A 49 -8.31 3.39 9.34
C ASN A 49 -7.08 3.52 10.22
N ASP A 50 -5.88 3.13 9.71
CA ASP A 50 -4.70 3.18 10.54
C ASP A 50 -4.06 4.55 10.47
N PHE A 51 -4.04 5.20 9.29
CA PHE A 51 -3.40 6.49 9.19
C PHE A 51 -4.43 7.57 9.30
N ASP A 52 -5.73 7.19 9.20
CA ASP A 52 -6.80 8.15 9.33
C ASP A 52 -6.91 9.04 8.12
N ILE A 53 -6.57 8.55 6.90
CA ILE A 53 -6.71 9.43 5.77
C ILE A 53 -7.82 8.87 4.93
N THR A 54 -8.13 9.57 3.83
CA THR A 54 -9.19 9.13 2.95
C THR A 54 -8.63 9.16 1.56
N ILE A 55 -8.72 8.01 0.85
CA ILE A 55 -8.21 7.98 -0.50
C ILE A 55 -9.34 7.62 -1.42
N PRO A 56 -9.54 8.46 -2.39
CA PRO A 56 -10.56 8.27 -3.40
C PRO A 56 -10.10 7.35 -4.48
N ASP A 57 -10.97 7.06 -5.46
CA ASP A 57 -10.60 6.19 -6.55
C ASP A 57 -9.78 6.98 -7.53
N GLU A 58 -9.85 8.34 -7.43
CA GLU A 58 -9.10 9.18 -8.32
C GLU A 58 -7.62 8.96 -8.05
N ASP A 59 -7.23 8.80 -6.77
CA ASP A 59 -5.85 8.61 -6.45
C ASP A 59 -5.59 7.13 -6.22
N SER A 60 -6.66 6.30 -6.14
CA SER A 60 -6.44 4.88 -5.93
C SER A 60 -6.14 4.25 -7.26
N ASN A 61 -6.41 4.97 -8.37
CA ASN A 61 -6.15 4.43 -9.66
C ASN A 61 -4.71 4.71 -10.04
N GLU A 62 -3.92 5.36 -9.15
CA GLU A 62 -2.55 5.66 -9.47
C GLU A 62 -1.63 4.79 -8.67
N ILE A 63 -2.17 4.04 -7.67
CA ILE A 63 -1.34 3.19 -6.87
C ILE A 63 -1.06 1.97 -7.68
N THR A 64 0.22 1.78 -8.02
CA THR A 64 0.59 0.64 -8.81
C THR A 64 1.81 -0.01 -8.22
N THR A 65 2.61 0.74 -7.44
CA THR A 65 3.80 0.19 -6.87
C THR A 65 3.78 0.47 -5.40
N VAL A 66 4.75 -0.14 -4.67
CA VAL A 66 4.83 0.05 -3.24
C VAL A 66 5.08 1.50 -2.98
N GLN A 67 5.94 2.14 -3.81
CA GLN A 67 6.24 3.55 -3.63
C GLN A 67 5.00 4.39 -3.85
N SER A 68 4.00 3.92 -4.63
CA SER A 68 2.80 4.73 -4.82
C SER A 68 2.10 4.82 -3.48
N ALA A 69 2.04 3.68 -2.76
CA ALA A 69 1.39 3.64 -1.46
C ALA A 69 2.13 4.48 -0.44
N ILE A 70 3.48 4.38 -0.37
CA ILE A 70 4.24 5.10 0.64
C ILE A 70 4.35 6.57 0.32
N ASP A 71 4.63 6.92 -0.95
CA ASP A 71 4.82 8.32 -1.30
C ASP A 71 3.54 9.09 -1.09
N TYR A 72 2.39 8.53 -1.53
CA TYR A 72 1.14 9.23 -1.41
C TYR A 72 0.69 9.34 0.04
N VAL A 73 0.92 8.30 0.89
CA VAL A 73 0.46 8.39 2.25
C VAL A 73 1.44 9.18 3.10
N THR A 74 2.71 9.25 2.67
CA THR A 74 3.69 9.96 3.47
C THR A 74 3.38 11.44 3.42
N LYS A 75 2.90 11.96 2.25
CA LYS A 75 2.57 13.35 2.18
C LYS A 75 1.13 13.55 2.65
N LYS A 76 0.33 12.45 2.68
CA LYS A 76 -1.06 12.59 3.11
C LYS A 76 -1.16 12.49 4.61
N LEU A 77 -0.06 12.11 5.31
CA LEU A 77 -0.13 12.02 6.76
C LEU A 77 -0.35 13.40 7.33
N GLY A 78 0.37 14.41 6.78
CA GLY A 78 0.21 15.74 7.29
C GLY A 78 0.68 16.71 6.20
N ASP A 3 7.64 5.81 12.53
CA ASP A 3 7.96 4.53 11.84
C ASP A 3 6.94 4.21 10.79
N ILE A 4 6.90 5.02 9.71
CA ILE A 4 5.96 4.79 8.64
C ILE A 4 6.50 3.69 7.75
N GLU A 5 7.84 3.49 7.76
CA GLU A 5 8.45 2.50 6.91
C GLU A 5 8.03 1.10 7.30
N GLN A 6 7.93 0.81 8.62
CA GLN A 6 7.59 -0.54 9.02
C GLN A 6 6.10 -0.75 9.01
N ARG A 7 5.27 0.31 9.16
CA ARG A 7 3.83 0.08 9.14
C ARG A 7 3.39 -0.29 7.75
N VAL A 8 3.94 0.39 6.71
CA VAL A 8 3.52 0.13 5.35
C VAL A 8 4.03 -1.22 4.90
N LYS A 9 5.31 -1.52 5.14
CA LYS A 9 5.87 -2.77 4.68
C LYS A 9 5.30 -3.93 5.47
N GLN A 10 4.98 -3.73 6.77
CA GLN A 10 4.47 -4.82 7.57
C GLN A 10 3.07 -5.18 7.11
N ALA A 11 2.24 -4.17 6.76
CA ALA A 11 0.88 -4.42 6.36
C ALA A 11 0.81 -5.20 5.06
N VAL A 12 1.68 -4.89 4.07
CA VAL A 12 1.61 -5.59 2.81
C VAL A 12 2.15 -7.00 2.97
N ALA A 13 3.31 -7.13 3.67
CA ALA A 13 3.90 -8.43 3.87
C ALA A 13 2.99 -9.32 4.69
N GLU A 14 2.35 -8.77 5.73
CA GLU A 14 1.49 -9.57 6.56
C GLU A 14 0.22 -9.94 5.86
N GLN A 15 -0.37 -9.02 5.07
CA GLN A 15 -1.63 -9.31 4.44
C GLN A 15 -1.49 -10.39 3.39
N LEU A 16 -0.39 -10.38 2.58
CA LEU A 16 -0.30 -11.35 1.51
C LEU A 16 0.66 -12.48 1.84
N GLY A 17 1.36 -12.44 2.99
CA GLY A 17 2.24 -13.52 3.33
C GLY A 17 3.59 -13.32 2.66
N LEU A 18 3.94 -12.07 2.32
CA LEU A 18 5.22 -11.81 1.69
C LEU A 18 6.15 -11.28 2.75
N LYS A 19 7.37 -10.85 2.35
CA LYS A 19 8.30 -10.34 3.31
C LYS A 19 8.57 -8.88 3.01
N ALA A 20 8.72 -8.09 4.11
CA ALA A 20 8.97 -6.66 4.01
C ALA A 20 10.25 -6.39 3.26
N GLU A 21 11.30 -7.23 3.48
CA GLU A 21 12.56 -7.03 2.81
C GLU A 21 12.45 -7.36 1.35
N GLU A 22 11.46 -8.20 0.95
CA GLU A 22 11.31 -8.54 -0.44
C GLU A 22 10.51 -7.46 -1.11
N ILE A 23 9.85 -6.59 -0.32
CA ILE A 23 9.06 -5.51 -0.90
C ILE A 23 9.97 -4.40 -1.35
N LYS A 24 9.89 -4.06 -2.67
CA LYS A 24 10.70 -3.00 -3.24
C LYS A 24 9.85 -1.78 -3.46
N ASN A 25 10.51 -0.61 -3.61
CA ASN A 25 9.81 0.62 -3.87
C ASN A 25 9.30 0.62 -5.30
N GLU A 26 9.98 -0.11 -6.21
CA GLU A 26 9.58 -0.12 -7.60
C GLU A 26 8.85 -1.41 -7.90
N ALA A 27 8.29 -2.09 -6.88
CA ALA A 27 7.63 -3.35 -7.13
C ALA A 27 6.17 -3.10 -7.39
N SER A 28 5.69 -3.58 -8.56
CA SER A 28 4.31 -3.43 -8.91
C SER A 28 3.49 -4.38 -8.06
N PHE A 29 2.32 -3.88 -7.62
CA PHE A 29 1.44 -4.66 -6.78
C PHE A 29 0.75 -5.75 -7.57
N MET A 30 0.19 -5.41 -8.76
CA MET A 30 -0.53 -6.39 -9.55
C MET A 30 0.40 -7.20 -10.41
N ASP A 31 1.44 -6.56 -11.00
CA ASP A 31 2.34 -7.27 -11.88
C ASP A 31 3.20 -8.25 -11.11
N ASP A 32 3.65 -7.89 -9.90
CA ASP A 32 4.54 -8.77 -9.17
C ASP A 32 3.82 -9.63 -8.17
N LEU A 33 2.84 -9.08 -7.42
CA LEU A 33 2.17 -9.89 -6.42
C LEU A 33 0.88 -10.44 -6.96
N GLY A 34 0.33 -9.82 -8.02
CA GLY A 34 -0.92 -10.31 -8.57
C GLY A 34 -2.05 -10.01 -7.62
N ALA A 35 -2.04 -8.79 -7.00
CA ALA A 35 -3.10 -8.47 -6.08
C ALA A 35 -4.26 -7.99 -6.88
N ASP A 36 -5.47 -8.46 -6.50
CA ASP A 36 -6.65 -8.06 -7.20
C ASP A 36 -7.22 -6.88 -6.46
N SER A 37 -8.46 -6.47 -6.83
CA SER A 37 -9.07 -5.33 -6.19
C SER A 37 -9.46 -5.69 -4.77
N LEU A 38 -9.48 -6.99 -4.42
CA LEU A 38 -9.86 -7.38 -3.09
C LEU A 38 -8.76 -7.03 -2.12
N ASP A 39 -7.47 -7.25 -2.50
CA ASP A 39 -6.38 -6.96 -1.60
C ASP A 39 -5.96 -5.53 -1.73
N LEU A 40 -6.32 -4.85 -2.84
CA LEU A 40 -5.91 -3.47 -3.01
C LEU A 40 -6.91 -2.56 -2.32
N VAL A 41 -8.22 -2.88 -2.41
CA VAL A 41 -9.23 -2.05 -1.79
C VAL A 41 -9.18 -2.26 -0.30
N GLU A 42 -9.01 -3.54 0.14
CA GLU A 42 -8.94 -3.85 1.55
C GLU A 42 -7.68 -3.30 2.15
N LEU A 43 -6.55 -3.34 1.39
CA LEU A 43 -5.30 -2.84 1.91
C LEU A 43 -5.40 -1.36 2.11
N VAL A 44 -6.04 -0.63 1.17
CA VAL A 44 -6.17 0.80 1.33
C VAL A 44 -7.25 1.07 2.34
N MET A 45 -8.15 0.08 2.57
CA MET A 45 -9.20 0.24 3.55
C MET A 45 -8.53 0.24 4.91
N SER A 46 -7.54 -0.65 5.08
CA SER A 46 -6.83 -0.77 6.33
C SER A 46 -5.92 0.42 6.48
N PHE A 47 -5.47 1.01 5.35
CA PHE A 47 -4.59 2.15 5.38
C PHE A 47 -5.36 3.34 5.89
N GLU A 48 -6.66 3.42 5.54
CA GLU A 48 -7.47 4.56 5.97
C GLU A 48 -7.70 4.50 7.46
N ASN A 49 -7.92 3.29 8.03
CA ASN A 49 -8.17 3.20 9.45
C ASN A 49 -6.88 3.42 10.22
N ASP A 50 -5.76 2.85 9.74
CA ASP A 50 -4.50 2.94 10.45
C ASP A 50 -3.90 4.34 10.40
N PHE A 51 -3.97 5.04 9.24
CA PHE A 51 -3.34 6.34 9.15
C PHE A 51 -4.37 7.42 9.33
N ASP A 52 -5.66 7.08 9.24
CA ASP A 52 -6.72 8.04 9.42
C ASP A 52 -6.79 8.99 8.25
N ILE A 53 -6.46 8.53 7.01
CA ILE A 53 -6.56 9.43 5.90
C ILE A 53 -7.47 8.80 4.88
N THR A 54 -7.98 9.61 3.93
CA THR A 54 -8.89 9.09 2.94
C THR A 54 -8.25 9.16 1.60
N ILE A 55 -8.54 8.14 0.75
CA ILE A 55 -7.98 8.10 -0.56
C ILE A 55 -9.11 7.85 -1.53
N PRO A 56 -9.38 8.83 -2.34
CA PRO A 56 -10.39 8.73 -3.36
C PRO A 56 -9.93 7.92 -4.53
N ASP A 57 -10.87 7.51 -5.42
CA ASP A 57 -10.51 6.71 -6.57
C ASP A 57 -9.71 7.53 -7.54
N GLU A 58 -9.71 8.88 -7.38
CA GLU A 58 -8.96 9.72 -8.29
C GLU A 58 -7.48 9.37 -8.19
N ASP A 59 -6.98 9.12 -6.95
CA ASP A 59 -5.59 8.79 -6.80
C ASP A 59 -5.49 7.32 -6.46
N SER A 60 -6.64 6.65 -6.27
CA SER A 60 -6.66 5.24 -5.96
C SER A 60 -6.22 4.47 -7.18
N ASN A 61 -6.64 4.96 -8.36
CA ASN A 61 -6.31 4.28 -9.59
C ASN A 61 -4.87 4.55 -9.97
N GLU A 62 -4.10 5.29 -9.13
CA GLU A 62 -2.72 5.58 -9.47
C GLU A 62 -1.79 4.70 -8.66
N ILE A 63 -2.31 3.98 -7.65
CA ILE A 63 -1.46 3.15 -6.85
C ILE A 63 -1.18 1.90 -7.65
N THR A 64 0.10 1.71 -8.00
CA THR A 64 0.47 0.55 -8.77
C THR A 64 1.72 -0.06 -8.21
N THR A 65 2.52 0.70 -7.44
CA THR A 65 3.74 0.17 -6.90
C THR A 65 3.75 0.47 -5.42
N VAL A 66 4.73 -0.12 -4.71
CA VAL A 66 4.84 0.09 -3.29
C VAL A 66 5.08 1.56 -3.05
N GLN A 67 5.91 2.19 -3.91
CA GLN A 67 6.20 3.60 -3.76
C GLN A 67 4.94 4.42 -3.94
N SER A 68 3.93 3.93 -4.70
CA SER A 68 2.71 4.72 -4.87
C SER A 68 2.03 4.80 -3.52
N ALA A 69 2.01 3.65 -2.79
CA ALA A 69 1.37 3.60 -1.48
C ALA A 69 2.10 4.47 -0.47
N ILE A 70 3.46 4.41 -0.42
CA ILE A 70 4.21 5.18 0.57
C ILE A 70 4.27 6.63 0.22
N ASP A 71 4.50 6.98 -1.07
CA ASP A 71 4.63 8.37 -1.45
C ASP A 71 3.34 9.11 -1.17
N TYR A 72 2.19 8.50 -1.53
CA TYR A 72 0.92 9.15 -1.35
C TYR A 72 0.52 9.22 0.11
N VAL A 73 0.83 8.20 0.94
CA VAL A 73 0.39 8.25 2.33
C VAL A 73 1.37 9.05 3.16
N THR A 74 2.63 9.18 2.72
CA THR A 74 3.59 9.91 3.49
C THR A 74 3.32 11.39 3.35
N LYS A 75 2.79 11.81 2.18
CA LYS A 75 2.49 13.21 1.97
C LYS A 75 1.13 13.50 2.56
N LYS A 76 0.25 12.47 2.66
CA LYS A 76 -1.09 12.70 3.18
C LYS A 76 -1.11 12.59 4.69
N LEU A 77 -0.04 12.06 5.32
CA LEU A 77 -0.04 11.93 6.76
C LEU A 77 -0.01 13.30 7.37
N GLY A 78 0.85 14.21 6.84
CA GLY A 78 0.93 15.53 7.39
C GLY A 78 2.40 15.93 7.40
N ASP A 3 7.36 5.20 12.58
CA ASP A 3 7.21 3.79 12.13
C ASP A 3 6.33 3.67 10.91
N ILE A 4 6.50 4.60 9.93
CA ILE A 4 5.70 4.55 8.72
C ILE A 4 6.31 3.53 7.80
N GLU A 5 7.66 3.45 7.77
CA GLU A 5 8.34 2.53 6.88
C GLU A 5 8.04 1.09 7.22
N GLN A 6 8.04 0.74 8.53
CA GLN A 6 7.81 -0.65 8.88
C GLN A 6 6.34 -0.93 8.99
N ARG A 7 5.48 0.10 9.20
CA ARG A 7 4.06 -0.16 9.31
C ARG A 7 3.52 -0.48 7.94
N VAL A 8 3.97 0.26 6.91
CA VAL A 8 3.49 0.05 5.56
C VAL A 8 4.00 -1.27 5.03
N LYS A 9 5.31 -1.56 5.21
CA LYS A 9 5.87 -2.78 4.70
C LYS A 9 5.31 -3.96 5.44
N GLN A 10 5.05 -3.82 6.76
CA GLN A 10 4.53 -4.93 7.54
C GLN A 10 3.12 -5.25 7.12
N ALA A 11 2.30 -4.22 6.80
CA ALA A 11 0.93 -4.46 6.43
C ALA A 11 0.83 -5.22 5.13
N VAL A 12 1.69 -4.93 4.12
CA VAL A 12 1.59 -5.64 2.86
C VAL A 12 2.13 -7.04 3.04
N ALA A 13 3.28 -7.18 3.73
CA ALA A 13 3.87 -8.48 3.93
C ALA A 13 2.96 -9.36 4.75
N GLU A 14 2.31 -8.80 5.77
CA GLU A 14 1.44 -9.59 6.61
C GLU A 14 0.16 -9.95 5.89
N GLN A 15 -0.41 -9.01 5.11
CA GLN A 15 -1.66 -9.28 4.45
C GLN A 15 -1.53 -10.37 3.39
N LEU A 16 -0.42 -10.37 2.60
CA LEU A 16 -0.32 -11.34 1.53
C LEU A 16 0.63 -12.47 1.88
N GLY A 17 1.34 -12.39 3.02
CA GLY A 17 2.25 -13.47 3.38
C GLY A 17 3.57 -13.31 2.69
N LEU A 18 3.97 -12.06 2.38
CA LEU A 18 5.24 -11.83 1.72
C LEU A 18 6.22 -11.30 2.74
N LYS A 19 7.43 -10.92 2.27
CA LYS A 19 8.44 -10.40 3.17
C LYS A 19 8.60 -8.92 2.93
N ALA A 20 8.71 -8.15 4.05
CA ALA A 20 8.89 -6.71 4.00
C ALA A 20 10.17 -6.38 3.27
N GLU A 21 11.25 -7.17 3.50
CA GLU A 21 12.51 -6.91 2.87
C GLU A 21 12.43 -7.24 1.40
N GLU A 22 11.55 -8.19 1.01
CA GLU A 22 11.43 -8.54 -0.38
C GLU A 22 10.64 -7.47 -1.10
N ILE A 23 9.90 -6.63 -0.34
CA ILE A 23 9.10 -5.58 -0.95
C ILE A 23 9.99 -4.42 -1.36
N LYS A 24 9.94 -4.06 -2.67
CA LYS A 24 10.72 -2.98 -3.20
C LYS A 24 9.80 -1.81 -3.43
N ASN A 25 10.37 -0.60 -3.63
CA ASN A 25 9.56 0.55 -3.89
C ASN A 25 9.22 0.61 -5.36
N GLU A 26 9.91 -0.21 -6.18
CA GLU A 26 9.63 -0.23 -7.60
C GLU A 26 8.90 -1.50 -7.94
N ALA A 27 8.30 -2.16 -6.93
CA ALA A 27 7.61 -3.40 -7.17
C ALA A 27 6.16 -3.13 -7.44
N SER A 28 5.67 -3.61 -8.60
CA SER A 28 4.29 -3.44 -8.96
C SER A 28 3.47 -4.37 -8.10
N PHE A 29 2.31 -3.87 -7.64
CA PHE A 29 1.42 -4.63 -6.79
C PHE A 29 0.72 -5.71 -7.59
N MET A 30 0.18 -5.35 -8.79
CA MET A 30 -0.55 -6.31 -9.58
C MET A 30 0.36 -7.13 -10.45
N ASP A 31 1.42 -6.51 -11.01
CA ASP A 31 2.30 -7.24 -11.90
C ASP A 31 3.15 -8.23 -11.13
N ASP A 32 3.61 -7.88 -9.92
CA ASP A 32 4.49 -8.78 -9.20
C ASP A 32 3.75 -9.64 -8.21
N LEU A 33 2.81 -9.06 -7.42
CA LEU A 33 2.14 -9.87 -6.42
C LEU A 33 0.84 -10.40 -6.97
N GLY A 34 0.29 -9.78 -8.03
CA GLY A 34 -0.95 -10.26 -8.59
C GLY A 34 -2.07 -9.96 -7.63
N ALA A 35 -2.07 -8.75 -7.02
CA ALA A 35 -3.12 -8.42 -6.09
C ALA A 35 -4.29 -7.94 -6.88
N ASP A 36 -5.49 -8.41 -6.49
CA ASP A 36 -6.69 -8.02 -7.17
C ASP A 36 -7.22 -6.81 -6.46
N SER A 37 -8.44 -6.38 -6.82
CA SER A 37 -9.04 -5.23 -6.19
C SER A 37 -9.43 -5.58 -4.77
N LEU A 38 -9.48 -6.88 -4.42
CA LEU A 38 -9.85 -7.27 -3.10
C LEU A 38 -8.74 -6.93 -2.13
N ASP A 39 -7.47 -7.18 -2.51
CA ASP A 39 -6.37 -6.91 -1.61
C ASP A 39 -5.92 -5.48 -1.74
N LEU A 40 -6.28 -4.79 -2.85
CA LEU A 40 -5.86 -3.41 -3.00
C LEU A 40 -6.84 -2.50 -2.30
N VAL A 41 -8.16 -2.79 -2.39
CA VAL A 41 -9.16 -1.97 -1.74
C VAL A 41 -9.10 -2.20 -0.26
N GLU A 42 -8.93 -3.48 0.16
CA GLU A 42 -8.87 -3.81 1.57
C GLU A 42 -7.59 -3.26 2.17
N LEU A 43 -6.48 -3.30 1.40
CA LEU A 43 -5.21 -2.81 1.91
C LEU A 43 -5.32 -1.32 2.13
N VAL A 44 -5.98 -0.60 1.19
CA VAL A 44 -6.12 0.83 1.36
C VAL A 44 -7.17 1.08 2.40
N MET A 45 -8.05 0.07 2.64
CA MET A 45 -9.07 0.21 3.65
C MET A 45 -8.37 0.22 4.99
N SER A 46 -7.32 -0.63 5.13
CA SER A 46 -6.57 -0.72 6.35
C SER A 46 -5.68 0.49 6.47
N PHE A 47 -5.32 1.09 5.32
CA PHE A 47 -4.47 2.25 5.32
C PHE A 47 -5.25 3.41 5.89
N GLU A 48 -6.57 3.47 5.59
CA GLU A 48 -7.40 4.54 6.09
C GLU A 48 -7.60 4.39 7.58
N ASN A 49 -7.72 3.15 8.07
CA ASN A 49 -7.95 2.94 9.48
C ASN A 49 -6.70 3.26 10.28
N ASP A 50 -5.50 2.92 9.77
CA ASP A 50 -4.29 3.14 10.54
C ASP A 50 -3.74 4.54 10.36
N PHE A 51 -3.93 5.19 9.19
CA PHE A 51 -3.37 6.52 9.01
C PHE A 51 -4.43 7.55 9.27
N ASP A 52 -5.72 7.15 9.19
CA ASP A 52 -6.81 8.07 9.44
C ASP A 52 -6.95 9.05 8.30
N ILE A 53 -6.75 8.62 7.03
CA ILE A 53 -6.92 9.57 5.95
C ILE A 53 -7.87 8.96 4.95
N THR A 54 -8.32 9.79 3.98
CA THR A 54 -9.26 9.30 3.00
C THR A 54 -8.59 9.28 1.66
N ILE A 55 -8.97 8.29 0.83
CA ILE A 55 -8.39 8.18 -0.48
C ILE A 55 -9.50 7.93 -1.46
N PRO A 56 -9.53 8.75 -2.47
CA PRO A 56 -10.50 8.65 -3.53
C PRO A 56 -10.06 7.71 -4.61
N ASP A 57 -10.91 7.49 -5.63
CA ASP A 57 -10.56 6.60 -6.70
C ASP A 57 -9.72 7.38 -7.69
N GLU A 58 -9.70 8.73 -7.56
CA GLU A 58 -8.92 9.54 -8.45
C GLU A 58 -7.45 9.23 -8.22
N ASP A 59 -7.05 9.03 -6.95
CA ASP A 59 -5.67 8.72 -6.66
C ASP A 59 -5.56 7.24 -6.40
N SER A 60 -6.72 6.55 -6.26
CA SER A 60 -6.74 5.12 -6.03
C SER A 60 -6.21 4.43 -7.26
N ASN A 61 -6.58 4.95 -8.44
CA ASN A 61 -6.18 4.33 -9.68
C ASN A 61 -4.72 4.66 -9.98
N GLU A 62 -4.02 5.40 -9.08
CA GLU A 62 -2.65 5.76 -9.34
C GLU A 62 -1.72 4.81 -8.61
N ILE A 63 -2.22 4.14 -7.55
CA ILE A 63 -1.39 3.25 -6.79
C ILE A 63 -1.16 2.02 -7.62
N THR A 64 0.12 1.78 -7.96
CA THR A 64 0.45 0.64 -8.76
C THR A 64 1.67 -0.03 -8.20
N THR A 65 2.52 0.71 -7.48
CA THR A 65 3.72 0.15 -6.93
C THR A 65 3.75 0.46 -5.46
N VAL A 66 4.73 -0.14 -4.74
CA VAL A 66 4.84 0.07 -3.32
C VAL A 66 5.12 1.53 -3.08
N GLN A 67 5.96 2.14 -3.94
CA GLN A 67 6.28 3.55 -3.78
C GLN A 67 5.03 4.40 -3.96
N SER A 68 4.02 3.94 -4.74
CA SER A 68 2.81 4.76 -4.89
C SER A 68 2.13 4.82 -3.56
N ALA A 69 2.07 3.66 -2.84
CA ALA A 69 1.41 3.60 -1.55
C ALA A 69 2.14 4.45 -0.52
N ILE A 70 3.50 4.36 -0.44
CA ILE A 70 4.24 5.09 0.58
C ILE A 70 4.33 6.55 0.26
N ASP A 71 4.62 6.91 -1.01
CA ASP A 71 4.78 8.31 -1.36
C ASP A 71 3.49 9.07 -1.14
N TYR A 72 2.36 8.50 -1.59
CA TYR A 72 1.10 9.19 -1.46
C TYR A 72 0.64 9.28 -0.03
N VAL A 73 0.85 8.23 0.81
CA VAL A 73 0.37 8.30 2.18
C VAL A 73 1.33 9.07 3.05
N THR A 74 2.61 9.16 2.66
CA THR A 74 3.56 9.86 3.48
C THR A 74 3.29 11.33 3.43
N LYS A 75 2.86 11.87 2.25
CA LYS A 75 2.57 13.28 2.18
C LYS A 75 1.13 13.50 2.60
N LYS A 76 0.29 12.45 2.59
CA LYS A 76 -1.11 12.64 2.97
C LYS A 76 -1.28 12.50 4.46
N LEU A 77 -0.22 12.05 5.20
CA LEU A 77 -0.35 11.91 6.63
C LEU A 77 -0.52 13.29 7.22
N GLY A 78 0.28 14.26 6.75
CA GLY A 78 0.17 15.60 7.28
C GLY A 78 1.39 16.39 6.80
N ASP A 3 7.65 5.75 12.31
CA ASP A 3 7.95 4.47 11.61
C ASP A 3 6.92 4.19 10.55
N ILE A 4 6.90 5.02 9.48
CA ILE A 4 5.95 4.81 8.40
C ILE A 4 6.47 3.72 7.51
N GLU A 5 7.82 3.55 7.47
CA GLU A 5 8.43 2.56 6.62
C GLU A 5 8.05 1.16 7.05
N GLN A 6 7.98 0.88 8.38
CA GLN A 6 7.68 -0.45 8.81
C GLN A 6 6.19 -0.70 8.84
N ARG A 7 5.34 0.36 8.99
CA ARG A 7 3.91 0.11 9.01
C ARG A 7 3.45 -0.28 7.63
N VAL A 8 3.98 0.39 6.58
CA VAL A 8 3.55 0.11 5.24
C VAL A 8 4.03 -1.25 4.79
N LYS A 9 5.33 -1.55 5.05
CA LYS A 9 5.89 -2.80 4.61
C LYS A 9 5.29 -3.94 5.40
N GLN A 10 4.99 -3.73 6.71
CA GLN A 10 4.45 -4.80 7.52
C GLN A 10 3.04 -5.13 7.09
N ALA A 11 2.24 -4.11 6.72
CA ALA A 11 0.87 -4.33 6.33
C ALA A 11 0.79 -5.16 5.06
N VAL A 12 1.66 -4.89 4.06
CA VAL A 12 1.57 -5.64 2.81
C VAL A 12 2.09 -7.04 3.03
N ALA A 13 3.23 -7.17 3.77
CA ALA A 13 3.80 -8.47 4.02
C ALA A 13 2.87 -9.31 4.84
N GLU A 14 2.20 -8.71 5.83
CA GLU A 14 1.31 -9.48 6.68
C GLU A 14 0.04 -9.83 5.95
N GLN A 15 -0.52 -8.90 5.15
CA GLN A 15 -1.77 -9.17 4.49
C GLN A 15 -1.64 -10.27 3.45
N LEU A 16 -0.53 -10.29 2.67
CA LEU A 16 -0.43 -11.27 1.60
C LEU A 16 0.50 -12.40 1.96
N GLY A 17 1.20 -12.35 3.12
CA GLY A 17 2.08 -13.44 3.48
C GLY A 17 3.41 -13.28 2.78
N LEU A 18 3.79 -12.03 2.44
CA LEU A 18 5.05 -11.81 1.77
C LEU A 18 6.03 -11.29 2.79
N LYS A 19 7.26 -10.91 2.34
CA LYS A 19 8.25 -10.41 3.26
C LYS A 19 8.49 -8.94 2.98
N ALA A 20 8.62 -8.16 4.08
CA ALA A 20 8.86 -6.73 4.00
C ALA A 20 10.15 -6.44 3.27
N GLU A 21 11.20 -7.26 3.50
CA GLU A 21 12.46 -7.02 2.84
C GLU A 21 12.36 -7.32 1.37
N GLU A 22 11.47 -8.25 0.97
CA GLU A 22 11.34 -8.58 -0.43
C GLU A 22 10.55 -7.49 -1.11
N ILE A 23 9.82 -6.65 -0.33
CA ILE A 23 9.04 -5.58 -0.93
C ILE A 23 9.95 -4.43 -1.32
N LYS A 24 9.91 -4.06 -2.63
CA LYS A 24 10.71 -2.99 -3.16
C LYS A 24 9.82 -1.81 -3.38
N ASN A 25 10.40 -0.60 -3.57
CA ASN A 25 9.60 0.57 -3.83
C ASN A 25 9.27 0.62 -5.30
N GLU A 26 9.95 -0.21 -6.12
CA GLU A 26 9.67 -0.22 -7.54
C GLU A 26 8.93 -1.49 -7.87
N ALA A 27 8.31 -2.13 -6.86
CA ALA A 27 7.61 -3.37 -7.11
C ALA A 27 6.17 -3.07 -7.39
N SER A 28 5.69 -3.53 -8.57
CA SER A 28 4.31 -3.34 -8.93
C SER A 28 3.48 -4.29 -8.11
N PHE A 29 2.31 -3.81 -7.68
CA PHE A 29 1.42 -4.60 -6.85
C PHE A 29 0.76 -5.69 -7.68
N MET A 30 0.11 -5.31 -8.81
CA MET A 30 -0.58 -6.28 -9.63
C MET A 30 0.36 -7.13 -10.45
N ASP A 31 1.44 -6.51 -11.00
CA ASP A 31 2.35 -7.24 -11.86
C ASP A 31 3.15 -8.27 -11.09
N ASP A 32 3.61 -7.95 -9.86
CA ASP A 32 4.45 -8.90 -9.17
C ASP A 32 3.67 -9.73 -8.17
N LEU A 33 2.88 -9.09 -7.30
CA LEU A 33 2.16 -9.85 -6.30
C LEU A 33 0.88 -10.40 -6.86
N GLY A 34 0.36 -9.79 -7.95
CA GLY A 34 -0.87 -10.27 -8.53
C GLY A 34 -2.01 -9.94 -7.61
N ALA A 35 -1.99 -8.72 -7.01
CA ALA A 35 -3.05 -8.35 -6.11
C ALA A 35 -4.21 -7.89 -6.93
N ASP A 36 -5.42 -8.34 -6.55
CA ASP A 36 -6.60 -7.94 -7.27
C ASP A 36 -7.16 -6.74 -6.55
N SER A 37 -8.38 -6.33 -6.93
CA SER A 37 -9.00 -5.18 -6.30
C SER A 37 -9.43 -5.53 -4.90
N LEU A 38 -9.47 -6.83 -4.55
CA LEU A 38 -9.88 -7.23 -3.22
C LEU A 38 -8.78 -6.88 -2.24
N ASP A 39 -7.50 -7.13 -2.60
CA ASP A 39 -6.42 -6.86 -1.67
C ASP A 39 -5.96 -5.44 -1.83
N LEU A 40 -6.30 -4.76 -2.94
CA LEU A 40 -5.88 -3.39 -3.11
C LEU A 40 -6.85 -2.47 -2.41
N VAL A 41 -8.18 -2.74 -2.50
CA VAL A 41 -9.16 -1.89 -1.87
C VAL A 41 -9.12 -2.13 -0.38
N GLU A 42 -8.99 -3.41 0.04
CA GLU A 42 -8.93 -3.75 1.45
C GLU A 42 -7.66 -3.22 2.06
N LEU A 43 -6.54 -3.23 1.30
CA LEU A 43 -5.30 -2.74 1.82
C LEU A 43 -5.43 -1.26 2.08
N VAL A 44 -6.12 -0.54 1.15
CA VAL A 44 -6.31 0.89 1.34
C VAL A 44 -7.28 1.06 2.48
N MET A 45 -8.21 0.10 2.64
CA MET A 45 -9.19 0.16 3.70
C MET A 45 -8.46 0.14 5.01
N SER A 46 -7.43 -0.73 5.12
CA SER A 46 -6.66 -0.84 6.33
C SER A 46 -5.82 0.39 6.52
N PHE A 47 -5.31 0.96 5.39
CA PHE A 47 -4.47 2.13 5.44
C PHE A 47 -5.27 3.31 5.92
N GLU A 48 -6.56 3.39 5.53
CA GLU A 48 -7.39 4.50 5.94
C GLU A 48 -7.66 4.45 7.41
N ASN A 49 -7.87 3.25 7.99
CA ASN A 49 -8.16 3.16 9.41
C ASN A 49 -6.93 3.43 10.24
N ASP A 50 -5.77 2.81 9.85
CA ASP A 50 -4.55 2.96 10.63
C ASP A 50 -3.94 4.34 10.51
N PHE A 51 -3.95 4.94 9.29
CA PHE A 51 -3.31 6.24 9.14
C PHE A 51 -4.32 7.34 9.31
N ASP A 52 -5.63 6.99 9.21
CA ASP A 52 -6.68 7.97 9.40
C ASP A 52 -6.82 8.88 8.20
N ILE A 53 -6.54 8.40 6.96
CA ILE A 53 -6.71 9.29 5.84
C ILE A 53 -7.83 8.75 5.00
N THR A 54 -8.14 9.45 3.90
CA THR A 54 -9.19 9.01 3.03
C THR A 54 -8.64 9.07 1.63
N ILE A 55 -8.74 7.94 0.89
CA ILE A 55 -8.24 7.94 -0.46
C ILE A 55 -9.37 7.58 -1.37
N PRO A 56 -9.57 8.43 -2.35
CA PRO A 56 -10.59 8.24 -3.35
C PRO A 56 -10.13 7.31 -4.44
N ASP A 57 -10.98 7.08 -5.45
CA ASP A 57 -10.61 6.21 -6.54
C ASP A 57 -9.77 7.01 -7.51
N GLU A 58 -9.85 8.36 -7.39
CA GLU A 58 -9.09 9.21 -8.27
C GLU A 58 -7.62 9.00 -7.98
N ASP A 59 -7.26 8.83 -6.68
CA ASP A 59 -5.88 8.64 -6.34
C ASP A 59 -5.63 7.15 -6.13
N SER A 60 -6.68 6.32 -6.07
CA SER A 60 -6.47 4.90 -5.88
C SER A 60 -6.14 4.29 -7.22
N ASN A 61 -6.38 5.04 -8.32
CA ASN A 61 -6.09 4.51 -9.62
C ASN A 61 -4.65 4.82 -9.97
N GLU A 62 -3.90 5.45 -9.03
CA GLU A 62 -2.52 5.78 -9.32
C GLU A 62 -1.61 4.89 -8.52
N ILE A 63 -2.17 4.12 -7.57
CA ILE A 63 -1.35 3.25 -6.76
C ILE A 63 -1.10 2.03 -7.57
N THR A 64 0.17 1.82 -7.94
CA THR A 64 0.51 0.67 -8.74
C THR A 64 1.76 0.03 -8.20
N THR A 65 2.56 0.77 -7.42
CA THR A 65 3.77 0.22 -6.88
C THR A 65 3.80 0.51 -5.41
N VAL A 66 4.79 -0.09 -4.70
CA VAL A 66 4.90 0.12 -3.27
C VAL A 66 5.17 1.58 -3.04
N GLN A 67 6.01 2.19 -3.91
CA GLN A 67 6.32 3.61 -3.77
C GLN A 67 5.07 4.44 -3.93
N SER A 68 4.05 3.97 -4.68
CA SER A 68 2.83 4.78 -4.82
C SER A 68 2.17 4.86 -3.46
N ALA A 69 2.14 3.72 -2.73
CA ALA A 69 1.53 3.67 -1.41
C ALA A 69 2.30 4.53 -0.41
N ILE A 70 3.65 4.46 -0.41
CA ILE A 70 4.44 5.20 0.57
C ILE A 70 4.48 6.67 0.23
N ASP A 71 4.70 7.02 -1.05
CA ASP A 71 4.83 8.42 -1.43
C ASP A 71 3.54 9.18 -1.19
N TYR A 72 2.40 8.60 -1.61
CA TYR A 72 1.13 9.30 -1.46
C TYR A 72 0.70 9.38 -0.02
N VAL A 73 0.93 8.34 0.81
CA VAL A 73 0.48 8.39 2.19
C VAL A 73 1.47 9.18 3.02
N THR A 74 2.75 9.27 2.58
CA THR A 74 3.72 10.00 3.37
C THR A 74 3.39 11.48 3.29
N LYS A 75 2.85 11.95 2.14
CA LYS A 75 2.50 13.35 2.04
C LYS A 75 1.10 13.54 2.59
N LYS A 76 0.31 12.44 2.70
CA LYS A 76 -1.04 12.55 3.21
C LYS A 76 -1.06 12.42 4.71
N LEU A 77 0.08 12.00 5.33
CA LEU A 77 0.12 11.87 6.77
C LEU A 77 0.01 13.24 7.38
N GLY A 78 0.78 14.21 6.86
CA GLY A 78 0.73 15.55 7.40
C GLY A 78 2.13 16.13 7.32
N ASP A 3 7.79 5.92 12.33
CA ASP A 3 7.98 4.52 11.83
C ASP A 3 6.96 4.19 10.77
N ILE A 4 6.93 4.99 9.68
CA ILE A 4 5.99 4.75 8.61
C ILE A 4 6.54 3.65 7.73
N GLU A 5 7.88 3.44 7.77
CA GLU A 5 8.51 2.45 6.94
C GLU A 5 8.06 1.05 7.32
N GLN A 6 7.92 0.76 8.63
CA GLN A 6 7.55 -0.58 9.04
C GLN A 6 6.05 -0.77 8.99
N ARG A 7 5.24 0.29 9.14
CA ARG A 7 3.80 0.08 9.10
C ARG A 7 3.37 -0.28 7.71
N VAL A 8 3.93 0.39 6.68
CA VAL A 8 3.53 0.14 5.32
C VAL A 8 4.04 -1.21 4.86
N LYS A 9 5.32 -1.51 5.14
CA LYS A 9 5.89 -2.76 4.68
C LYS A 9 5.29 -3.92 5.44
N GLN A 10 4.95 -3.74 6.74
CA GLN A 10 4.40 -4.83 7.52
C GLN A 10 3.02 -5.17 7.05
N ALA A 11 2.20 -4.15 6.70
CA ALA A 11 0.84 -4.38 6.27
C ALA A 11 0.80 -5.16 4.98
N VAL A 12 1.69 -4.85 3.99
CA VAL A 12 1.61 -5.56 2.73
C VAL A 12 2.17 -6.94 2.90
N ALA A 13 3.33 -7.09 3.59
CA ALA A 13 3.93 -8.39 3.77
C ALA A 13 3.03 -9.29 4.58
N GLU A 14 2.39 -8.77 5.64
CA GLU A 14 1.55 -9.59 6.46
C GLU A 14 0.27 -9.96 5.75
N GLN A 15 -0.33 -9.02 4.98
CA GLN A 15 -1.58 -9.32 4.32
C GLN A 15 -1.42 -10.39 3.27
N LEU A 16 -0.32 -10.36 2.47
CA LEU A 16 -0.21 -11.33 1.40
C LEU A 16 0.73 -12.47 1.74
N GLY A 17 1.40 -12.44 2.92
CA GLY A 17 2.27 -13.54 3.27
C GLY A 17 3.64 -13.36 2.66
N LEU A 18 4.02 -12.12 2.30
CA LEU A 18 5.33 -11.88 1.73
C LEU A 18 6.21 -11.30 2.81
N LYS A 19 7.45 -10.90 2.43
CA LYS A 19 8.35 -10.35 3.42
C LYS A 19 8.61 -8.89 3.08
N ALA A 20 8.73 -8.07 4.16
CA ALA A 20 8.98 -6.65 4.05
C ALA A 20 10.27 -6.38 3.30
N GLU A 21 11.31 -7.21 3.54
CA GLU A 21 12.58 -7.00 2.88
C GLU A 21 12.47 -7.30 1.41
N GLU A 22 11.57 -8.22 1.02
CA GLU A 22 11.41 -8.54 -0.38
C GLU A 22 10.62 -7.45 -1.06
N ILE A 23 9.90 -6.61 -0.28
CA ILE A 23 9.12 -5.54 -0.86
C ILE A 23 10.03 -4.40 -1.27
N LYS A 24 9.97 -4.03 -2.58
CA LYS A 24 10.78 -2.96 -3.11
C LYS A 24 9.88 -1.77 -3.33
N ASN A 25 10.48 -0.57 -3.57
CA ASN A 25 9.70 0.60 -3.81
C ASN A 25 9.31 0.64 -5.28
N GLU A 26 9.95 -0.22 -6.12
CA GLU A 26 9.63 -0.24 -7.53
C GLU A 26 8.86 -1.51 -7.83
N ALA A 27 8.25 -2.14 -6.80
CA ALA A 27 7.54 -3.38 -7.03
C ALA A 27 6.11 -3.08 -7.32
N SER A 28 5.63 -3.57 -8.48
CA SER A 28 4.25 -3.40 -8.88
C SER A 28 3.42 -4.34 -8.06
N PHE A 29 2.25 -3.85 -7.62
CA PHE A 29 1.35 -4.63 -6.81
C PHE A 29 0.66 -5.70 -7.63
N MET A 30 0.15 -5.34 -8.84
CA MET A 30 -0.58 -6.31 -9.65
C MET A 30 0.37 -7.12 -10.51
N ASP A 31 1.42 -6.48 -11.05
CA ASP A 31 2.32 -7.19 -11.93
C ASP A 31 3.16 -8.20 -11.17
N ASP A 32 3.60 -7.86 -9.94
CA ASP A 32 4.45 -8.76 -9.22
C ASP A 32 3.69 -9.65 -8.26
N LEU A 33 2.71 -9.10 -7.51
CA LEU A 33 2.02 -9.93 -6.54
C LEU A 33 0.72 -10.44 -7.10
N GLY A 34 0.17 -9.79 -8.15
CA GLY A 34 -1.07 -10.24 -8.71
C GLY A 34 -2.19 -9.96 -7.75
N ALA A 35 -2.17 -8.77 -7.10
CA ALA A 35 -3.21 -8.44 -6.16
C ALA A 35 -4.39 -7.96 -6.95
N ASP A 36 -5.59 -8.40 -6.54
CA ASP A 36 -6.78 -7.98 -7.22
C ASP A 36 -7.33 -6.81 -6.47
N SER A 37 -8.57 -6.39 -6.81
CA SER A 37 -9.16 -5.26 -6.15
C SER A 37 -9.54 -5.62 -4.73
N LEU A 38 -9.57 -6.93 -4.39
CA LEU A 38 -9.94 -7.34 -3.06
C LEU A 38 -8.83 -6.98 -2.09
N ASP A 39 -7.55 -7.22 -2.47
CA ASP A 39 -6.46 -6.93 -1.57
C ASP A 39 -6.01 -5.51 -1.73
N LEU A 40 -6.37 -4.85 -2.85
CA LEU A 40 -5.94 -3.49 -3.04
C LEU A 40 -6.90 -2.55 -2.34
N VAL A 41 -8.23 -2.82 -2.40
CA VAL A 41 -9.20 -1.96 -1.74
C VAL A 41 -9.13 -2.19 -0.26
N GLU A 42 -9.00 -3.48 0.17
CA GLU A 42 -8.93 -3.80 1.59
C GLU A 42 -7.66 -3.26 2.18
N LEU A 43 -6.54 -3.29 1.41
CA LEU A 43 -5.29 -2.79 1.92
C LEU A 43 -5.44 -1.31 2.15
N VAL A 44 -6.14 -0.60 1.23
CA VAL A 44 -6.35 0.82 1.39
C VAL A 44 -7.29 1.01 2.55
N MET A 45 -8.25 0.07 2.73
CA MET A 45 -9.19 0.18 3.82
C MET A 45 -8.45 0.14 5.12
N SER A 46 -7.41 -0.74 5.21
CA SER A 46 -6.64 -0.86 6.42
C SER A 46 -5.80 0.39 6.61
N PHE A 47 -5.30 0.94 5.50
CA PHE A 47 -4.45 2.11 5.53
C PHE A 47 -5.26 3.31 5.96
N GLU A 48 -6.54 3.39 5.56
CA GLU A 48 -7.37 4.53 5.90
C GLU A 48 -7.67 4.53 7.38
N ASN A 49 -7.91 3.36 8.00
CA ASN A 49 -8.22 3.35 9.42
C ASN A 49 -6.98 3.60 10.24
N ASP A 50 -5.84 2.99 9.84
CA ASP A 50 -4.60 3.12 10.60
C ASP A 50 -4.01 4.51 10.50
N PHE A 51 -4.04 5.14 9.30
CA PHE A 51 -3.42 6.44 9.16
C PHE A 51 -4.47 7.52 9.28
N ASP A 52 -5.74 7.15 9.10
CA ASP A 52 -6.84 8.09 9.24
C ASP A 52 -6.93 9.01 8.05
N ILE A 53 -6.65 8.54 6.82
CA ILE A 53 -6.80 9.44 5.70
C ILE A 53 -7.92 8.92 4.84
N THR A 54 -8.15 9.62 3.71
CA THR A 54 -9.19 9.22 2.80
C THR A 54 -8.61 9.24 1.42
N ILE A 55 -8.76 8.12 0.69
CA ILE A 55 -8.22 8.08 -0.64
C ILE A 55 -9.32 7.67 -1.58
N PRO A 56 -9.68 8.60 -2.43
CA PRO A 56 -10.68 8.38 -3.45
C PRO A 56 -10.14 7.61 -4.61
N ASP A 57 -11.02 7.18 -5.55
CA ASP A 57 -10.60 6.42 -6.69
C ASP A 57 -9.77 7.30 -7.60
N GLU A 58 -9.80 8.64 -7.41
CA GLU A 58 -9.02 9.52 -8.25
C GLU A 58 -7.55 9.22 -8.07
N ASP A 59 -7.11 8.95 -6.82
CA ASP A 59 -5.72 8.64 -6.60
C ASP A 59 -5.60 7.16 -6.34
N SER A 60 -6.75 6.45 -6.25
CA SER A 60 -6.76 5.03 -6.02
C SER A 60 -6.23 4.35 -7.26
N ASN A 61 -6.59 4.91 -8.43
CA ASN A 61 -6.20 4.32 -9.68
C ASN A 61 -4.74 4.63 -9.97
N GLU A 62 -4.02 5.32 -9.05
CA GLU A 62 -2.64 5.65 -9.31
C GLU A 62 -1.73 4.76 -8.50
N ILE A 63 -2.27 4.00 -7.53
CA ILE A 63 -1.44 3.14 -6.72
C ILE A 63 -1.16 1.92 -7.53
N THR A 64 0.12 1.72 -7.89
CA THR A 64 0.48 0.57 -8.66
C THR A 64 1.75 -0.03 -8.15
N THR A 65 2.54 0.74 -7.37
CA THR A 65 3.77 0.22 -6.85
C THR A 65 3.82 0.52 -5.37
N VAL A 66 4.82 -0.07 -4.67
CA VAL A 66 4.94 0.15 -3.26
C VAL A 66 5.19 1.62 -3.03
N GLN A 67 6.02 2.25 -3.90
CA GLN A 67 6.29 3.67 -3.75
C GLN A 67 5.02 4.48 -3.92
N SER A 68 4.00 3.98 -4.66
CA SER A 68 2.77 4.76 -4.80
C SER A 68 2.13 4.84 -3.44
N ALA A 69 2.14 3.71 -2.70
CA ALA A 69 1.55 3.67 -1.37
C ALA A 69 2.34 4.51 -0.38
N ILE A 70 3.70 4.44 -0.40
CA ILE A 70 4.51 5.18 0.56
C ILE A 70 4.56 6.65 0.25
N ASP A 71 4.79 7.02 -1.03
CA ASP A 71 4.93 8.43 -1.37
C ASP A 71 3.63 9.17 -1.14
N TYR A 72 2.50 8.61 -1.59
CA TYR A 72 1.23 9.29 -1.47
C TYR A 72 0.76 9.36 -0.03
N VAL A 73 0.97 8.30 0.78
CA VAL A 73 0.48 8.33 2.14
C VAL A 73 1.47 9.05 3.03
N THR A 74 2.75 9.13 2.64
CA THR A 74 3.71 9.80 3.50
C THR A 74 3.46 11.29 3.46
N LYS A 75 2.99 11.82 2.30
CA LYS A 75 2.72 13.23 2.24
C LYS A 75 1.30 13.47 2.70
N LYS A 76 0.45 12.41 2.68
CA LYS A 76 -0.94 12.56 3.10
C LYS A 76 -1.04 12.44 4.60
N LEU A 77 0.00 11.91 5.28
CA LEU A 77 -0.06 11.76 6.72
C LEU A 77 -0.06 13.14 7.34
N GLY A 78 0.80 14.05 6.81
CA GLY A 78 0.84 15.38 7.36
C GLY A 78 2.29 15.86 7.29
N ASP A 3 7.71 5.95 12.30
CA ASP A 3 7.96 4.60 11.72
C ASP A 3 6.94 4.27 10.67
N ILE A 4 6.90 5.06 9.58
CA ILE A 4 5.96 4.82 8.50
C ILE A 4 6.50 3.71 7.63
N GLU A 5 7.84 3.52 7.65
CA GLU A 5 8.45 2.51 6.81
C GLU A 5 8.04 1.11 7.22
N GLN A 6 7.94 0.84 8.54
CA GLN A 6 7.61 -0.51 8.98
C GLN A 6 6.12 -0.73 8.96
N ARG A 7 5.27 0.32 9.10
CA ARG A 7 3.84 0.07 9.09
C ARG A 7 3.39 -0.30 7.71
N VAL A 8 3.94 0.37 6.68
CA VAL A 8 3.53 0.09 5.31
C VAL A 8 4.04 -1.25 4.87
N LYS A 9 5.33 -1.55 5.12
CA LYS A 9 5.90 -2.79 4.67
C LYS A 9 5.32 -3.95 5.46
N GLN A 10 5.01 -3.75 6.77
CA GLN A 10 4.49 -4.85 7.57
C GLN A 10 3.10 -5.19 7.12
N ALA A 11 2.27 -4.19 6.77
CA ALA A 11 0.91 -4.43 6.37
C ALA A 11 0.84 -5.22 5.08
N VAL A 12 1.70 -4.91 4.08
CA VAL A 12 1.63 -5.63 2.82
C VAL A 12 2.16 -7.02 3.00
N ALA A 13 3.31 -7.16 3.71
CA ALA A 13 3.90 -8.47 3.90
C ALA A 13 2.98 -9.34 4.73
N GLU A 14 2.33 -8.78 5.75
CA GLU A 14 1.47 -9.57 6.59
C GLU A 14 0.19 -9.93 5.88
N GLN A 15 -0.38 -8.99 5.10
CA GLN A 15 -1.64 -9.26 4.45
C GLN A 15 -1.51 -10.34 3.39
N LEU A 16 -0.42 -10.35 2.59
CA LEU A 16 -0.33 -11.31 1.52
C LEU A 16 0.61 -12.45 1.85
N GLY A 17 1.31 -12.41 3.00
CA GLY A 17 2.19 -13.51 3.34
C GLY A 17 3.54 -13.32 2.67
N LEU A 18 3.91 -12.07 2.33
CA LEU A 18 5.18 -11.82 1.71
C LEU A 18 6.12 -11.29 2.76
N LYS A 19 7.35 -10.88 2.35
CA LYS A 19 8.29 -10.37 3.30
C LYS A 19 8.56 -8.91 3.01
N ALA A 20 8.72 -8.12 4.09
CA ALA A 20 8.98 -6.69 4.01
C ALA A 20 10.25 -6.41 3.23
N GLU A 21 11.30 -7.25 3.43
CA GLU A 21 12.55 -7.04 2.73
C GLU A 21 12.39 -7.33 1.26
N GLU A 22 11.47 -8.26 0.90
CA GLU A 22 11.29 -8.58 -0.49
C GLU A 22 10.50 -7.47 -1.16
N ILE A 23 9.81 -6.63 -0.35
CA ILE A 23 9.03 -5.54 -0.91
C ILE A 23 9.97 -4.45 -1.40
N LYS A 24 9.86 -4.11 -2.71
CA LYS A 24 10.70 -3.09 -3.31
C LYS A 24 9.87 -1.86 -3.52
N ASN A 25 10.55 -0.69 -3.68
CA ASN A 25 9.87 0.56 -3.91
C ASN A 25 9.34 0.58 -5.32
N GLU A 26 10.01 -0.15 -6.25
CA GLU A 26 9.57 -0.14 -7.64
C GLU A 26 8.84 -1.43 -7.95
N ALA A 27 8.30 -2.11 -6.93
CA ALA A 27 7.63 -3.36 -7.17
C ALA A 27 6.17 -3.09 -7.40
N SER A 28 5.67 -3.56 -8.57
CA SER A 28 4.27 -3.40 -8.90
C SER A 28 3.47 -4.34 -8.06
N PHE A 29 2.30 -3.86 -7.59
CA PHE A 29 1.43 -4.65 -6.76
C PHE A 29 0.74 -5.72 -7.57
N MET A 30 0.20 -5.37 -8.76
CA MET A 30 -0.53 -6.34 -9.56
C MET A 30 0.40 -7.15 -10.43
N ASP A 31 1.44 -6.51 -11.00
CA ASP A 31 2.33 -7.22 -11.89
C ASP A 31 3.19 -8.21 -11.14
N ASP A 32 3.64 -7.86 -9.91
CA ASP A 32 4.52 -8.75 -9.20
C ASP A 32 3.78 -9.62 -8.20
N LEU A 33 2.84 -9.06 -7.41
CA LEU A 33 2.18 -9.87 -6.41
C LEU A 33 0.89 -10.42 -6.95
N GLY A 34 0.33 -9.80 -8.02
CA GLY A 34 -0.91 -10.31 -8.57
C GLY A 34 -2.03 -10.02 -7.61
N ALA A 35 -2.05 -8.80 -7.01
CA ALA A 35 -3.09 -8.47 -6.09
C ALA A 35 -4.28 -8.01 -6.88
N ASP A 36 -5.47 -8.48 -6.49
CA ASP A 36 -6.66 -8.09 -7.18
C ASP A 36 -7.22 -6.89 -6.47
N SER A 37 -8.46 -6.48 -6.82
CA SER A 37 -9.07 -5.34 -6.19
C SER A 37 -9.45 -5.67 -4.77
N LEU A 38 -9.46 -6.97 -4.41
CA LEU A 38 -9.83 -7.35 -3.07
C LEU A 38 -8.72 -7.00 -2.11
N ASP A 39 -7.44 -7.22 -2.51
CA ASP A 39 -6.34 -6.92 -1.61
C ASP A 39 -5.93 -5.48 -1.76
N LEU A 40 -6.30 -4.81 -2.87
CA LEU A 40 -5.92 -3.43 -3.04
C LEU A 40 -6.92 -2.53 -2.35
N VAL A 41 -8.23 -2.86 -2.43
CA VAL A 41 -9.24 -2.03 -1.79
C VAL A 41 -9.19 -2.25 -0.30
N GLU A 42 -9.00 -3.52 0.13
CA GLU A 42 -8.93 -3.83 1.54
C GLU A 42 -7.67 -3.27 2.14
N LEU A 43 -6.55 -3.29 1.39
CA LEU A 43 -5.30 -2.79 1.91
C LEU A 43 -5.41 -1.31 2.12
N VAL A 44 -6.07 -0.59 1.16
CA VAL A 44 -6.21 0.84 1.32
C VAL A 44 -7.30 1.10 2.33
N MET A 45 -8.19 0.11 2.56
CA MET A 45 -9.24 0.26 3.53
C MET A 45 -8.58 0.28 4.90
N SER A 46 -7.57 -0.60 5.07
CA SER A 46 -6.87 -0.70 6.32
C SER A 46 -5.96 0.49 6.47
N PHE A 47 -5.52 1.08 5.33
CA PHE A 47 -4.64 2.23 5.37
C PHE A 47 -5.41 3.42 5.87
N GLU A 48 -6.72 3.52 5.52
CA GLU A 48 -7.53 4.63 5.96
C GLU A 48 -7.77 4.55 7.45
N ASN A 49 -8.00 3.34 7.99
CA ASN A 49 -8.26 3.23 9.42
C ASN A 49 -6.99 3.44 10.22
N ASP A 50 -5.85 2.87 9.76
CA ASP A 50 -4.61 2.97 10.50
C ASP A 50 -4.00 4.36 10.44
N PHE A 51 -4.05 5.03 9.26
CA PHE A 51 -3.41 6.34 9.17
C PHE A 51 -4.43 7.43 9.33
N ASP A 52 -5.73 7.09 9.21
CA ASP A 52 -6.79 8.06 9.40
C ASP A 52 -6.91 8.99 8.21
N ILE A 53 -6.65 8.53 6.97
CA ILE A 53 -6.82 9.45 5.86
C ILE A 53 -7.94 8.93 5.01
N THR A 54 -8.14 9.57 3.85
CA THR A 54 -9.19 9.16 2.94
C THR A 54 -8.55 9.03 1.60
N ILE A 55 -8.74 7.88 0.93
CA ILE A 55 -8.15 7.71 -0.37
C ILE A 55 -9.24 7.51 -1.38
N PRO A 56 -9.45 8.52 -2.18
CA PRO A 56 -10.43 8.48 -3.25
C PRO A 56 -9.94 7.71 -4.43
N ASP A 57 -10.86 7.35 -5.36
CA ASP A 57 -10.47 6.59 -6.54
C ASP A 57 -9.67 7.46 -7.48
N GLU A 58 -9.69 8.79 -7.27
CA GLU A 58 -8.95 9.69 -8.14
C GLU A 58 -7.48 9.34 -8.06
N ASP A 59 -6.95 9.10 -6.82
CA ASP A 59 -5.56 8.76 -6.68
C ASP A 59 -5.45 7.29 -6.37
N SER A 60 -6.61 6.60 -6.22
CA SER A 60 -6.61 5.18 -5.93
C SER A 60 -6.16 4.45 -7.16
N ASN A 61 -6.57 4.96 -8.33
CA ASN A 61 -6.22 4.31 -9.58
C ASN A 61 -4.77 4.60 -9.94
N GLU A 62 -4.03 5.33 -9.06
CA GLU A 62 -2.65 5.64 -9.38
C GLU A 62 -1.73 4.75 -8.58
N ILE A 63 -2.25 4.04 -7.55
CA ILE A 63 -1.40 3.20 -6.75
C ILE A 63 -1.16 1.96 -7.55
N THR A 64 0.12 1.74 -7.90
CA THR A 64 0.46 0.57 -8.67
C THR A 64 1.72 -0.05 -8.14
N THR A 65 2.53 0.71 -7.38
CA THR A 65 3.75 0.19 -6.85
C THR A 65 3.78 0.48 -5.38
N VAL A 66 4.77 -0.12 -4.67
CA VAL A 66 4.88 0.09 -3.25
C VAL A 66 5.14 1.55 -3.02
N GLN A 67 5.98 2.17 -3.88
CA GLN A 67 6.28 3.57 -3.74
C GLN A 67 5.04 4.41 -3.91
N SER A 68 4.00 3.93 -4.66
CA SER A 68 2.80 4.74 -4.81
C SER A 68 2.14 4.83 -3.45
N ALA A 69 2.11 3.68 -2.72
CA ALA A 69 1.50 3.65 -1.39
C ALA A 69 2.26 4.51 -0.40
N ILE A 70 3.62 4.46 -0.40
CA ILE A 70 4.39 5.20 0.58
C ILE A 70 4.46 6.67 0.23
N ASP A 71 4.69 7.00 -1.06
CA ASP A 71 4.84 8.38 -1.46
C ASP A 71 3.56 9.15 -1.21
N TYR A 72 2.42 8.61 -1.64
CA TYR A 72 1.17 9.31 -1.49
C TYR A 72 0.73 9.38 -0.04
N VAL A 73 0.91 8.29 0.73
CA VAL A 73 0.49 8.29 2.12
C VAL A 73 1.41 9.16 2.94
N THR A 74 2.72 9.20 2.61
CA THR A 74 3.64 9.97 3.41
C THR A 74 3.31 11.45 3.31
N LYS A 75 2.83 11.92 2.14
CA LYS A 75 2.48 13.32 2.03
C LYS A 75 1.08 13.53 2.56
N LYS A 76 0.27 12.44 2.66
CA LYS A 76 -1.09 12.59 3.16
C LYS A 76 -1.11 12.47 4.66
N LEU A 77 -0.04 11.94 5.28
CA LEU A 77 -0.03 11.80 6.72
C LEU A 77 0.00 13.17 7.35
N GLY A 78 0.84 14.07 6.80
CA GLY A 78 0.92 15.40 7.34
C GLY A 78 2.38 15.83 7.30
N ASP A 3 7.69 5.77 12.55
CA ASP A 3 7.97 4.46 11.90
C ASP A 3 6.94 4.14 10.85
N ILE A 4 6.89 4.96 9.77
CA ILE A 4 5.94 4.74 8.71
C ILE A 4 6.49 3.66 7.80
N GLU A 5 7.83 3.47 7.81
CA GLU A 5 8.44 2.49 6.94
C GLU A 5 8.03 1.08 7.31
N GLN A 6 7.93 0.77 8.63
CA GLN A 6 7.58 -0.58 9.03
C GLN A 6 6.09 -0.78 9.01
N ARG A 7 5.26 0.27 9.14
CA ARG A 7 3.82 0.04 9.13
C ARG A 7 3.38 -0.32 7.73
N VAL A 8 3.93 0.36 6.71
CA VAL A 8 3.53 0.10 5.35
C VAL A 8 4.03 -1.25 4.88
N LYS A 9 5.32 -1.54 5.13
CA LYS A 9 5.89 -2.80 4.67
C LYS A 9 5.32 -3.95 5.45
N GLN A 10 4.99 -3.76 6.75
CA GLN A 10 4.46 -4.85 7.54
C GLN A 10 3.07 -5.21 7.09
N ALA A 11 2.25 -4.18 6.75
CA ALA A 11 0.89 -4.43 6.34
C ALA A 11 0.81 -5.20 5.05
N VAL A 12 1.68 -4.90 4.05
CA VAL A 12 1.60 -5.60 2.79
C VAL A 12 2.15 -7.00 2.95
N ALA A 13 3.30 -7.14 3.65
CA ALA A 13 3.90 -8.45 3.83
C ALA A 13 3.01 -9.33 4.65
N GLU A 14 2.37 -8.79 5.70
CA GLU A 14 1.53 -9.60 6.54
C GLU A 14 0.25 -9.97 5.84
N GLN A 15 -0.35 -9.03 5.08
CA GLN A 15 -1.61 -9.31 4.43
C GLN A 15 -1.48 -10.39 3.38
N LEU A 16 -0.39 -10.38 2.56
CA LEU A 16 -0.31 -11.34 1.49
C LEU A 16 0.64 -12.48 1.80
N GLY A 17 1.35 -12.45 2.95
CA GLY A 17 2.25 -13.54 3.27
C GLY A 17 3.59 -13.33 2.60
N LEU A 18 3.94 -12.07 2.28
CA LEU A 18 5.21 -11.81 1.65
C LEU A 18 6.14 -11.28 2.72
N LYS A 19 7.36 -10.85 2.32
CA LYS A 19 8.30 -10.36 3.30
C LYS A 19 8.57 -8.89 3.02
N ALA A 20 8.72 -8.11 4.12
CA ALA A 20 8.98 -6.68 4.06
C ALA A 20 10.27 -6.41 3.31
N GLU A 21 11.31 -7.27 3.50
CA GLU A 21 12.57 -7.04 2.84
C GLU A 21 12.49 -7.46 1.39
N GLU A 22 11.41 -8.16 0.99
CA GLU A 22 11.30 -8.57 -0.38
C GLU A 22 10.51 -7.51 -1.11
N ILE A 23 9.85 -6.61 -0.35
CA ILE A 23 9.06 -5.55 -0.95
C ILE A 23 9.99 -4.44 -1.41
N LYS A 24 9.90 -4.09 -2.71
CA LYS A 24 10.72 -3.04 -3.28
C LYS A 24 9.88 -1.82 -3.49
N ASN A 25 10.55 -0.65 -3.66
CA ASN A 25 9.86 0.60 -3.90
C ASN A 25 9.34 0.60 -5.32
N GLU A 26 10.01 -0.12 -6.24
CA GLU A 26 9.59 -0.13 -7.63
C GLU A 26 8.86 -1.41 -7.94
N ALA A 27 8.31 -2.10 -6.90
CA ALA A 27 7.64 -3.35 -7.15
C ALA A 27 6.18 -3.08 -7.40
N SER A 28 5.69 -3.54 -8.57
CA SER A 28 4.30 -3.38 -8.92
C SER A 28 3.49 -4.34 -8.09
N PHE A 29 2.33 -3.85 -7.63
CA PHE A 29 1.44 -4.63 -6.80
C PHE A 29 0.75 -5.70 -7.62
N MET A 30 0.23 -5.36 -8.82
CA MET A 30 -0.50 -6.32 -9.62
C MET A 30 0.44 -7.14 -10.49
N ASP A 31 1.49 -6.51 -11.04
CA ASP A 31 2.39 -7.22 -11.92
C ASP A 31 3.23 -8.22 -11.15
N ASP A 32 3.68 -7.87 -9.93
CA ASP A 32 4.54 -8.77 -9.20
C ASP A 32 3.79 -9.63 -8.22
N LEU A 33 2.83 -9.07 -7.46
CA LEU A 33 2.14 -9.87 -6.46
C LEU A 33 0.85 -10.40 -7.02
N GLY A 34 0.29 -9.76 -8.06
CA GLY A 34 -0.95 -10.24 -8.62
C GLY A 34 -2.07 -9.95 -7.66
N ALA A 35 -2.07 -8.74 -7.04
CA ALA A 35 -3.11 -8.41 -6.10
C ALA A 35 -4.29 -7.90 -6.88
N ASP A 36 -5.49 -8.35 -6.51
CA ASP A 36 -6.67 -7.90 -7.18
C ASP A 36 -7.20 -6.73 -6.40
N SER A 37 -8.45 -6.31 -6.70
CA SER A 37 -9.02 -5.18 -6.01
C SER A 37 -9.41 -5.59 -4.61
N LEU A 38 -9.44 -6.91 -4.33
CA LEU A 38 -9.82 -7.35 -3.02
C LEU A 38 -8.72 -7.01 -2.03
N ASP A 39 -7.44 -7.22 -2.43
CA ASP A 39 -6.34 -6.94 -1.53
C ASP A 39 -5.92 -5.50 -1.65
N LEU A 40 -6.29 -4.83 -2.77
CA LEU A 40 -5.89 -3.45 -2.92
C LEU A 40 -6.91 -2.54 -2.25
N VAL A 41 -8.22 -2.88 -2.37
CA VAL A 41 -9.26 -2.07 -1.74
C VAL A 41 -9.20 -2.27 -0.25
N GLU A 42 -9.00 -3.53 0.20
CA GLU A 42 -8.93 -3.83 1.61
C GLU A 42 -7.68 -3.26 2.20
N LEU A 43 -6.55 -3.28 1.46
CA LEU A 43 -5.30 -2.77 1.97
C LEU A 43 -5.43 -1.28 2.16
N VAL A 44 -6.08 -0.57 1.20
CA VAL A 44 -6.23 0.85 1.36
C VAL A 44 -7.31 1.11 2.36
N MET A 45 -8.20 0.11 2.59
CA MET A 45 -9.25 0.27 3.56
C MET A 45 -8.60 0.29 4.92
N SER A 46 -7.57 -0.56 5.11
CA SER A 46 -6.87 -0.64 6.37
C SER A 46 -5.96 0.55 6.50
N PHE A 47 -5.54 1.13 5.35
CA PHE A 47 -4.65 2.27 5.37
C PHE A 47 -5.42 3.47 5.90
N GLU A 48 -6.71 3.57 5.54
CA GLU A 48 -7.52 4.69 6.00
C GLU A 48 -7.78 4.57 7.49
N ASN A 49 -8.00 3.33 7.98
CA ASN A 49 -8.31 3.15 9.39
C ASN A 49 -7.08 3.38 10.25
N ASP A 50 -5.88 2.96 9.77
CA ASP A 50 -4.69 3.07 10.59
C ASP A 50 -4.05 4.44 10.46
N PHE A 51 -4.07 5.07 9.28
CA PHE A 51 -3.40 6.35 9.16
C PHE A 51 -4.40 7.47 9.31
N ASP A 52 -5.71 7.15 9.20
CA ASP A 52 -6.76 8.14 9.39
C ASP A 52 -6.87 9.07 8.21
N ILE A 53 -6.61 8.60 6.95
CA ILE A 53 -6.77 9.52 5.84
C ILE A 53 -7.89 8.99 4.99
N THR A 54 -8.09 9.64 3.83
CA THR A 54 -9.13 9.22 2.93
C THR A 54 -8.50 9.09 1.57
N ILE A 55 -8.69 7.92 0.92
CA ILE A 55 -8.11 7.74 -0.38
C ILE A 55 -9.20 7.50 -1.38
N PRO A 56 -9.45 8.51 -2.19
CA PRO A 56 -10.44 8.44 -3.23
C PRO A 56 -9.94 7.67 -4.42
N ASP A 57 -10.86 7.25 -5.32
CA ASP A 57 -10.48 6.49 -6.50
C ASP A 57 -9.73 7.37 -7.47
N GLU A 58 -9.77 8.71 -7.28
CA GLU A 58 -9.06 9.60 -8.18
C GLU A 58 -7.58 9.30 -8.11
N ASP A 59 -7.05 9.04 -6.89
CA ASP A 59 -5.64 8.74 -6.76
C ASP A 59 -5.50 7.28 -6.45
N SER A 60 -6.64 6.58 -6.27
CA SER A 60 -6.63 5.15 -5.99
C SER A 60 -6.16 4.43 -7.21
N ASN A 61 -6.58 4.92 -8.39
CA ASN A 61 -6.24 4.28 -9.63
C ASN A 61 -4.78 4.57 -9.98
N GLU A 62 -4.05 5.32 -9.11
CA GLU A 62 -2.67 5.64 -9.43
C GLU A 62 -1.74 4.76 -8.63
N ILE A 63 -2.26 4.04 -7.61
CA ILE A 63 -1.40 3.19 -6.82
C ILE A 63 -1.13 1.97 -7.63
N THR A 64 0.14 1.76 -7.96
CA THR A 64 0.50 0.60 -8.74
C THR A 64 1.75 -0.02 -8.19
N THR A 65 2.56 0.74 -7.43
CA THR A 65 3.77 0.21 -6.89
C THR A 65 3.78 0.50 -5.42
N VAL A 66 4.77 -0.11 -4.71
CA VAL A 66 4.86 0.09 -3.28
C VAL A 66 5.13 1.55 -3.04
N GLN A 67 5.96 2.18 -3.90
CA GLN A 67 6.26 3.58 -3.74
C GLN A 67 5.02 4.43 -3.93
N SER A 68 3.99 3.94 -4.68
CA SER A 68 2.78 4.75 -4.83
C SER A 68 2.12 4.83 -3.48
N ALA A 69 2.09 3.69 -2.75
CA ALA A 69 1.48 3.63 -1.43
C ALA A 69 2.24 4.50 -0.43
N ILE A 70 3.59 4.45 -0.43
CA ILE A 70 4.35 5.20 0.56
C ILE A 70 4.43 6.66 0.20
N ASP A 71 4.69 7.00 -1.08
CA ASP A 71 4.84 8.39 -1.46
C ASP A 71 3.56 9.16 -1.24
N TYR A 72 2.42 8.60 -1.68
CA TYR A 72 1.16 9.31 -1.56
C TYR A 72 0.65 9.34 -0.13
N VAL A 73 0.87 8.27 0.66
CA VAL A 73 0.35 8.25 2.01
C VAL A 73 1.28 8.99 2.94
N THR A 74 2.59 9.11 2.60
CA THR A 74 3.49 9.81 3.48
C THR A 74 3.24 11.29 3.37
N LYS A 75 2.85 11.75 2.16
CA LYS A 75 2.56 13.16 1.97
C LYS A 75 1.20 13.44 2.56
N LYS A 76 0.31 12.42 2.57
CA LYS A 76 -1.04 12.61 3.10
C LYS A 76 -1.05 12.45 4.59
N LEU A 77 0.00 11.84 5.19
CA LEU A 77 0.03 11.66 6.63
C LEU A 77 0.15 13.02 7.28
N GLY A 78 1.02 13.88 6.74
CA GLY A 78 1.18 15.19 7.31
C GLY A 78 2.68 15.47 7.42
N ASP A 3 7.75 5.83 12.28
CA ASP A 3 8.02 4.49 11.66
C ASP A 3 6.98 4.17 10.61
N ILE A 4 6.91 5.00 9.56
CA ILE A 4 5.94 4.77 8.50
C ILE A 4 6.48 3.69 7.59
N GLU A 5 7.82 3.51 7.57
CA GLU A 5 8.43 2.52 6.70
C GLU A 5 8.04 1.12 7.10
N GLN A 6 7.97 0.82 8.41
CA GLN A 6 7.66 -0.54 8.83
C GLN A 6 6.16 -0.74 8.89
N ARG A 7 5.34 0.31 9.02
CA ARG A 7 3.90 0.09 9.07
C ARG A 7 3.41 -0.30 7.71
N VAL A 8 3.92 0.36 6.65
CA VAL A 8 3.46 0.08 5.31
C VAL A 8 3.96 -1.27 4.86
N LYS A 9 5.27 -1.55 5.09
CA LYS A 9 5.84 -2.81 4.64
C LYS A 9 5.26 -3.95 5.42
N GLN A 10 4.96 -3.76 6.73
CA GLN A 10 4.45 -4.83 7.54
C GLN A 10 3.04 -5.20 7.12
N ALA A 11 2.21 -4.19 6.77
CA ALA A 11 0.84 -4.44 6.37
C ALA A 11 0.76 -5.24 5.09
N VAL A 12 1.62 -4.95 4.08
CA VAL A 12 1.52 -5.68 2.84
C VAL A 12 2.07 -7.07 3.03
N ALA A 13 3.22 -7.20 3.72
CA ALA A 13 3.82 -8.50 3.93
C ALA A 13 2.93 -9.37 4.78
N GLU A 14 2.29 -8.79 5.81
CA GLU A 14 1.46 -9.58 6.68
C GLU A 14 0.16 -9.97 5.99
N GLN A 15 -0.46 -9.05 5.22
CA GLN A 15 -1.72 -9.38 4.61
C GLN A 15 -1.59 -10.45 3.54
N LEU A 16 -0.51 -10.41 2.73
CA LEU A 16 -0.41 -11.36 1.65
C LEU A 16 0.54 -12.50 1.97
N GLY A 17 1.26 -12.45 3.11
CA GLY A 17 2.15 -13.54 3.44
C GLY A 17 3.47 -13.36 2.74
N LEU A 18 3.83 -12.11 2.40
CA LEU A 18 5.08 -11.86 1.74
C LEU A 18 6.05 -11.33 2.77
N LYS A 19 7.27 -10.92 2.33
CA LYS A 19 8.23 -10.40 3.27
C LYS A 19 8.49 -8.94 2.95
N ALA A 20 8.63 -8.13 4.04
CA ALA A 20 8.87 -6.70 3.93
C ALA A 20 10.16 -6.44 3.19
N GLU A 21 11.20 -7.27 3.43
CA GLU A 21 12.47 -7.07 2.79
C GLU A 21 12.35 -7.31 1.30
N GLU A 22 11.51 -8.27 0.88
CA GLU A 22 11.39 -8.54 -0.53
C GLU A 22 10.53 -7.47 -1.18
N ILE A 23 9.82 -6.65 -0.37
CA ILE A 23 9.00 -5.58 -0.93
C ILE A 23 9.90 -4.46 -1.38
N LYS A 24 9.82 -4.11 -2.68
CA LYS A 24 10.63 -3.05 -3.25
C LYS A 24 9.78 -1.83 -3.46
N ASN A 25 10.45 -0.66 -3.61
CA ASN A 25 9.76 0.58 -3.86
C ASN A 25 9.22 0.58 -5.28
N GLU A 26 9.95 -0.09 -6.21
CA GLU A 26 9.54 -0.09 -7.60
C GLU A 26 8.82 -1.38 -7.91
N ALA A 27 8.28 -2.08 -6.88
CA ALA A 27 7.62 -3.33 -7.13
C ALA A 27 6.16 -3.08 -7.38
N SER A 28 5.68 -3.51 -8.56
CA SER A 28 4.30 -3.35 -8.91
C SER A 28 3.50 -4.33 -8.09
N PHE A 29 2.30 -3.91 -7.68
CA PHE A 29 1.45 -4.75 -6.86
C PHE A 29 0.84 -5.85 -7.70
N MET A 30 0.11 -5.48 -8.78
CA MET A 30 -0.55 -6.47 -9.61
C MET A 30 0.44 -7.26 -10.45
N ASP A 31 1.50 -6.60 -10.97
CA ASP A 31 2.43 -7.28 -11.83
C ASP A 31 3.26 -8.30 -11.08
N ASP A 32 3.69 -8.00 -9.83
CA ASP A 32 4.54 -8.95 -9.15
C ASP A 32 3.78 -9.80 -8.17
N LEU A 33 2.98 -9.18 -7.27
CA LEU A 33 2.27 -9.96 -6.28
C LEU A 33 0.97 -10.48 -6.84
N GLY A 34 0.46 -9.86 -7.92
CA GLY A 34 -0.78 -10.32 -8.50
C GLY A 34 -1.91 -9.97 -7.57
N ALA A 35 -1.89 -8.76 -6.98
CA ALA A 35 -2.94 -8.39 -6.06
C ALA A 35 -4.11 -7.94 -6.88
N ASP A 36 -5.31 -8.42 -6.50
CA ASP A 36 -6.50 -8.04 -7.20
C ASP A 36 -7.07 -6.84 -6.49
N SER A 37 -8.28 -6.42 -6.88
CA SER A 37 -8.90 -5.28 -6.26
C SER A 37 -9.33 -5.63 -4.84
N LEU A 38 -9.37 -6.94 -4.51
CA LEU A 38 -9.79 -7.34 -3.19
C LEU A 38 -8.72 -6.97 -2.18
N ASP A 39 -7.43 -7.20 -2.50
CA ASP A 39 -6.38 -6.90 -1.55
C ASP A 39 -5.93 -5.48 -1.72
N LEU A 40 -6.22 -4.83 -2.87
CA LEU A 40 -5.80 -3.47 -3.04
C LEU A 40 -6.78 -2.54 -2.35
N VAL A 41 -8.10 -2.85 -2.41
CA VAL A 41 -9.10 -2.01 -1.77
C VAL A 41 -9.02 -2.26 -0.28
N GLU A 42 -8.85 -3.54 0.13
CA GLU A 42 -8.76 -3.88 1.54
C GLU A 42 -7.51 -3.30 2.13
N LEU A 43 -6.40 -3.29 1.36
CA LEU A 43 -5.16 -2.76 1.86
C LEU A 43 -5.32 -1.29 2.11
N VAL A 44 -6.04 -0.57 1.20
CA VAL A 44 -6.26 0.84 1.39
C VAL A 44 -7.22 1.00 2.54
N MET A 45 -8.15 0.03 2.69
CA MET A 45 -9.12 0.09 3.75
C MET A 45 -8.39 0.07 5.07
N SER A 46 -7.37 -0.81 5.18
CA SER A 46 -6.59 -0.93 6.39
C SER A 46 -5.74 0.31 6.58
N PHE A 47 -5.23 0.88 5.47
CA PHE A 47 -4.39 2.06 5.53
C PHE A 47 -5.20 3.25 6.00
N GLU A 48 -6.48 3.32 5.60
CA GLU A 48 -7.32 4.44 5.98
C GLU A 48 -7.60 4.43 7.46
N ASN A 49 -7.81 3.24 8.06
CA ASN A 49 -8.10 3.18 9.48
C ASN A 49 -6.83 3.41 10.30
N ASP A 50 -5.70 2.81 9.86
CA ASP A 50 -4.46 2.91 10.61
C ASP A 50 -3.86 4.30 10.54
N PHE A 51 -3.91 4.97 9.38
CA PHE A 51 -3.29 6.28 9.28
C PHE A 51 -4.33 7.35 9.48
N ASP A 52 -5.63 6.98 9.29
CA ASP A 52 -6.71 7.91 9.48
C ASP A 52 -6.77 8.88 8.33
N ILE A 53 -6.52 8.44 7.07
CA ILE A 53 -6.63 9.38 5.99
C ILE A 53 -7.59 8.83 4.99
N THR A 54 -8.00 9.68 4.03
CA THR A 54 -8.96 9.25 3.04
C THR A 54 -8.31 9.31 1.68
N ILE A 55 -8.70 8.36 0.81
CA ILE A 55 -8.14 8.32 -0.51
C ILE A 55 -9.28 8.08 -1.47
N PRO A 56 -9.36 8.94 -2.45
CA PRO A 56 -10.37 8.86 -3.48
C PRO A 56 -9.96 7.93 -4.58
N ASP A 57 -10.86 7.71 -5.57
CA ASP A 57 -10.53 6.83 -6.67
C ASP A 57 -9.67 7.60 -7.64
N GLU A 58 -9.62 8.95 -7.49
CA GLU A 58 -8.81 9.76 -8.37
C GLU A 58 -7.37 9.40 -8.16
N ASP A 59 -6.95 9.18 -6.89
CA ASP A 59 -5.57 8.83 -6.63
C ASP A 59 -5.51 7.35 -6.34
N SER A 60 -6.69 6.69 -6.25
CA SER A 60 -6.74 5.26 -5.99
C SER A 60 -6.25 4.54 -7.21
N ASN A 61 -6.60 5.08 -8.39
CA ASN A 61 -6.24 4.45 -9.63
C ASN A 61 -4.77 4.73 -9.96
N GLU A 62 -4.04 5.44 -9.07
CA GLU A 62 -2.66 5.76 -9.37
C GLU A 62 -1.74 4.86 -8.59
N ILE A 63 -2.27 4.05 -7.65
CA ILE A 63 -1.43 3.18 -6.88
C ILE A 63 -1.15 1.97 -7.71
N THR A 64 0.13 1.78 -8.05
CA THR A 64 0.51 0.64 -8.85
C THR A 64 1.71 -0.01 -8.26
N THR A 65 2.51 0.73 -7.47
CA THR A 65 3.71 0.16 -6.89
C THR A 65 3.69 0.46 -5.41
N VAL A 66 4.66 -0.14 -4.68
CA VAL A 66 4.74 0.07 -3.25
C VAL A 66 5.00 1.53 -3.01
N GLN A 67 5.86 2.15 -3.85
CA GLN A 67 6.17 3.57 -3.69
C GLN A 67 4.92 4.40 -3.91
N SER A 68 3.92 3.93 -4.69
CA SER A 68 2.72 4.74 -4.88
C SER A 68 2.02 4.83 -3.56
N ALA A 69 1.96 3.68 -2.82
CA ALA A 69 1.30 3.65 -1.53
C ALA A 69 2.03 4.49 -0.50
N ILE A 70 3.39 4.40 -0.43
CA ILE A 70 4.14 5.13 0.59
C ILE A 70 4.24 6.60 0.26
N ASP A 71 4.54 6.94 -1.00
CA ASP A 71 4.72 8.33 -1.37
C ASP A 71 3.43 9.11 -1.17
N TYR A 72 2.30 8.53 -1.61
CA TYR A 72 1.04 9.23 -1.50
C TYR A 72 0.56 9.33 -0.07
N VAL A 73 0.78 8.29 0.77
CA VAL A 73 0.28 8.36 2.14
C VAL A 73 1.24 9.15 3.00
N THR A 74 2.52 9.23 2.61
CA THR A 74 3.47 9.96 3.44
C THR A 74 3.17 11.44 3.35
N LYS A 75 2.70 11.92 2.17
CA LYS A 75 2.38 13.32 2.05
C LYS A 75 0.95 13.54 2.50
N LYS A 76 0.13 12.47 2.55
CA LYS A 76 -1.26 12.63 2.95
C LYS A 76 -1.40 12.52 4.45
N LEU A 77 -0.34 12.09 5.18
CA LEU A 77 -0.44 11.98 6.62
C LEU A 77 -0.62 13.36 7.20
N GLY A 78 0.16 14.34 6.69
CA GLY A 78 0.04 15.68 7.21
C GLY A 78 1.11 16.53 6.54
N ASP A 3 7.68 5.89 12.37
CA ASP A 3 8.03 4.63 11.65
C ASP A 3 7.00 4.28 10.62
N ILE A 4 6.95 5.06 9.52
CA ILE A 4 5.99 4.81 8.48
C ILE A 4 6.52 3.70 7.60
N GLU A 5 7.86 3.51 7.59
CA GLU A 5 8.47 2.50 6.75
C GLU A 5 8.06 1.10 7.17
N GLN A 6 7.97 0.82 8.50
CA GLN A 6 7.64 -0.52 8.92
C GLN A 6 6.16 -0.75 8.91
N ARG A 7 5.31 0.31 9.07
CA ARG A 7 3.88 0.06 9.06
C ARG A 7 3.42 -0.31 7.68
N VAL A 8 3.97 0.37 6.64
CA VAL A 8 3.55 0.10 5.28
C VAL A 8 4.04 -1.26 4.83
N LYS A 9 5.35 -1.56 5.08
CA LYS A 9 5.90 -2.81 4.63
C LYS A 9 5.32 -3.96 5.43
N GLN A 10 5.01 -3.76 6.73
CA GLN A 10 4.49 -4.83 7.54
C GLN A 10 3.08 -5.18 7.11
N ALA A 11 2.26 -4.16 6.76
CA ALA A 11 0.90 -4.40 6.38
C ALA A 11 0.81 -5.19 5.09
N VAL A 12 1.67 -4.89 4.08
CA VAL A 12 1.57 -5.61 2.83
C VAL A 12 2.11 -7.01 3.00
N ALA A 13 3.27 -7.14 3.70
CA ALA A 13 3.87 -8.43 3.90
C ALA A 13 2.97 -9.32 4.73
N GLU A 14 2.32 -8.75 5.76
CA GLU A 14 1.47 -9.55 6.61
C GLU A 14 0.19 -9.92 5.90
N GLN A 15 -0.40 -8.98 5.12
CA GLN A 15 -1.66 -9.28 4.47
C GLN A 15 -1.50 -10.36 3.42
N LEU A 16 -0.41 -10.35 2.63
CA LEU A 16 -0.31 -11.33 1.56
C LEU A 16 0.63 -12.46 1.92
N GLY A 17 1.34 -12.40 3.07
CA GLY A 17 2.23 -13.48 3.44
C GLY A 17 3.57 -13.31 2.75
N LEU A 18 3.94 -12.07 2.38
CA LEU A 18 5.21 -11.83 1.74
C LEU A 18 6.17 -11.30 2.76
N LYS A 19 7.38 -10.90 2.30
CA LYS A 19 8.38 -10.38 3.21
C LYS A 19 8.54 -8.90 2.96
N ALA A 20 8.68 -8.14 4.08
CA ALA A 20 8.87 -6.70 4.02
C ALA A 20 10.14 -6.38 3.28
N GLU A 21 11.21 -7.18 3.50
CA GLU A 21 12.47 -6.94 2.84
C GLU A 21 12.36 -7.28 1.37
N GLU A 22 11.46 -8.22 1.00
CA GLU A 22 11.32 -8.59 -0.39
C GLU A 22 10.54 -7.49 -1.11
N ILE A 23 9.83 -6.63 -0.35
CA ILE A 23 9.05 -5.57 -0.96
C ILE A 23 9.98 -4.46 -1.40
N LYS A 24 9.89 -4.11 -2.71
CA LYS A 24 10.72 -3.06 -3.27
C LYS A 24 9.88 -1.83 -3.49
N ASN A 25 10.55 -0.67 -3.65
CA ASN A 25 9.85 0.57 -3.90
C ASN A 25 9.33 0.58 -5.31
N GLU A 26 9.99 -0.16 -6.23
CA GLU A 26 9.58 -0.18 -7.62
C GLU A 26 8.83 -1.45 -7.92
N ALA A 27 8.27 -2.11 -6.89
CA ALA A 27 7.59 -3.36 -7.12
C ALA A 27 6.14 -3.09 -7.37
N SER A 28 5.65 -3.54 -8.56
CA SER A 28 4.26 -3.36 -8.90
C SER A 28 3.45 -4.32 -8.08
N PHE A 29 2.28 -3.85 -7.61
CA PHE A 29 1.40 -4.64 -6.80
C PHE A 29 0.74 -5.74 -7.61
N MET A 30 0.18 -5.39 -8.80
CA MET A 30 -0.51 -6.37 -9.61
C MET A 30 0.44 -7.16 -10.48
N ASP A 31 1.49 -6.52 -11.00
CA ASP A 31 2.40 -7.20 -11.89
C ASP A 31 3.22 -8.24 -11.15
N ASP A 32 3.64 -7.94 -9.91
CA ASP A 32 4.48 -8.87 -9.20
C ASP A 32 3.69 -9.73 -8.24
N LEU A 33 2.86 -9.13 -7.37
CA LEU A 33 2.14 -9.91 -6.39
C LEU A 33 0.86 -10.43 -6.97
N GLY A 34 0.33 -9.79 -8.03
CA GLY A 34 -0.91 -10.26 -8.61
C GLY A 34 -2.04 -9.95 -7.67
N ALA A 35 -2.02 -8.77 -7.02
CA ALA A 35 -3.06 -8.43 -6.10
C ALA A 35 -4.24 -7.99 -6.91
N ASP A 36 -5.44 -8.46 -6.50
CA ASP A 36 -6.63 -8.08 -7.19
C ASP A 36 -7.20 -6.89 -6.47
N SER A 37 -8.43 -6.49 -6.83
CA SER A 37 -9.05 -5.36 -6.20
C SER A 37 -9.44 -5.70 -4.78
N LEU A 38 -9.45 -7.01 -4.43
CA LEU A 38 -9.83 -7.40 -3.10
C LEU A 38 -8.73 -7.04 -2.13
N ASP A 39 -7.45 -7.25 -2.51
CA ASP A 39 -6.35 -6.96 -1.61
C ASP A 39 -5.95 -5.52 -1.75
N LEU A 40 -6.30 -4.85 -2.86
CA LEU A 40 -5.92 -3.47 -3.02
C LEU A 40 -6.94 -2.57 -2.34
N VAL A 41 -8.25 -2.91 -2.43
CA VAL A 41 -9.27 -2.10 -1.79
C VAL A 41 -9.21 -2.31 -0.31
N GLU A 42 -9.02 -3.58 0.13
CA GLU A 42 -8.95 -3.88 1.54
C GLU A 42 -7.69 -3.32 2.14
N LEU A 43 -6.57 -3.33 1.38
CA LEU A 43 -5.33 -2.81 1.89
C LEU A 43 -5.46 -1.32 2.09
N VAL A 44 -6.12 -0.62 1.15
CA VAL A 44 -6.29 0.81 1.29
C VAL A 44 -7.36 1.06 2.33
N MET A 45 -8.23 0.05 2.57
CA MET A 45 -9.26 0.18 3.56
C MET A 45 -8.60 0.19 4.92
N SER A 46 -7.57 -0.68 5.08
CA SER A 46 -6.86 -0.78 6.34
C SER A 46 -5.94 0.40 6.48
N PHE A 47 -5.52 1.00 5.34
CA PHE A 47 -4.64 2.14 5.38
C PHE A 47 -5.40 3.33 5.91
N GLU A 48 -6.70 3.43 5.58
CA GLU A 48 -7.49 4.55 6.05
C GLU A 48 -7.74 4.42 7.53
N ASN A 49 -7.97 3.19 8.04
CA ASN A 49 -8.23 3.02 9.45
C ASN A 49 -6.99 3.24 10.28
N ASP A 50 -5.81 2.79 9.79
CA ASP A 50 -4.60 2.90 10.56
C ASP A 50 -3.97 4.28 10.47
N PHE A 51 -3.97 4.92 9.28
CA PHE A 51 -3.33 6.21 9.16
C PHE A 51 -4.32 7.31 9.36
N ASP A 52 -5.63 6.98 9.29
CA ASP A 52 -6.68 7.96 9.50
C ASP A 52 -6.73 8.94 8.34
N ILE A 53 -6.49 8.50 7.09
CA ILE A 53 -6.58 9.44 6.00
C ILE A 53 -7.58 8.92 5.02
N THR A 54 -7.96 9.76 4.04
CA THR A 54 -8.94 9.34 3.07
C THR A 54 -8.31 9.34 1.71
N ILE A 55 -8.76 8.38 0.87
CA ILE A 55 -8.23 8.30 -0.46
C ILE A 55 -9.36 7.99 -1.40
N PRO A 56 -9.44 8.80 -2.43
CA PRO A 56 -10.45 8.67 -3.46
C PRO A 56 -10.01 7.73 -4.54
N ASP A 57 -10.86 7.55 -5.59
CA ASP A 57 -10.52 6.67 -6.67
C ASP A 57 -9.66 7.44 -7.63
N GLU A 58 -9.63 8.78 -7.49
CA GLU A 58 -8.82 9.61 -8.37
C GLU A 58 -7.37 9.26 -8.14
N ASP A 59 -6.97 9.07 -6.85
CA ASP A 59 -5.59 8.72 -6.57
C ASP A 59 -5.51 7.24 -6.31
N SER A 60 -6.67 6.57 -6.16
CA SER A 60 -6.69 5.14 -5.92
C SER A 60 -6.19 4.44 -7.15
N ASN A 61 -6.55 4.97 -8.33
CA ASN A 61 -6.15 4.34 -9.56
C ASN A 61 -4.70 4.65 -9.87
N GLU A 62 -3.99 5.39 -8.97
CA GLU A 62 -2.61 5.72 -9.22
C GLU A 62 -1.70 4.78 -8.47
N ILE A 63 -2.23 4.07 -7.45
CA ILE A 63 -1.40 3.18 -6.68
C ILE A 63 -1.17 1.96 -7.52
N THR A 64 0.11 1.74 -7.86
CA THR A 64 0.45 0.60 -8.66
C THR A 64 1.71 -0.03 -8.14
N THR A 65 2.51 0.72 -7.37
CA THR A 65 3.74 0.19 -6.85
C THR A 65 3.76 0.48 -5.37
N VAL A 66 4.75 -0.12 -4.67
CA VAL A 66 4.87 0.07 -3.25
C VAL A 66 5.13 1.54 -3.00
N GLN A 67 5.96 2.16 -3.87
CA GLN A 67 6.27 3.56 -3.72
C GLN A 67 5.02 4.40 -3.89
N SER A 68 3.99 3.93 -4.63
CA SER A 68 2.79 4.74 -4.79
C SER A 68 2.12 4.82 -3.43
N ALA A 69 2.10 3.68 -2.71
CA ALA A 69 1.48 3.63 -1.39
C ALA A 69 2.23 4.50 -0.40
N ILE A 70 3.59 4.46 -0.38
CA ILE A 70 4.35 5.21 0.60
C ILE A 70 4.42 6.68 0.23
N ASP A 71 4.65 7.01 -1.05
CA ASP A 71 4.79 8.38 -1.45
C ASP A 71 3.51 9.15 -1.22
N TYR A 72 2.37 8.59 -1.65
CA TYR A 72 1.10 9.30 -1.50
C TYR A 72 0.67 9.37 -0.06
N VAL A 73 0.85 8.29 0.73
CA VAL A 73 0.44 8.29 2.12
C VAL A 73 1.35 9.18 2.93
N THR A 74 2.67 9.23 2.61
CA THR A 74 3.57 10.01 3.40
C THR A 74 3.23 11.49 3.28
N LYS A 75 2.74 11.95 2.09
CA LYS A 75 2.39 13.34 1.95
C LYS A 75 0.98 13.55 2.48
N LYS A 76 0.18 12.46 2.59
CA LYS A 76 -1.19 12.60 3.06
C LYS A 76 -1.24 12.52 4.57
N LEU A 77 -0.18 11.99 5.22
CA LEU A 77 -0.17 11.87 6.66
C LEU A 77 -0.14 13.26 7.25
N GLY A 78 0.69 14.16 6.68
CA GLY A 78 0.76 15.49 7.21
C GLY A 78 0.97 16.45 6.02
N ASP A 3 8.04 5.57 12.21
CA ASP A 3 8.15 4.21 11.60
C ASP A 3 7.10 4.01 10.54
N ILE A 4 7.10 4.88 9.51
CA ILE A 4 6.14 4.78 8.43
C ILE A 4 6.52 3.58 7.59
N GLU A 5 7.84 3.39 7.36
CA GLU A 5 8.30 2.31 6.52
C GLU A 5 8.04 0.96 7.13
N GLN A 6 7.91 0.85 8.48
CA GLN A 6 7.67 -0.46 9.06
C GLN A 6 6.19 -0.72 9.07
N ARG A 7 5.33 0.33 9.02
CA ARG A 7 3.90 0.09 9.04
C ARG A 7 3.46 -0.24 7.64
N VAL A 8 4.05 0.42 6.63
CA VAL A 8 3.65 0.19 5.27
C VAL A 8 4.08 -1.18 4.82
N LYS A 9 5.37 -1.53 5.08
CA LYS A 9 5.90 -2.80 4.65
C LYS A 9 5.30 -3.93 5.45
N GLN A 10 5.01 -3.71 6.76
CA GLN A 10 4.46 -4.79 7.57
C GLN A 10 3.06 -5.12 7.11
N ALA A 11 2.26 -4.10 6.74
CA ALA A 11 0.89 -4.33 6.33
C ALA A 11 0.83 -5.13 5.05
N VAL A 12 1.70 -4.85 4.05
CA VAL A 12 1.62 -5.58 2.79
C VAL A 12 2.15 -6.98 3.00
N ALA A 13 3.29 -7.12 3.71
CA ALA A 13 3.88 -8.42 3.94
C ALA A 13 2.96 -9.29 4.76
N GLU A 14 2.31 -8.71 5.78
CA GLU A 14 1.45 -9.50 6.63
C GLU A 14 0.17 -9.86 5.91
N GLN A 15 -0.40 -8.93 5.12
CA GLN A 15 -1.66 -9.21 4.46
C GLN A 15 -1.51 -10.30 3.42
N LEU A 16 -0.42 -10.32 2.63
CA LEU A 16 -0.31 -11.29 1.58
C LEU A 16 0.59 -12.45 1.95
N GLY A 17 1.28 -12.39 3.11
CA GLY A 17 2.14 -13.49 3.50
C GLY A 17 3.50 -13.35 2.87
N LEU A 18 3.90 -12.12 2.49
CA LEU A 18 5.20 -11.92 1.89
C LEU A 18 6.12 -11.34 2.94
N LYS A 19 7.36 -10.96 2.53
CA LYS A 19 8.29 -10.41 3.47
C LYS A 19 8.53 -8.95 3.15
N ALA A 20 8.70 -8.14 4.23
CA ALA A 20 8.93 -6.71 4.13
C ALA A 20 10.19 -6.43 3.34
N GLU A 21 11.26 -7.25 3.53
CA GLU A 21 12.50 -7.02 2.83
C GLU A 21 12.34 -7.35 1.37
N GLU A 22 11.42 -8.28 1.02
CA GLU A 22 11.23 -8.63 -0.37
C GLU A 22 10.47 -7.54 -1.06
N ILE A 23 9.74 -6.69 -0.29
CA ILE A 23 8.97 -5.62 -0.90
C ILE A 23 9.89 -4.51 -1.34
N LYS A 24 9.82 -4.16 -2.66
CA LYS A 24 10.64 -3.11 -3.22
C LYS A 24 9.79 -1.89 -3.45
N ASN A 25 10.45 -0.72 -3.59
CA ASN A 25 9.76 0.53 -3.84
C ASN A 25 9.24 0.51 -5.27
N GLU A 26 9.99 -0.13 -6.20
CA GLU A 26 9.59 -0.14 -7.59
C GLU A 26 8.88 -1.44 -7.92
N ALA A 27 8.34 -2.14 -6.90
CA ALA A 27 7.69 -3.39 -7.17
C ALA A 27 6.22 -3.15 -7.41
N SER A 28 5.73 -3.61 -8.59
CA SER A 28 4.35 -3.45 -8.95
C SER A 28 3.54 -4.40 -8.10
N PHE A 29 2.32 -3.95 -7.72
CA PHE A 29 1.45 -4.74 -6.89
C PHE A 29 0.79 -5.81 -7.73
N MET A 30 0.04 -5.40 -8.79
CA MET A 30 -0.67 -6.35 -9.62
C MET A 30 0.28 -7.16 -10.49
N ASP A 31 1.32 -6.52 -11.03
CA ASP A 31 2.23 -7.22 -11.91
C ASP A 31 3.08 -8.22 -11.17
N ASP A 32 3.57 -7.90 -9.96
CA ASP A 32 4.45 -8.81 -9.27
C ASP A 32 3.71 -9.67 -8.28
N LEU A 33 2.90 -9.08 -7.40
CA LEU A 33 2.21 -9.86 -6.39
C LEU A 33 0.92 -10.40 -6.93
N GLY A 34 0.37 -9.79 -8.00
CA GLY A 34 -0.87 -10.27 -8.56
C GLY A 34 -1.99 -9.93 -7.61
N ALA A 35 -2.00 -8.70 -7.04
CA ALA A 35 -3.04 -8.35 -6.11
C ALA A 35 -4.20 -7.85 -6.92
N ASP A 36 -5.41 -8.31 -6.55
CA ASP A 36 -6.59 -7.89 -7.24
C ASP A 36 -7.12 -6.70 -6.49
N SER A 37 -8.37 -6.29 -6.80
CA SER A 37 -8.95 -5.15 -6.13
C SER A 37 -9.34 -5.55 -4.73
N LEU A 38 -9.38 -6.86 -4.43
CA LEU A 38 -9.76 -7.30 -3.11
C LEU A 38 -8.66 -6.97 -2.14
N ASP A 39 -7.38 -7.18 -2.53
CA ASP A 39 -6.29 -6.91 -1.64
C ASP A 39 -5.85 -5.47 -1.75
N LEU A 40 -6.20 -4.78 -2.85
CA LEU A 40 -5.80 -3.40 -2.99
C LEU A 40 -6.83 -2.50 -2.34
N VAL A 41 -8.14 -2.84 -2.44
CA VAL A 41 -9.17 -2.03 -1.83
C VAL A 41 -9.14 -2.24 -0.34
N GLU A 42 -8.95 -3.51 0.09
CA GLU A 42 -8.90 -3.82 1.51
C GLU A 42 -7.63 -3.27 2.11
N LEU A 43 -6.51 -3.30 1.37
CA LEU A 43 -5.26 -2.80 1.90
C LEU A 43 -5.38 -1.32 2.12
N VAL A 44 -6.02 -0.60 1.17
CA VAL A 44 -6.17 0.83 1.34
C VAL A 44 -7.25 1.07 2.36
N MET A 45 -8.14 0.08 2.58
CA MET A 45 -9.18 0.22 3.56
C MET A 45 -8.52 0.23 4.92
N SER A 46 -7.51 -0.66 5.08
CA SER A 46 -6.78 -0.77 6.32
C SER A 46 -5.89 0.43 6.47
N PHE A 47 -5.47 1.03 5.33
CA PHE A 47 -4.61 2.19 5.37
C PHE A 47 -5.40 3.37 5.89
N GLU A 48 -6.71 3.43 5.57
CA GLU A 48 -7.53 4.52 6.03
C GLU A 48 -7.72 4.44 7.54
N ASN A 49 -7.89 3.23 8.09
CA ASN A 49 -8.10 3.11 9.51
C ASN A 49 -6.81 3.33 10.27
N ASP A 50 -5.69 2.77 9.78
CA ASP A 50 -4.42 2.87 10.48
C ASP A 50 -3.83 4.26 10.42
N PHE A 51 -3.92 4.96 9.27
CA PHE A 51 -3.31 6.28 9.18
C PHE A 51 -4.34 7.34 9.39
N ASP A 52 -5.64 6.98 9.32
CA ASP A 52 -6.70 7.93 9.55
C ASP A 52 -6.80 8.89 8.38
N ILE A 53 -6.54 8.45 7.14
CA ILE A 53 -6.68 9.36 6.03
C ILE A 53 -7.64 8.74 5.06
N THR A 54 -8.09 9.55 4.09
CA THR A 54 -9.06 9.05 3.13
C THR A 54 -8.45 9.13 1.77
N ILE A 55 -8.55 8.02 1.01
CA ILE A 55 -7.99 8.00 -0.32
C ILE A 55 -9.10 7.75 -1.30
N PRO A 56 -9.24 8.65 -2.24
CA PRO A 56 -10.23 8.57 -3.28
C PRO A 56 -9.81 7.66 -4.39
N ASP A 57 -10.73 7.34 -5.32
CA ASP A 57 -10.40 6.49 -6.44
C ASP A 57 -9.62 7.31 -7.44
N GLU A 58 -9.68 8.66 -7.31
CA GLU A 58 -8.96 9.51 -8.22
C GLU A 58 -7.48 9.27 -8.05
N ASP A 59 -7.02 9.11 -6.78
CA ASP A 59 -5.62 8.87 -6.56
C ASP A 59 -5.41 7.40 -6.28
N SER A 60 -6.52 6.61 -6.22
CA SER A 60 -6.41 5.19 -5.97
C SER A 60 -6.07 4.51 -7.27
N ASN A 61 -6.38 5.18 -8.40
CA ASN A 61 -6.11 4.59 -9.69
C ASN A 61 -4.66 4.85 -10.06
N GLU A 62 -3.88 5.50 -9.17
CA GLU A 62 -2.49 5.77 -9.49
C GLU A 62 -1.59 4.90 -8.65
N ILE A 63 -2.16 4.18 -7.66
CA ILE A 63 -1.34 3.34 -6.83
C ILE A 63 -1.09 2.09 -7.60
N THR A 64 0.16 1.90 -8.04
CA THR A 64 0.49 0.73 -8.81
C THR A 64 1.64 0.01 -8.16
N THR A 65 2.59 0.75 -7.56
CA THR A 65 3.73 0.14 -6.95
C THR A 65 3.71 0.43 -5.47
N VAL A 66 4.66 -0.20 -4.74
CA VAL A 66 4.73 -0.02 -3.31
C VAL A 66 5.02 1.43 -3.04
N GLN A 67 5.91 2.04 -3.86
CA GLN A 67 6.25 3.44 -3.68
C GLN A 67 5.02 4.31 -3.86
N SER A 68 4.02 3.89 -4.68
CA SER A 68 2.84 4.72 -4.85
C SER A 68 2.11 4.78 -3.53
N ALA A 69 2.04 3.62 -2.83
CA ALA A 69 1.35 3.57 -1.54
C ALA A 69 2.06 4.43 -0.51
N ILE A 70 3.42 4.37 -0.44
CA ILE A 70 4.15 5.12 0.57
C ILE A 70 4.21 6.58 0.23
N ASP A 71 4.46 6.93 -1.05
CA ASP A 71 4.59 8.32 -1.44
C ASP A 71 3.29 9.07 -1.21
N TYR A 72 2.16 8.46 -1.62
CA TYR A 72 0.88 9.12 -1.48
C TYR A 72 0.46 9.25 -0.03
N VAL A 73 0.72 8.22 0.82
CA VAL A 73 0.28 8.31 2.20
C VAL A 73 1.25 9.15 3.01
N THR A 74 2.51 9.26 2.55
CA THR A 74 3.48 10.02 3.32
C THR A 74 3.14 11.49 3.23
N LYS A 75 2.64 11.97 2.06
CA LYS A 75 2.28 13.37 1.97
C LYS A 75 0.86 13.56 2.46
N LYS A 76 0.06 12.47 2.52
CA LYS A 76 -1.32 12.61 2.96
C LYS A 76 -1.41 12.52 4.47
N LEU A 77 -0.32 12.11 5.16
CA LEU A 77 -0.37 12.01 6.61
C LEU A 77 -0.54 13.40 7.18
N GLY A 78 0.21 14.38 6.64
CA GLY A 78 0.09 15.72 7.14
C GLY A 78 1.17 16.56 6.46
N ASP A 3 7.80 5.72 12.22
CA ASP A 3 8.06 4.45 11.48
C ASP A 3 6.97 4.18 10.48
N ILE A 4 6.91 5.01 9.42
CA ILE A 4 5.90 4.83 8.39
C ILE A 4 6.34 3.74 7.46
N GLU A 5 7.67 3.56 7.31
CA GLU A 5 8.18 2.56 6.38
C GLU A 5 7.97 1.16 6.92
N GLN A 6 7.89 0.96 8.26
CA GLN A 6 7.72 -0.37 8.77
C GLN A 6 6.25 -0.69 8.83
N ARG A 7 5.36 0.32 8.98
CA ARG A 7 3.93 0.02 9.03
C ARG A 7 3.47 -0.37 7.65
N VAL A 8 3.98 0.32 6.60
CA VAL A 8 3.55 0.04 5.25
C VAL A 8 4.05 -1.32 4.81
N LYS A 9 5.34 -1.61 5.05
CA LYS A 9 5.90 -2.87 4.61
C LYS A 9 5.34 -4.01 5.43
N GLN A 10 5.05 -3.77 6.73
CA GLN A 10 4.55 -4.84 7.58
C GLN A 10 3.14 -5.20 7.17
N ALA A 11 2.32 -4.19 6.80
CA ALA A 11 0.94 -4.43 6.44
C ALA A 11 0.84 -5.25 5.17
N VAL A 12 1.69 -5.00 4.14
CA VAL A 12 1.56 -5.76 2.91
C VAL A 12 2.09 -7.15 3.15
N ALA A 13 3.23 -7.29 3.85
CA ALA A 13 3.80 -8.58 4.12
C ALA A 13 2.85 -9.41 4.96
N GLU A 14 2.18 -8.78 5.94
CA GLU A 14 1.29 -9.50 6.80
C GLU A 14 0.01 -9.87 6.08
N GLN A 15 -0.54 -8.96 5.25
CA GLN A 15 -1.81 -9.24 4.60
C GLN A 15 -1.69 -10.36 3.58
N LEU A 16 -0.58 -10.38 2.78
CA LEU A 16 -0.50 -11.38 1.73
C LEU A 16 0.44 -12.50 2.09
N GLY A 17 1.21 -12.38 3.19
CA GLY A 17 2.11 -13.45 3.56
C GLY A 17 3.42 -13.31 2.83
N LEU A 18 3.81 -12.05 2.50
CA LEU A 18 5.05 -11.83 1.79
C LEU A 18 6.06 -11.31 2.79
N LYS A 19 7.27 -10.92 2.31
CA LYS A 19 8.28 -10.44 3.21
C LYS A 19 8.51 -8.96 2.94
N ALA A 20 8.67 -8.19 4.05
CA ALA A 20 8.90 -6.76 3.99
C ALA A 20 10.17 -6.46 3.23
N GLU A 21 11.23 -7.29 3.43
CA GLU A 21 12.49 -7.06 2.76
C GLU A 21 12.37 -7.36 1.29
N GLU A 22 11.46 -8.28 0.90
CA GLU A 22 11.31 -8.60 -0.50
C GLU A 22 10.53 -7.50 -1.18
N ILE A 23 9.81 -6.66 -0.40
CA ILE A 23 9.03 -5.59 -0.99
C ILE A 23 9.96 -4.47 -1.44
N LYS A 24 9.86 -4.13 -2.75
CA LYS A 24 10.67 -3.07 -3.32
C LYS A 24 9.81 -1.86 -3.55
N ASN A 25 10.47 -0.68 -3.68
CA ASN A 25 9.76 0.56 -3.92
C ASN A 25 9.23 0.54 -5.35
N GLU A 26 9.98 -0.09 -6.28
CA GLU A 26 9.57 -0.10 -7.67
C GLU A 26 8.86 -1.40 -7.99
N ALA A 27 8.33 -2.10 -6.96
CA ALA A 27 7.69 -3.36 -7.21
C ALA A 27 6.22 -3.11 -7.45
N SER A 28 5.74 -3.57 -8.63
CA SER A 28 4.34 -3.42 -8.97
C SER A 28 3.56 -4.38 -8.11
N PHE A 29 2.35 -3.95 -7.70
CA PHE A 29 1.50 -4.75 -6.86
C PHE A 29 0.87 -5.85 -7.68
N MET A 30 0.14 -5.48 -8.76
CA MET A 30 -0.55 -6.46 -9.58
C MET A 30 0.41 -7.29 -10.40
N ASP A 31 1.47 -6.66 -10.95
CA ASP A 31 2.38 -7.38 -11.81
C ASP A 31 3.22 -8.38 -11.04
N ASP A 32 3.69 -8.04 -9.82
CA ASP A 32 4.56 -8.96 -9.13
C ASP A 32 3.80 -9.79 -8.12
N LEU A 33 3.02 -9.14 -7.23
CA LEU A 33 2.32 -9.90 -6.21
C LEU A 33 1.03 -10.45 -6.75
N GLY A 34 0.50 -9.86 -7.85
CA GLY A 34 -0.73 -10.34 -8.40
C GLY A 34 -1.86 -9.99 -7.48
N ALA A 35 -1.87 -8.74 -6.94
CA ALA A 35 -2.92 -8.37 -6.04
C ALA A 35 -4.07 -7.85 -6.87
N ASP A 36 -5.29 -8.30 -6.53
CA ASP A 36 -6.45 -7.85 -7.24
C ASP A 36 -6.98 -6.65 -6.50
N SER A 37 -8.20 -6.21 -6.85
CA SER A 37 -8.77 -5.06 -6.20
C SER A 37 -9.22 -5.45 -4.81
N LEU A 38 -9.31 -6.77 -4.53
CA LEU A 38 -9.74 -7.21 -3.22
C LEU A 38 -8.67 -6.88 -2.21
N ASP A 39 -7.38 -7.12 -2.56
CA ASP A 39 -6.30 -6.86 -1.62
C ASP A 39 -5.85 -5.44 -1.74
N LEU A 40 -6.17 -4.75 -2.86
CA LEU A 40 -5.74 -3.36 -2.99
C LEU A 40 -6.77 -2.46 -2.35
N VAL A 41 -8.07 -2.77 -2.48
CA VAL A 41 -9.10 -1.94 -1.87
C VAL A 41 -9.09 -2.16 -0.39
N GLU A 42 -8.94 -3.45 0.04
CA GLU A 42 -8.91 -3.77 1.46
C GLU A 42 -7.64 -3.25 2.09
N LEU A 43 -6.51 -3.28 1.36
CA LEU A 43 -5.27 -2.81 1.91
C LEU A 43 -5.36 -1.33 2.15
N VAL A 44 -5.99 -0.58 1.21
CA VAL A 44 -6.12 0.85 1.40
C VAL A 44 -7.21 1.08 2.40
N MET A 45 -8.11 0.09 2.59
CA MET A 45 -9.17 0.21 3.56
C MET A 45 -8.53 0.19 4.93
N SER A 46 -7.52 -0.70 5.09
CA SER A 46 -6.82 -0.81 6.35
C SER A 46 -5.90 0.36 6.51
N PHE A 47 -5.49 0.98 5.39
CA PHE A 47 -4.60 2.11 5.44
C PHE A 47 -5.37 3.30 5.98
N GLU A 48 -6.67 3.38 5.65
CA GLU A 48 -7.49 4.49 6.12
C GLU A 48 -7.73 4.36 7.60
N ASN A 49 -7.95 3.12 8.11
CA ASN A 49 -8.22 2.95 9.52
C ASN A 49 -6.95 3.18 10.34
N ASP A 50 -5.79 2.72 9.84
CA ASP A 50 -4.57 2.83 10.60
C ASP A 50 -3.95 4.22 10.52
N PHE A 51 -4.03 4.90 9.36
CA PHE A 51 -3.38 6.20 9.25
C PHE A 51 -4.39 7.30 9.42
N ASP A 52 -5.70 6.97 9.36
CA ASP A 52 -6.73 7.96 9.55
C ASP A 52 -6.80 8.92 8.38
N ILE A 53 -6.56 8.46 7.14
CA ILE A 53 -6.66 9.38 6.03
C ILE A 53 -7.64 8.81 5.05
N THR A 54 -7.99 9.60 4.02
CA THR A 54 -8.96 9.14 3.04
C THR A 54 -8.29 9.04 1.71
N ILE A 55 -8.74 8.06 0.90
CA ILE A 55 -8.15 7.87 -0.41
C ILE A 55 -9.25 7.66 -1.40
N PRO A 56 -9.46 8.65 -2.23
CA PRO A 56 -10.45 8.59 -3.29
C PRO A 56 -9.97 7.78 -4.46
N ASP A 57 -10.88 7.42 -5.39
CA ASP A 57 -10.50 6.62 -6.54
C ASP A 57 -9.73 7.47 -7.51
N GLU A 58 -9.77 8.82 -7.35
CA GLU A 58 -9.04 9.69 -8.25
C GLU A 58 -7.57 9.41 -8.13
N ASP A 59 -7.07 9.17 -6.90
CA ASP A 59 -5.66 8.89 -6.72
C ASP A 59 -5.50 7.42 -6.44
N SER A 60 -6.64 6.70 -6.28
CA SER A 60 -6.60 5.27 -6.03
C SER A 60 -6.13 4.58 -7.27
N ASN A 61 -6.55 5.12 -8.44
CA ASN A 61 -6.20 4.52 -9.70
C ASN A 61 -4.75 4.83 -10.04
N GLU A 62 -4.01 5.53 -9.15
CA GLU A 62 -2.62 5.85 -9.44
C GLU A 62 -1.71 4.92 -8.70
N ILE A 63 -2.23 4.22 -7.66
CA ILE A 63 -1.40 3.34 -6.89
C ILE A 63 -1.14 2.13 -7.72
N THR A 64 0.14 1.89 -8.01
CA THR A 64 0.51 0.75 -8.80
C THR A 64 1.66 0.03 -8.16
N THR A 65 2.57 0.77 -7.51
CA THR A 65 3.71 0.16 -6.91
C THR A 65 3.71 0.45 -5.43
N VAL A 66 4.67 -0.16 -4.70
CA VAL A 66 4.76 0.03 -3.28
C VAL A 66 5.06 1.49 -3.03
N GLN A 67 5.91 2.09 -3.91
CA GLN A 67 6.25 3.49 -3.76
C GLN A 67 5.02 4.35 -3.89
N SER A 68 3.98 3.92 -4.67
CA SER A 68 2.79 4.75 -4.79
C SER A 68 2.12 4.81 -3.44
N ALA A 69 2.08 3.65 -2.73
CA ALA A 69 1.46 3.61 -1.41
C ALA A 69 2.18 4.50 -0.42
N ILE A 70 3.53 4.46 -0.39
CA ILE A 70 4.28 5.24 0.58
C ILE A 70 4.33 6.70 0.20
N ASP A 71 4.54 7.00 -1.10
CA ASP A 71 4.68 8.38 -1.53
C ASP A 71 3.40 9.15 -1.27
N TYR A 72 2.24 8.60 -1.70
CA TYR A 72 0.99 9.31 -1.52
C TYR A 72 0.56 9.37 -0.07
N VAL A 73 0.76 8.28 0.70
CA VAL A 73 0.35 8.26 2.09
C VAL A 73 1.26 9.15 2.90
N THR A 74 2.57 9.21 2.58
CA THR A 74 3.48 10.02 3.37
C THR A 74 3.11 11.49 3.23
N LYS A 75 2.63 11.93 2.04
CA LYS A 75 2.26 13.31 1.88
C LYS A 75 0.89 13.54 2.48
N LYS A 76 0.09 12.46 2.65
CA LYS A 76 -1.24 12.61 3.19
C LYS A 76 -1.20 12.54 4.70
N LEU A 77 -0.15 11.93 5.29
CA LEU A 77 -0.07 11.81 6.73
C LEU A 77 0.10 13.20 7.31
N GLY A 78 0.99 14.01 6.71
CA GLY A 78 1.20 15.34 7.22
C GLY A 78 2.68 15.68 7.07
N ASP A 3 7.58 5.87 12.55
CA ASP A 3 7.92 4.62 11.82
C ASP A 3 6.89 4.31 10.77
N ILE A 4 6.82 5.15 9.72
CA ILE A 4 5.87 4.95 8.65
C ILE A 4 6.41 3.89 7.72
N GLU A 5 7.75 3.71 7.71
CA GLU A 5 8.36 2.76 6.82
C GLU A 5 7.98 1.34 7.19
N GLN A 6 7.91 1.01 8.49
CA GLN A 6 7.61 -0.34 8.89
C GLN A 6 6.12 -0.59 8.90
N ARG A 7 5.27 0.46 9.08
CA ARG A 7 3.84 0.20 9.10
C ARG A 7 3.36 -0.16 7.70
N VAL A 8 3.89 0.54 6.67
CA VAL A 8 3.44 0.29 5.32
C VAL A 8 3.96 -1.05 4.85
N LYS A 9 5.26 -1.34 5.07
CA LYS A 9 5.83 -2.58 4.61
C LYS A 9 5.26 -3.74 5.39
N GLN A 10 4.96 -3.56 6.70
CA GLN A 10 4.45 -4.66 7.50
C GLN A 10 3.05 -5.02 7.06
N ALA A 11 2.21 -4.01 6.72
CA ALA A 11 0.86 -4.28 6.33
C ALA A 11 0.79 -5.06 5.04
N VAL A 12 1.64 -4.76 4.03
CA VAL A 12 1.56 -5.49 2.78
C VAL A 12 2.09 -6.89 2.98
N ALA A 13 3.26 -7.02 3.67
CA ALA A 13 3.85 -8.32 3.88
C ALA A 13 2.93 -9.19 4.73
N GLU A 14 2.30 -8.61 5.75
CA GLU A 14 1.45 -9.40 6.62
C GLU A 14 0.17 -9.79 5.91
N GLN A 15 -0.42 -8.87 5.12
CA GLN A 15 -1.68 -9.17 4.49
C GLN A 15 -1.54 -10.28 3.45
N LEU A 16 -0.45 -10.29 2.65
CA LEU A 16 -0.35 -11.28 1.60
C LEU A 16 0.61 -12.40 1.94
N GLY A 17 1.30 -12.34 3.10
CA GLY A 17 2.21 -13.42 3.44
C GLY A 17 3.55 -13.22 2.77
N LEU A 18 3.90 -11.96 2.43
CA LEU A 18 5.18 -11.71 1.79
C LEU A 18 6.11 -11.16 2.84
N LYS A 19 7.33 -10.74 2.41
CA LYS A 19 8.29 -10.22 3.36
C LYS A 19 8.54 -8.76 3.04
N ALA A 20 8.69 -7.95 4.12
CA ALA A 20 8.92 -6.51 4.00
C ALA A 20 10.21 -6.25 3.25
N GLU A 21 11.26 -7.07 3.51
CA GLU A 21 12.53 -6.85 2.83
C GLU A 21 12.41 -7.18 1.37
N GLU A 22 11.52 -8.13 1.00
CA GLU A 22 11.38 -8.47 -0.39
C GLU A 22 10.56 -7.42 -1.09
N ILE A 23 9.86 -6.56 -0.32
CA ILE A 23 9.05 -5.51 -0.92
C ILE A 23 9.94 -4.38 -1.38
N LYS A 24 9.86 -4.06 -2.70
CA LYS A 24 10.65 -3.00 -3.28
C LYS A 24 9.77 -1.81 -3.54
N ASN A 25 10.41 -0.62 -3.69
CA ASN A 25 9.67 0.59 -3.98
C ASN A 25 9.18 0.53 -5.41
N GLU A 26 9.96 -0.13 -6.30
CA GLU A 26 9.58 -0.19 -7.70
C GLU A 26 8.88 -1.50 -7.99
N ALA A 27 8.33 -2.16 -6.95
CA ALA A 27 7.68 -3.43 -7.18
C ALA A 27 6.23 -3.19 -7.45
N SER A 28 5.75 -3.65 -8.63
CA SER A 28 4.37 -3.51 -9.00
C SER A 28 3.55 -4.44 -8.14
N PHE A 29 2.37 -3.97 -7.74
CA PHE A 29 1.48 -4.73 -6.90
C PHE A 29 0.79 -5.80 -7.72
N MET A 30 0.12 -5.41 -8.83
CA MET A 30 -0.61 -6.36 -9.64
C MET A 30 0.33 -7.21 -10.48
N ASP A 31 1.39 -6.61 -11.03
CA ASP A 31 2.29 -7.35 -11.90
C ASP A 31 3.13 -8.34 -11.11
N ASP A 32 3.61 -7.97 -9.90
CA ASP A 32 4.49 -8.87 -9.19
C ASP A 32 3.74 -9.73 -8.19
N LEU A 33 2.86 -9.13 -7.36
CA LEU A 33 2.18 -9.92 -6.36
C LEU A 33 0.90 -10.48 -6.89
N GLY A 34 0.35 -9.88 -7.98
CA GLY A 34 -0.89 -10.38 -8.54
C GLY A 34 -2.01 -10.06 -7.59
N ALA A 35 -2.02 -8.84 -7.00
CA ALA A 35 -3.07 -8.50 -6.09
C ALA A 35 -4.23 -7.98 -6.90
N ASP A 36 -5.45 -8.41 -6.54
CA ASP A 36 -6.61 -7.96 -7.24
C ASP A 36 -7.12 -6.76 -6.50
N SER A 37 -8.37 -6.34 -6.81
CA SER A 37 -8.93 -5.19 -6.16
C SER A 37 -9.36 -5.58 -4.76
N LEU A 38 -9.43 -6.90 -4.48
CA LEU A 38 -9.84 -7.33 -3.17
C LEU A 38 -8.75 -7.01 -2.17
N ASP A 39 -7.47 -7.24 -2.54
CA ASP A 39 -6.39 -6.97 -1.63
C ASP A 39 -5.94 -5.54 -1.76
N LEU A 40 -6.27 -4.87 -2.88
CA LEU A 40 -5.85 -3.48 -3.04
C LEU A 40 -6.85 -2.57 -2.38
N VAL A 41 -8.17 -2.87 -2.49
CA VAL A 41 -9.18 -2.02 -1.89
C VAL A 41 -9.15 -2.23 -0.40
N GLU A 42 -9.01 -3.51 0.04
CA GLU A 42 -8.98 -3.83 1.45
C GLU A 42 -7.72 -3.28 2.07
N LEU A 43 -6.59 -3.30 1.33
CA LEU A 43 -5.35 -2.79 1.86
C LEU A 43 -5.50 -1.31 2.09
N VAL A 44 -6.18 -0.59 1.16
CA VAL A 44 -6.39 0.84 1.34
C VAL A 44 -7.37 0.99 2.47
N MET A 45 -8.31 0.04 2.61
CA MET A 45 -9.30 0.11 3.67
C MET A 45 -8.58 0.08 5.00
N SER A 46 -7.57 -0.79 5.12
CA SER A 46 -6.81 -0.91 6.35
C SER A 46 -5.96 0.32 6.54
N PHE A 47 -5.44 0.88 5.42
CA PHE A 47 -4.59 2.05 5.48
C PHE A 47 -5.39 3.23 5.95
N GLU A 48 -6.69 3.31 5.56
CA GLU A 48 -7.52 4.43 5.95
C GLU A 48 -7.78 4.41 7.43
N ASN A 49 -8.00 3.22 8.03
CA ASN A 49 -8.28 3.15 9.46
C ASN A 49 -7.01 3.37 10.26
N ASP A 50 -5.88 2.76 9.82
CA ASP A 50 -4.65 2.85 10.58
C ASP A 50 -4.03 4.23 10.51
N PHE A 51 -4.05 4.90 9.34
CA PHE A 51 -3.42 6.20 9.25
C PHE A 51 -4.44 7.29 9.39
N ASP A 52 -5.74 6.94 9.29
CA ASP A 52 -6.79 7.92 9.45
C ASP A 52 -6.83 8.85 8.27
N ILE A 53 -6.49 8.37 7.04
CA ILE A 53 -6.58 9.26 5.91
C ILE A 53 -7.51 8.64 4.93
N THR A 54 -7.99 9.44 3.97
CA THR A 54 -8.95 8.94 3.01
C THR A 54 -8.37 9.10 1.63
N ILE A 55 -8.45 8.02 0.82
CA ILE A 55 -7.94 8.09 -0.52
C ILE A 55 -9.08 7.85 -1.46
N PRO A 56 -9.25 8.79 -2.36
CA PRO A 56 -10.29 8.72 -3.38
C PRO A 56 -9.91 7.81 -4.49
N ASP A 57 -10.84 7.55 -5.43
CA ASP A 57 -10.55 6.70 -6.56
C ASP A 57 -9.73 7.48 -7.54
N GLU A 58 -9.70 8.83 -7.39
CA GLU A 58 -8.93 9.66 -8.28
C GLU A 58 -7.48 9.31 -8.12
N ASP A 59 -7.01 9.14 -6.85
CA ASP A 59 -5.64 8.79 -6.63
C ASP A 59 -5.55 7.31 -6.35
N SER A 60 -6.71 6.64 -6.25
CA SER A 60 -6.76 5.20 -5.99
C SER A 60 -6.27 4.48 -7.21
N ASN A 61 -6.63 5.02 -8.39
CA ASN A 61 -6.26 4.39 -9.63
C ASN A 61 -4.81 4.70 -9.96
N GLU A 62 -4.09 5.43 -9.05
CA GLU A 62 -2.71 5.76 -9.34
C GLU A 62 -1.80 4.80 -8.63
N ILE A 63 -2.27 4.15 -7.54
CA ILE A 63 -1.44 3.23 -6.81
C ILE A 63 -1.21 2.03 -7.66
N THR A 64 0.07 1.79 -7.97
CA THR A 64 0.42 0.66 -8.79
C THR A 64 1.59 -0.06 -8.18
N THR A 65 2.50 0.68 -7.51
CA THR A 65 3.65 0.06 -6.93
C THR A 65 3.67 0.40 -5.46
N VAL A 66 4.64 -0.23 -4.73
CA VAL A 66 4.75 0.00 -3.31
C VAL A 66 5.07 1.46 -3.10
N GLN A 67 5.90 2.04 -4.00
CA GLN A 67 6.26 3.43 -3.89
C GLN A 67 5.03 4.30 -3.99
N SER A 68 3.97 3.89 -4.73
CA SER A 68 2.78 4.72 -4.82
C SER A 68 2.15 4.78 -3.45
N ALA A 69 2.12 3.61 -2.75
CA ALA A 69 1.51 3.54 -1.42
C ALA A 69 2.28 4.38 -0.41
N ILE A 70 3.64 4.36 -0.43
CA ILE A 70 4.39 5.08 0.58
C ILE A 70 4.55 6.54 0.21
N ASP A 71 4.61 6.87 -1.09
CA ASP A 71 4.80 8.24 -1.49
C ASP A 71 3.55 9.04 -1.19
N TYR A 72 2.37 8.51 -1.60
CA TYR A 72 1.14 9.24 -1.38
C TYR A 72 0.75 9.26 0.07
N VAL A 73 0.95 8.16 0.82
CA VAL A 73 0.58 8.12 2.22
C VAL A 73 1.53 8.96 3.03
N THR A 74 2.84 8.98 2.67
CA THR A 74 3.80 9.73 3.46
C THR A 74 3.47 11.21 3.40
N LYS A 75 2.95 11.70 2.24
CA LYS A 75 2.61 13.11 2.16
C LYS A 75 1.23 13.34 2.70
N LYS A 76 0.39 12.27 2.80
CA LYS A 76 -0.97 12.44 3.30
C LYS A 76 -1.00 12.32 4.80
N LEU A 77 0.05 11.72 5.41
CA LEU A 77 0.06 11.56 6.85
C LEU A 77 0.17 12.93 7.48
N GLY A 78 1.05 13.79 6.93
CA GLY A 78 1.20 15.11 7.49
C GLY A 78 2.68 15.47 7.43
N ASP A 3 7.72 5.80 12.31
CA ASP A 3 7.99 4.49 11.65
C ASP A 3 6.95 4.18 10.61
N ILE A 4 6.91 5.01 9.54
CA ILE A 4 5.95 4.79 8.46
C ILE A 4 6.48 3.71 7.57
N GLU A 5 7.81 3.52 7.55
CA GLU A 5 8.43 2.52 6.69
C GLU A 5 8.03 1.13 7.10
N GLN A 6 7.95 0.84 8.42
CA GLN A 6 7.64 -0.50 8.86
C GLN A 6 6.15 -0.73 8.85
N ARG A 7 5.31 0.33 9.00
CA ARG A 7 3.87 0.08 9.00
C ARG A 7 3.41 -0.29 7.62
N VAL A 8 3.95 0.37 6.57
CA VAL A 8 3.53 0.08 5.22
C VAL A 8 4.03 -1.27 4.78
N LYS A 9 5.33 -1.56 5.04
CA LYS A 9 5.90 -2.82 4.61
C LYS A 9 5.30 -3.96 5.40
N GLN A 10 4.99 -3.75 6.70
CA GLN A 10 4.45 -4.83 7.51
C GLN A 10 3.05 -5.16 7.06
N ALA A 11 2.24 -4.15 6.70
CA ALA A 11 0.88 -4.38 6.30
C ALA A 11 0.80 -5.20 5.03
N VAL A 12 1.68 -4.93 4.02
CA VAL A 12 1.59 -5.68 2.78
C VAL A 12 2.14 -7.07 3.00
N ALA A 13 3.29 -7.19 3.71
CA ALA A 13 3.89 -8.48 3.96
C ALA A 13 2.98 -9.35 4.78
N GLU A 14 2.33 -8.77 5.80
CA GLU A 14 1.46 -9.56 6.65
C GLU A 14 0.20 -9.93 5.94
N GLN A 15 -0.39 -9.01 5.15
CA GLN A 15 -1.65 -9.31 4.50
C GLN A 15 -1.50 -10.39 3.46
N LEU A 16 -0.41 -10.38 2.66
CA LEU A 16 -0.29 -11.35 1.60
C LEU A 16 0.63 -12.50 1.96
N GLY A 17 1.32 -12.44 3.12
CA GLY A 17 2.19 -13.53 3.50
C GLY A 17 3.55 -13.38 2.85
N LEU A 18 3.93 -12.14 2.48
CA LEU A 18 5.22 -11.93 1.85
C LEU A 18 6.15 -11.36 2.88
N LYS A 19 7.38 -10.97 2.46
CA LYS A 19 8.33 -10.42 3.39
C LYS A 19 8.56 -8.96 3.06
N ALA A 20 8.69 -8.14 4.14
CA ALA A 20 8.91 -6.71 4.02
C ALA A 20 10.18 -6.42 3.26
N GLU A 21 11.24 -7.22 3.50
CA GLU A 21 12.51 -7.00 2.83
C GLU A 21 12.38 -7.32 1.36
N GLU A 22 11.49 -8.26 0.99
CA GLU A 22 11.34 -8.60 -0.41
C GLU A 22 10.54 -7.52 -1.10
N ILE A 23 9.80 -6.70 -0.33
CA ILE A 23 9.01 -5.64 -0.93
C ILE A 23 9.91 -4.49 -1.34
N LYS A 24 9.85 -4.13 -2.65
CA LYS A 24 10.64 -3.05 -3.19
C LYS A 24 9.76 -1.86 -3.40
N ASN A 25 10.37 -0.66 -3.60
CA ASN A 25 9.59 0.52 -3.85
C ASN A 25 9.24 0.58 -5.32
N GLU A 26 9.94 -0.22 -6.15
CA GLU A 26 9.65 -0.22 -7.56
C GLU A 26 8.91 -1.48 -7.91
N ALA A 27 8.31 -2.15 -6.91
CA ALA A 27 7.63 -3.40 -7.17
C ALA A 27 6.19 -3.11 -7.44
N SER A 28 5.70 -3.57 -8.62
CA SER A 28 4.32 -3.39 -8.97
C SER A 28 3.50 -4.35 -8.14
N PHE A 29 2.30 -3.90 -7.74
CA PHE A 29 1.44 -4.71 -6.91
C PHE A 29 0.78 -5.78 -7.75
N MET A 30 0.04 -5.38 -8.80
CA MET A 30 -0.66 -6.33 -9.64
C MET A 30 0.29 -7.14 -10.51
N ASP A 31 1.36 -6.49 -11.03
CA ASP A 31 2.26 -7.19 -11.92
C ASP A 31 3.08 -8.23 -11.19
N ASP A 32 3.56 -7.95 -9.96
CA ASP A 32 4.41 -8.92 -9.30
C ASP A 32 3.64 -9.76 -8.31
N LEU A 33 2.88 -9.13 -7.39
CA LEU A 33 2.18 -9.90 -6.39
C LEU A 33 0.88 -10.41 -6.95
N GLY A 34 0.35 -9.77 -8.01
CA GLY A 34 -0.89 -10.21 -8.59
C GLY A 34 -2.01 -9.88 -7.64
N ALA A 35 -1.97 -8.68 -7.01
CA ALA A 35 -3.02 -8.31 -6.10
C ALA A 35 -4.17 -7.80 -6.90
N ASP A 36 -5.39 -8.25 -6.53
CA ASP A 36 -6.56 -7.79 -7.22
C ASP A 36 -7.09 -6.62 -6.45
N SER A 37 -8.33 -6.19 -6.76
CA SER A 37 -8.90 -5.06 -6.07
C SER A 37 -9.30 -5.48 -4.68
N LEU A 38 -9.36 -6.80 -4.41
CA LEU A 38 -9.74 -7.25 -3.10
C LEU A 38 -8.64 -6.93 -2.11
N ASP A 39 -7.36 -7.15 -2.50
CA ASP A 39 -6.27 -6.89 -1.58
C ASP A 39 -5.84 -5.45 -1.69
N LEU A 40 -6.17 -4.76 -2.80
CA LEU A 40 -5.76 -3.38 -2.94
C LEU A 40 -6.78 -2.48 -2.28
N VAL A 41 -8.09 -2.79 -2.42
CA VAL A 41 -9.12 -1.97 -1.81
C VAL A 41 -9.11 -2.19 -0.32
N GLU A 42 -8.94 -3.46 0.12
CA GLU A 42 -8.90 -3.78 1.53
C GLU A 42 -7.65 -3.23 2.16
N LEU A 43 -6.52 -3.26 1.42
CA LEU A 43 -5.27 -2.77 1.96
C LEU A 43 -5.38 -1.28 2.16
N VAL A 44 -6.00 -0.56 1.21
CA VAL A 44 -6.13 0.88 1.36
C VAL A 44 -7.23 1.14 2.36
N MET A 45 -8.13 0.15 2.57
CA MET A 45 -9.19 0.30 3.54
C MET A 45 -8.54 0.31 4.91
N SER A 46 -7.53 -0.57 5.09
CA SER A 46 -6.83 -0.67 6.33
C SER A 46 -5.92 0.52 6.48
N PHE A 47 -5.48 1.11 5.35
CA PHE A 47 -4.60 2.25 5.39
C PHE A 47 -5.37 3.45 5.89
N GLU A 48 -6.68 3.54 5.55
CA GLU A 48 -7.48 4.65 6.00
C GLU A 48 -7.72 4.56 7.49
N ASN A 49 -7.94 3.35 8.02
CA ASN A 49 -8.19 3.21 9.45
C ASN A 49 -6.92 3.43 10.23
N ASP A 50 -5.78 2.88 9.75
CA ASP A 50 -4.54 2.98 10.49
C ASP A 50 -3.95 4.38 10.44
N PHE A 51 -4.00 5.08 9.29
CA PHE A 51 -3.38 6.39 9.23
C PHE A 51 -4.42 7.47 9.39
N ASP A 52 -5.71 7.12 9.25
CA ASP A 52 -6.78 8.08 9.42
C ASP A 52 -6.89 9.03 8.24
N ILE A 53 -6.63 8.57 7.00
CA ILE A 53 -6.78 9.47 5.89
C ILE A 53 -7.89 8.94 5.01
N THR A 54 -8.06 9.58 3.84
CA THR A 54 -9.10 9.15 2.93
C THR A 54 -8.45 9.01 1.58
N ILE A 55 -8.64 7.85 0.92
CA ILE A 55 -8.03 7.65 -0.36
C ILE A 55 -9.13 7.38 -1.37
N PRO A 56 -9.40 8.38 -2.17
CA PRO A 56 -10.40 8.29 -3.21
C PRO A 56 -9.88 7.53 -4.41
N ASP A 57 -10.80 7.07 -5.29
CA ASP A 57 -10.42 6.33 -6.46
C ASP A 57 -9.72 7.23 -7.45
N GLU A 58 -9.81 8.57 -7.26
CA GLU A 58 -9.16 9.48 -8.19
C GLU A 58 -7.67 9.26 -8.13
N ASP A 59 -7.11 9.04 -6.92
CA ASP A 59 -5.69 8.81 -6.80
C ASP A 59 -5.47 7.34 -6.52
N SER A 60 -6.58 6.59 -6.33
CA SER A 60 -6.49 5.17 -6.08
C SER A 60 -6.03 4.49 -7.33
N ASN A 61 -6.48 5.01 -8.50
CA ASN A 61 -6.13 4.41 -9.75
C ASN A 61 -4.67 4.72 -10.09
N GLU A 62 -3.94 5.44 -9.20
CA GLU A 62 -2.56 5.77 -9.49
C GLU A 62 -1.65 4.91 -8.67
N ILE A 63 -2.19 4.23 -7.63
CA ILE A 63 -1.36 3.40 -6.80
C ILE A 63 -1.12 2.13 -7.57
N THR A 64 0.14 1.94 -8.00
CA THR A 64 0.46 0.76 -8.77
C THR A 64 1.61 0.05 -8.13
N THR A 65 2.57 0.79 -7.55
CA THR A 65 3.72 0.18 -6.96
C THR A 65 3.71 0.47 -5.47
N VAL A 66 4.67 -0.16 -4.75
CA VAL A 66 4.75 0.04 -3.32
C VAL A 66 5.07 1.48 -3.06
N GLN A 67 5.93 2.08 -3.91
CA GLN A 67 6.29 3.48 -3.74
C GLN A 67 5.05 4.36 -3.89
N SER A 68 4.03 3.94 -4.69
CA SER A 68 2.85 4.77 -4.83
C SER A 68 2.15 4.81 -3.50
N ALA A 69 2.09 3.65 -2.80
CA ALA A 69 1.43 3.58 -1.50
C ALA A 69 2.16 4.44 -0.48
N ILE A 70 3.51 4.38 -0.43
CA ILE A 70 4.27 5.13 0.56
C ILE A 70 4.31 6.60 0.23
N ASP A 71 4.51 6.96 -1.05
CA ASP A 71 4.63 8.34 -1.43
C ASP A 71 3.34 9.08 -1.15
N TYR A 72 2.20 8.47 -1.52
CA TYR A 72 0.92 9.11 -1.34
C TYR A 72 0.53 9.20 0.12
N VAL A 73 0.83 8.18 0.95
CA VAL A 73 0.43 8.24 2.34
C VAL A 73 1.40 9.05 3.15
N THR A 74 2.66 9.18 2.69
CA THR A 74 3.63 9.91 3.45
C THR A 74 3.30 11.39 3.38
N LYS A 75 2.79 11.87 2.22
CA LYS A 75 2.43 13.27 2.13
C LYS A 75 1.02 13.45 2.62
N LYS A 76 0.23 12.36 2.70
CA LYS A 76 -1.15 12.48 3.16
C LYS A 76 -1.22 12.39 4.66
N LEU A 77 -0.10 12.01 5.34
CA LEU A 77 -0.13 11.91 6.79
C LEU A 77 -0.31 13.30 7.36
N GLY A 78 0.41 14.30 6.79
CA GLY A 78 0.28 15.63 7.30
C GLY A 78 1.51 16.42 6.84
N ASP A 3 7.78 5.85 12.23
CA ASP A 3 8.04 4.55 11.55
C ASP A 3 6.98 4.24 10.53
N ILE A 4 6.93 5.05 9.43
CA ILE A 4 5.95 4.83 8.40
C ILE A 4 6.42 3.71 7.51
N GLU A 5 7.76 3.49 7.46
CA GLU A 5 8.30 2.46 6.58
C GLU A 5 7.98 1.07 7.09
N GLN A 6 7.84 0.88 8.42
CA GLN A 6 7.58 -0.45 8.92
C GLN A 6 6.09 -0.73 8.90
N ARG A 7 5.23 0.31 9.04
CA ARG A 7 3.80 0.05 9.03
C ARG A 7 3.37 -0.33 7.64
N VAL A 8 3.91 0.35 6.60
CA VAL A 8 3.51 0.07 5.25
C VAL A 8 4.02 -1.27 4.80
N LYS A 9 5.31 -1.57 5.07
CA LYS A 9 5.88 -2.82 4.63
C LYS A 9 5.30 -3.97 5.42
N GLN A 10 4.99 -3.76 6.72
CA GLN A 10 4.47 -4.84 7.53
C GLN A 10 3.07 -5.20 7.08
N ALA A 11 2.25 -4.19 6.73
CA ALA A 11 0.89 -4.44 6.33
C ALA A 11 0.81 -5.23 5.05
N VAL A 12 1.68 -4.95 4.05
CA VAL A 12 1.59 -5.67 2.79
C VAL A 12 2.14 -7.06 2.99
N ALA A 13 3.30 -7.19 3.68
CA ALA A 13 3.91 -8.48 3.88
C ALA A 13 3.00 -9.36 4.72
N GLU A 14 2.36 -8.80 5.75
CA GLU A 14 1.51 -9.60 6.60
C GLU A 14 0.23 -9.98 5.89
N GLN A 15 -0.36 -9.05 5.11
CA GLN A 15 -1.62 -9.35 4.47
C GLN A 15 -1.48 -10.44 3.42
N LEU A 16 -0.40 -10.41 2.62
CA LEU A 16 -0.29 -11.38 1.54
C LEU A 16 0.65 -12.51 1.88
N GLY A 17 1.36 -12.48 3.03
CA GLY A 17 2.24 -13.57 3.37
C GLY A 17 3.59 -13.38 2.71
N LEU A 18 3.94 -12.12 2.37
CA LEU A 18 5.22 -11.87 1.75
C LEU A 18 6.15 -11.32 2.80
N LYS A 19 7.37 -10.90 2.40
CA LYS A 19 8.31 -10.37 3.36
C LYS A 19 8.56 -8.91 3.05
N ALA A 20 8.73 -8.11 4.12
CA ALA A 20 8.97 -6.68 4.03
C ALA A 20 10.25 -6.42 3.25
N GLU A 21 11.30 -7.25 3.47
CA GLU A 21 12.56 -7.03 2.77
C GLU A 21 12.40 -7.34 1.31
N GLU A 22 11.48 -8.26 0.94
CA GLU A 22 11.31 -8.60 -0.45
C GLU A 22 10.52 -7.49 -1.13
N ILE A 23 9.82 -6.65 -0.34
CA ILE A 23 9.03 -5.57 -0.93
C ILE A 23 9.96 -4.45 -1.36
N LYS A 24 9.89 -4.10 -2.68
CA LYS A 24 10.72 -3.05 -3.24
C LYS A 24 9.86 -1.82 -3.45
N ASN A 25 10.53 -0.65 -3.61
CA ASN A 25 9.82 0.59 -3.87
C ASN A 25 9.32 0.57 -5.30
N GLU A 26 9.99 -0.16 -6.20
CA GLU A 26 9.59 -0.19 -7.59
C GLU A 26 8.86 -1.47 -7.89
N ALA A 27 8.29 -2.13 -6.86
CA ALA A 27 7.62 -3.39 -7.09
C ALA A 27 6.17 -3.11 -7.37
N SER A 28 5.70 -3.55 -8.55
CA SER A 28 4.32 -3.37 -8.92
C SER A 28 3.49 -4.34 -8.11
N PHE A 29 2.31 -3.86 -7.67
CA PHE A 29 1.43 -4.66 -6.86
C PHE A 29 0.77 -5.74 -7.70
N MET A 30 0.12 -5.33 -8.83
CA MET A 30 -0.59 -6.29 -9.67
C MET A 30 0.37 -7.12 -10.50
N ASP A 31 1.45 -6.51 -11.02
CA ASP A 31 2.37 -7.24 -11.89
C ASP A 31 3.17 -8.28 -11.13
N ASP A 32 3.62 -7.98 -9.90
CA ASP A 32 4.46 -8.93 -9.20
C ASP A 32 3.67 -9.79 -8.25
N LEU A 33 2.87 -9.18 -7.36
CA LEU A 33 2.15 -9.97 -6.38
C LEU A 33 0.85 -10.47 -6.95
N GLY A 34 0.33 -9.83 -8.02
CA GLY A 34 -0.91 -10.27 -8.60
C GLY A 34 -2.03 -9.94 -7.66
N ALA A 35 -1.99 -8.76 -7.00
CA ALA A 35 -3.04 -8.40 -6.09
C ALA A 35 -4.21 -7.93 -6.91
N ASP A 36 -5.42 -8.34 -6.51
CA ASP A 36 -6.59 -7.92 -7.22
C ASP A 36 -7.15 -6.74 -6.48
N SER A 37 -8.40 -6.34 -6.82
CA SER A 37 -9.01 -5.21 -6.16
C SER A 37 -9.41 -5.60 -4.76
N LEU A 38 -9.43 -6.91 -4.43
CA LEU A 38 -9.81 -7.33 -3.11
C LEU A 38 -8.72 -6.99 -2.12
N ASP A 39 -7.44 -7.21 -2.50
CA ASP A 39 -6.35 -6.93 -1.58
C ASP A 39 -5.92 -5.49 -1.72
N LEU A 40 -6.29 -4.83 -2.83
CA LEU A 40 -5.88 -3.46 -3.02
C LEU A 40 -6.87 -2.53 -2.34
N VAL A 41 -8.18 -2.88 -2.32
CA VAL A 41 -9.14 -2.01 -1.67
C VAL A 41 -9.16 -2.30 -0.20
N GLU A 42 -8.91 -3.57 0.20
CA GLU A 42 -8.88 -3.90 1.61
C GLU A 42 -7.64 -3.34 2.23
N LEU A 43 -6.52 -3.34 1.47
CA LEU A 43 -5.27 -2.83 1.98
C LEU A 43 -5.39 -1.34 2.18
N VAL A 44 -6.04 -0.63 1.22
CA VAL A 44 -6.20 0.79 1.36
C VAL A 44 -7.30 1.06 2.35
N MET A 45 -8.19 0.06 2.58
CA MET A 45 -9.25 0.23 3.54
C MET A 45 -8.60 0.26 4.91
N SER A 46 -7.59 -0.61 5.10
CA SER A 46 -6.89 -0.70 6.36
C SER A 46 -5.99 0.48 6.49
N PHE A 47 -5.56 1.07 5.36
CA PHE A 47 -4.68 2.22 5.38
C PHE A 47 -5.44 3.40 5.89
N GLU A 48 -6.75 3.49 5.55
CA GLU A 48 -7.56 4.61 6.01
C GLU A 48 -7.78 4.52 7.49
N ASN A 49 -7.99 3.31 8.04
CA ASN A 49 -8.24 3.19 9.46
C ASN A 49 -6.96 3.41 10.25
N ASP A 50 -5.82 2.85 9.77
CA ASP A 50 -4.57 2.94 10.49
C ASP A 50 -3.96 4.33 10.44
N PHE A 51 -4.00 5.02 9.27
CA PHE A 51 -3.37 6.32 9.19
C PHE A 51 -4.39 7.41 9.38
N ASP A 52 -5.69 7.06 9.34
CA ASP A 52 -6.74 8.03 9.53
C ASP A 52 -6.81 8.98 8.37
N ILE A 53 -6.54 8.54 7.12
CA ILE A 53 -6.66 9.45 6.02
C ILE A 53 -7.61 8.85 5.04
N THR A 54 -8.06 9.66 4.06
CA THR A 54 -9.03 9.17 3.10
C THR A 54 -8.40 9.21 1.74
N ILE A 55 -8.52 8.09 1.00
CA ILE A 55 -7.96 8.03 -0.33
C ILE A 55 -9.08 7.80 -1.29
N PRO A 56 -9.20 8.71 -2.23
CA PRO A 56 -10.21 8.63 -3.26
C PRO A 56 -9.80 7.74 -4.39
N ASP A 57 -10.73 7.45 -5.33
CA ASP A 57 -10.41 6.61 -6.45
C ASP A 57 -9.60 7.41 -7.43
N GLU A 58 -9.59 8.76 -7.28
CA GLU A 58 -8.83 9.59 -8.18
C GLU A 58 -7.36 9.28 -8.01
N ASP A 59 -6.92 9.07 -6.75
CA ASP A 59 -5.52 8.77 -6.53
C ASP A 59 -5.39 7.28 -6.25
N SER A 60 -6.53 6.56 -6.19
CA SER A 60 -6.49 5.13 -5.93
C SER A 60 -6.13 4.45 -7.22
N ASN A 61 -6.46 5.09 -8.35
CA ASN A 61 -6.19 4.50 -9.64
C ASN A 61 -4.74 4.74 -10.01
N GLU A 62 -3.94 5.38 -9.12
CA GLU A 62 -2.55 5.64 -9.44
C GLU A 62 -1.65 4.76 -8.62
N ILE A 63 -2.22 3.99 -7.65
CA ILE A 63 -1.39 3.13 -6.85
C ILE A 63 -1.12 1.90 -7.66
N THR A 64 0.16 1.71 -8.01
CA THR A 64 0.53 0.57 -8.78
C THR A 64 1.78 -0.05 -8.24
N THR A 65 2.56 0.70 -7.44
CA THR A 65 3.77 0.18 -6.89
C THR A 65 3.77 0.45 -5.41
N VAL A 66 4.75 -0.14 -4.70
CA VAL A 66 4.84 0.05 -3.27
C VAL A 66 5.09 1.51 -3.01
N GLN A 67 5.93 2.15 -3.85
CA GLN A 67 6.23 3.56 -3.69
C GLN A 67 4.97 4.39 -3.89
N SER A 68 3.97 3.91 -4.67
CA SER A 68 2.76 4.71 -4.85
C SER A 68 2.07 4.78 -3.51
N ALA A 69 2.03 3.65 -2.78
CA ALA A 69 1.37 3.60 -1.48
C ALA A 69 2.09 4.48 -0.46
N ILE A 70 3.45 4.40 -0.40
CA ILE A 70 4.21 5.15 0.60
C ILE A 70 4.29 6.61 0.26
N ASP A 71 4.58 6.96 -1.01
CA ASP A 71 4.73 8.35 -1.39
C ASP A 71 3.44 9.12 -1.17
N TYR A 72 2.31 8.53 -1.61
CA TYR A 72 1.05 9.20 -1.50
C TYR A 72 0.59 9.33 -0.06
N VAL A 73 0.81 8.30 0.79
CA VAL A 73 0.34 8.39 2.16
C VAL A 73 1.29 9.19 3.00
N THR A 74 2.57 9.27 2.59
CA THR A 74 3.53 10.01 3.38
C THR A 74 3.22 11.49 3.31
N LYS A 75 2.76 11.98 2.14
CA LYS A 75 2.42 13.39 2.05
C LYS A 75 0.99 13.59 2.49
N LYS A 76 0.16 12.52 2.53
CA LYS A 76 -1.22 12.66 2.92
C LYS A 76 -1.36 12.56 4.43
N LEU A 77 -0.29 12.15 5.16
CA LEU A 77 -0.40 12.04 6.60
C LEU A 77 -0.60 13.41 7.17
N GLY A 78 0.16 14.41 6.68
CA GLY A 78 0.02 15.74 7.18
C GLY A 78 1.14 16.59 6.59
N ASP A 3 7.67 5.90 12.28
CA ASP A 3 7.97 4.58 11.64
C ASP A 3 6.94 4.23 10.60
N ILE A 4 6.88 5.04 9.52
CA ILE A 4 5.93 4.79 8.46
C ILE A 4 6.48 3.69 7.57
N GLU A 5 7.82 3.51 7.58
CA GLU A 5 8.43 2.50 6.73
C GLU A 5 8.03 1.10 7.15
N GLN A 6 7.94 0.82 8.47
CA GLN A 6 7.62 -0.52 8.89
C GLN A 6 6.13 -0.75 8.91
N ARG A 7 5.29 0.32 9.05
CA ARG A 7 3.85 0.08 9.08
C ARG A 7 3.38 -0.31 7.69
N VAL A 8 3.90 0.35 6.65
CA VAL A 8 3.46 0.06 5.30
C VAL A 8 3.97 -1.29 4.85
N LYS A 9 5.28 -1.56 5.10
CA LYS A 9 5.85 -2.81 4.64
C LYS A 9 5.28 -3.97 5.44
N GLN A 10 4.97 -3.77 6.74
CA GLN A 10 4.47 -4.85 7.55
C GLN A 10 3.06 -5.21 7.13
N ALA A 11 2.23 -4.21 6.78
CA ALA A 11 0.85 -4.47 6.40
C ALA A 11 0.79 -5.26 5.11
N VAL A 12 1.63 -4.96 4.10
CA VAL A 12 1.54 -5.69 2.84
C VAL A 12 2.07 -7.08 3.04
N ALA A 13 3.22 -7.23 3.74
CA ALA A 13 3.80 -8.53 3.96
C ALA A 13 2.88 -9.38 4.80
N GLU A 14 2.23 -8.80 5.82
CA GLU A 14 1.37 -9.57 6.68
C GLU A 14 0.09 -9.95 5.98
N GLN A 15 -0.52 -9.04 5.19
CA GLN A 15 -1.78 -9.35 4.58
C GLN A 15 -1.63 -10.42 3.50
N LEU A 16 -0.55 -10.39 2.69
CA LEU A 16 -0.46 -11.35 1.61
C LEU A 16 0.51 -12.47 1.92
N GLY A 17 1.22 -12.44 3.05
CA GLY A 17 2.14 -13.51 3.36
C GLY A 17 3.45 -13.30 2.65
N LEU A 18 3.81 -12.03 2.35
CA LEU A 18 5.06 -11.75 1.67
C LEU A 18 6.04 -11.26 2.72
N LYS A 19 7.24 -10.84 2.28
CA LYS A 19 8.23 -10.36 3.21
C LYS A 19 8.50 -8.90 2.93
N ALA A 20 8.66 -8.12 4.03
CA ALA A 20 8.91 -6.69 3.96
C ALA A 20 10.19 -6.42 3.20
N GLU A 21 11.24 -7.25 3.41
CA GLU A 21 12.50 -7.04 2.73
C GLU A 21 12.36 -7.34 1.26
N GLU A 22 11.45 -8.26 0.88
CA GLU A 22 11.29 -8.58 -0.52
C GLU A 22 10.50 -7.47 -1.19
N ILE A 23 9.81 -6.63 -0.38
CA ILE A 23 9.04 -5.54 -0.95
C ILE A 23 9.97 -4.44 -1.42
N LYS A 24 9.86 -4.10 -2.73
CA LYS A 24 10.69 -3.07 -3.32
C LYS A 24 9.87 -1.83 -3.53
N ASN A 25 10.55 -0.66 -3.68
CA ASN A 25 9.88 0.58 -3.92
C ASN A 25 9.35 0.60 -5.33
N GLU A 26 10.01 -0.11 -6.26
CA GLU A 26 9.59 -0.12 -7.65
C GLU A 26 8.85 -1.39 -7.96
N ALA A 27 8.31 -2.07 -6.93
CA ALA A 27 7.63 -3.32 -7.17
C ALA A 27 6.17 -3.06 -7.41
N SER A 28 5.67 -3.53 -8.57
CA SER A 28 4.28 -3.36 -8.91
C SER A 28 3.48 -4.32 -8.06
N PHE A 29 2.31 -3.83 -7.61
CA PHE A 29 1.43 -4.61 -6.77
C PHE A 29 0.75 -5.71 -7.58
N MET A 30 0.23 -5.37 -8.79
CA MET A 30 -0.48 -6.36 -9.58
C MET A 30 0.47 -7.18 -10.42
N ASP A 31 1.52 -6.55 -10.98
CA ASP A 31 2.43 -7.28 -11.85
C ASP A 31 3.27 -8.25 -11.06
N ASP A 32 3.71 -7.88 -9.84
CA ASP A 32 4.58 -8.75 -9.10
C ASP A 32 3.84 -9.60 -8.08
N LEU A 33 2.88 -9.02 -7.34
CA LEU A 33 2.20 -9.80 -6.33
C LEU A 33 0.92 -10.38 -6.88
N GLY A 34 0.37 -9.79 -7.94
CA GLY A 34 -0.86 -10.30 -8.51
C GLY A 34 -1.99 -10.01 -7.56
N ALA A 35 -2.02 -8.78 -6.96
CA ALA A 35 -3.06 -8.45 -6.05
C ALA A 35 -4.22 -7.96 -6.86
N ASP A 36 -5.44 -8.44 -6.51
CA ASP A 36 -6.61 -8.02 -7.22
C ASP A 36 -7.14 -6.83 -6.49
N SER A 37 -8.36 -6.39 -6.88
CA SER A 37 -8.96 -5.24 -6.25
C SER A 37 -9.39 -5.60 -4.84
N LEU A 38 -9.42 -6.91 -4.50
CA LEU A 38 -9.83 -7.31 -3.19
C LEU A 38 -8.76 -6.96 -2.18
N ASP A 39 -7.47 -7.18 -2.51
CA ASP A 39 -6.42 -6.87 -1.57
C ASP A 39 -5.98 -5.44 -1.71
N LEU A 40 -6.30 -4.78 -2.85
CA LEU A 40 -5.91 -3.40 -3.02
C LEU A 40 -6.92 -2.52 -2.32
N VAL A 41 -8.22 -2.86 -2.38
CA VAL A 41 -9.24 -2.06 -1.73
C VAL A 41 -9.16 -2.30 -0.24
N GLU A 42 -8.93 -3.57 0.18
CA GLU A 42 -8.81 -3.90 1.58
C GLU A 42 -7.56 -3.30 2.16
N LEU A 43 -6.46 -3.28 1.38
CA LEU A 43 -5.21 -2.75 1.86
C LEU A 43 -5.36 -1.28 2.09
N VAL A 44 -6.05 -0.56 1.17
CA VAL A 44 -6.23 0.86 1.34
C VAL A 44 -7.31 1.08 2.38
N MET A 45 -8.16 0.05 2.61
CA MET A 45 -9.20 0.17 3.61
C MET A 45 -8.53 0.19 4.96
N SER A 46 -7.47 -0.65 5.11
CA SER A 46 -6.74 -0.74 6.34
C SER A 46 -5.85 0.47 6.49
N PHE A 47 -5.46 1.08 5.35
CA PHE A 47 -4.61 2.24 5.37
C PHE A 47 -5.38 3.41 5.93
N GLU A 48 -6.69 3.50 5.58
CA GLU A 48 -7.49 4.60 6.07
C GLU A 48 -7.75 4.47 7.56
N ASN A 49 -7.96 3.22 8.04
CA ASN A 49 -8.25 3.02 9.45
C ASN A 49 -7.01 3.28 10.29
N ASP A 50 -5.81 2.89 9.79
CA ASP A 50 -4.61 3.03 10.59
C ASP A 50 -3.99 4.40 10.48
N PHE A 51 -4.03 5.05 9.29
CA PHE A 51 -3.40 6.35 9.17
C PHE A 51 -4.41 7.45 9.33
N ASP A 52 -5.72 7.12 9.23
CA ASP A 52 -6.77 8.09 9.42
C ASP A 52 -6.90 9.02 8.23
N ILE A 53 -6.61 8.56 6.98
CA ILE A 53 -6.81 9.46 5.87
C ILE A 53 -7.91 8.90 5.02
N THR A 54 -8.12 9.54 3.85
CA THR A 54 -9.16 9.09 2.95
C THR A 54 -8.52 8.98 1.59
N ILE A 55 -8.69 7.82 0.93
CA ILE A 55 -8.11 7.65 -0.36
C ILE A 55 -9.20 7.42 -1.36
N PRO A 56 -9.44 8.43 -2.16
CA PRO A 56 -10.44 8.37 -3.22
C PRO A 56 -9.94 7.59 -4.41
N ASP A 57 -10.86 7.23 -5.34
CA ASP A 57 -10.49 6.47 -6.52
C ASP A 57 -9.71 7.36 -7.45
N GLU A 58 -9.74 8.70 -7.25
CA GLU A 58 -9.02 9.60 -8.11
C GLU A 58 -7.54 9.30 -8.03
N ASP A 59 -7.03 9.02 -6.81
CA ASP A 59 -5.63 8.72 -6.66
C ASP A 59 -5.49 7.24 -6.40
N SER A 60 -6.63 6.53 -6.25
CA SER A 60 -6.61 5.11 -6.00
C SER A 60 -6.15 4.41 -7.25
N ASN A 61 -6.57 4.95 -8.41
CA ASN A 61 -6.22 4.35 -9.67
C ASN A 61 -4.76 4.66 -10.01
N GLU A 62 -4.02 5.36 -9.12
CA GLU A 62 -2.65 5.69 -9.41
C GLU A 62 -1.72 4.79 -8.63
N ILE A 63 -2.24 4.08 -7.60
CA ILE A 63 -1.41 3.22 -6.81
C ILE A 63 -1.15 2.00 -7.61
N THR A 64 0.13 1.77 -7.94
CA THR A 64 0.48 0.62 -8.71
C THR A 64 1.73 -0.01 -8.16
N THR A 65 2.54 0.75 -7.41
CA THR A 65 3.76 0.21 -6.87
C THR A 65 3.78 0.52 -5.39
N VAL A 66 4.77 -0.08 -4.68
CA VAL A 66 4.89 0.13 -3.27
C VAL A 66 5.16 1.59 -3.03
N GLN A 67 5.99 2.21 -3.90
CA GLN A 67 6.29 3.62 -3.75
C GLN A 67 5.05 4.46 -3.94
N SER A 68 4.02 3.97 -4.68
CA SER A 68 2.81 4.78 -4.83
C SER A 68 2.16 4.88 -3.48
N ALA A 69 2.13 3.75 -2.74
CA ALA A 69 1.52 3.72 -1.42
C ALA A 69 2.29 4.58 -0.42
N ILE A 70 3.65 4.51 -0.42
CA ILE A 70 4.42 5.26 0.56
C ILE A 70 4.49 6.72 0.19
N ASP A 71 4.72 7.06 -1.09
CA ASP A 71 4.87 8.44 -1.48
C ASP A 71 3.59 9.22 -1.24
N TYR A 72 2.43 8.67 -1.67
CA TYR A 72 1.18 9.38 -1.53
C TYR A 72 0.75 9.44 -0.07
N VAL A 73 0.92 8.35 0.70
CA VAL A 73 0.50 8.34 2.09
C VAL A 73 1.43 9.20 2.92
N THR A 74 2.74 9.22 2.60
CA THR A 74 3.67 9.99 3.41
C THR A 74 3.34 11.46 3.32
N LYS A 75 2.86 11.95 2.14
CA LYS A 75 2.52 13.35 2.05
C LYS A 75 1.11 13.56 2.57
N LYS A 76 0.30 12.46 2.66
CA LYS A 76 -1.07 12.61 3.14
C LYS A 76 -1.11 12.49 4.63
N LEU A 77 -0.02 11.99 5.26
CA LEU A 77 -0.02 11.83 6.70
C LEU A 77 -0.04 13.21 7.33
N GLY A 78 0.77 14.15 6.78
CA GLY A 78 0.78 15.47 7.33
C GLY A 78 1.00 16.45 6.18
#